data_8KDA
#
_entry.id   8KDA
#
_cell.length_a   1.00
_cell.length_b   1.00
_cell.length_c   1.00
_cell.angle_alpha   90.00
_cell.angle_beta   90.00
_cell.angle_gamma   90.00
#
_symmetry.space_group_name_H-M   'P 1'
#
loop_
_entity.id
_entity.type
_entity.pdbx_description
1 polymer 'RNA-free ribonuclease P'
2 polymer 'Aquifex aeolicus pre-tRNAVal'
3 non-polymer 'MAGNESIUM ION'
#
loop_
_entity_poly.entity_id
_entity_poly.type
_entity_poly.pdbx_seq_one_letter_code
_entity_poly.pdbx_strand_id
1 'polypeptide(L)'
;MDTFVLDTSVFTNPDVYHQFEEDQLGAIENFISLASHTNANFFMPTSVYYEFTKMVSLGDLAPKFELVVRIRSPRKWGLM
VPAEFLYEFIEEVRYRINKGLRIAEEHTKEAGKLAEEEVGRVVNRLREKYREALRAGIIDSKEDVDVLLLSYELDAILVS
GDEGLRKWADRVGIKLIDPKNLRYIMENL
;
E,F,G,H,C,D,I,J,A,B,K,L
2 'polyribonucleotide' AAGGCGCGUAGCUCAGUAGGGAGAGCGCCGGCCCGACACGCCGGAGGUCGGGGGUUCAAGUCCCCCCGCGCCU T,M,N,O,P
#
# COMPACT_ATOMS: atom_id res chain seq x y z
N MET A 1 29.53 -6.21 -13.55
CA MET A 1 28.12 -6.42 -13.24
C MET A 1 27.94 -7.03 -11.85
N ASP A 2 28.73 -8.05 -11.55
CA ASP A 2 28.64 -8.73 -10.26
C ASP A 2 29.34 -7.93 -9.17
N THR A 3 28.85 -8.09 -7.95
CA THR A 3 29.37 -7.41 -6.78
C THR A 3 29.82 -8.44 -5.75
N PHE A 4 30.99 -8.20 -5.16
CA PHE A 4 31.59 -9.11 -4.18
C PHE A 4 31.88 -8.32 -2.91
N VAL A 5 31.31 -8.77 -1.79
CA VAL A 5 31.56 -8.17 -0.49
C VAL A 5 32.54 -9.07 0.26
N LEU A 6 33.73 -8.55 0.54
CA LEU A 6 34.78 -9.34 1.15
C LEU A 6 34.80 -9.17 2.66
N ASP A 7 35.33 -10.18 3.34
CA ASP A 7 35.52 -10.18 4.78
C ASP A 7 37.01 -10.29 5.10
N THR A 8 37.35 -10.06 6.37
CA THR A 8 38.75 -10.16 6.79
C THR A 8 39.28 -11.57 6.68
N SER A 9 38.40 -12.58 6.80
CA SER A 9 38.83 -13.96 6.74
C SER A 9 39.39 -14.36 5.37
N VAL A 10 39.07 -13.58 4.32
CA VAL A 10 39.60 -13.87 3.00
C VAL A 10 41.11 -13.72 2.97
N PHE A 11 41.64 -12.72 3.68
CA PHE A 11 43.07 -12.46 3.71
C PHE A 11 43.74 -12.94 4.98
N THR A 12 42.96 -13.33 6.00
CA THR A 12 43.53 -13.76 7.28
C THR A 12 43.69 -15.27 7.35
N ASN A 13 42.64 -16.01 7.01
CA ASN A 13 42.66 -17.47 7.09
C ASN A 13 43.67 -18.02 6.09
N PRO A 14 44.67 -18.80 6.53
CA PRO A 14 45.65 -19.34 5.58
C PRO A 14 45.05 -20.26 4.53
N ASP A 15 43.99 -21.01 4.86
CA ASP A 15 43.39 -21.92 3.90
C ASP A 15 42.69 -21.19 2.77
N VAL A 16 42.43 -19.90 2.91
CA VAL A 16 41.73 -19.13 1.89
C VAL A 16 42.70 -18.44 0.95
N TYR A 17 43.70 -17.75 1.49
CA TYR A 17 44.62 -16.97 0.65
C TYR A 17 45.77 -17.80 0.10
N HIS A 18 45.90 -19.07 0.50
CA HIS A 18 46.92 -19.92 -0.09
C HIS A 18 46.67 -20.17 -1.58
N GLN A 19 45.43 -19.98 -2.04
CA GLN A 19 45.13 -20.09 -3.46
C GLN A 19 45.83 -19.01 -4.27
N PHE A 20 46.24 -17.92 -3.63
CA PHE A 20 46.97 -16.84 -4.29
C PHE A 20 48.48 -17.04 -4.18
N GLU A 21 48.99 -17.10 -2.96
CA GLU A 21 50.41 -17.33 -2.70
C GLU A 21 50.57 -17.67 -1.23
N GLU A 22 51.65 -18.37 -0.91
CA GLU A 22 51.93 -18.76 0.47
C GLU A 22 52.57 -17.61 1.25
N ASP A 23 51.93 -16.44 1.22
CA ASP A 23 52.40 -15.26 1.92
C ASP A 23 51.28 -14.22 1.99
N GLN A 24 51.03 -13.67 3.18
CA GLN A 24 49.93 -12.74 3.35
C GLN A 24 50.10 -11.51 2.44
N LEU A 25 51.25 -10.86 2.51
CA LEU A 25 51.51 -9.71 1.65
C LEU A 25 51.52 -10.13 0.19
N GLY A 26 52.12 -11.27 -0.12
CA GLY A 26 52.11 -11.75 -1.49
C GLY A 26 50.72 -12.07 -1.99
N ALA A 27 49.89 -12.69 -1.15
CA ALA A 27 48.52 -12.99 -1.55
C ALA A 27 47.72 -11.71 -1.78
N ILE A 28 47.88 -10.72 -0.91
CA ILE A 28 47.17 -9.46 -1.08
C ILE A 28 47.62 -8.76 -2.36
N GLU A 29 48.93 -8.77 -2.63
CA GLU A 29 49.44 -8.15 -3.85
C GLU A 29 48.91 -8.86 -5.09
N ASN A 30 48.88 -10.19 -5.07
CA ASN A 30 48.35 -10.94 -6.20
C ASN A 30 46.87 -10.65 -6.42
N PHE A 31 46.10 -10.59 -5.33
CA PHE A 31 44.68 -10.26 -5.46
C PHE A 31 44.49 -8.86 -6.02
N ILE A 32 45.30 -7.91 -5.57
CA ILE A 32 45.19 -6.54 -6.07
C ILE A 32 45.53 -6.48 -7.56
N SER A 33 46.58 -7.19 -7.96
CA SER A 33 46.97 -7.18 -9.37
C SER A 33 45.94 -7.87 -10.24
N LEU A 34 45.31 -8.93 -9.75
CA LEU A 34 44.33 -9.65 -10.57
C LEU A 34 43.00 -8.90 -10.63
N ALA A 35 42.60 -8.26 -9.54
CA ALA A 35 41.32 -7.55 -9.48
C ALA A 35 41.27 -6.35 -10.39
N SER A 36 42.41 -5.86 -10.88
CA SER A 36 42.43 -4.70 -11.77
C SER A 36 41.93 -5.02 -13.18
N HIS A 37 41.70 -6.29 -13.50
CA HIS A 37 41.24 -6.68 -14.83
C HIS A 37 39.87 -7.34 -14.84
N THR A 38 39.38 -7.84 -13.71
CA THR A 38 38.10 -8.52 -13.69
C THR A 38 36.95 -7.53 -13.80
N ASN A 39 35.83 -8.00 -14.35
CA ASN A 39 34.64 -7.17 -14.54
C ASN A 39 33.68 -7.39 -13.37
N ALA A 40 34.08 -6.86 -12.22
CA ALA A 40 33.27 -6.97 -11.01
C ALA A 40 33.60 -5.82 -10.09
N ASN A 41 32.68 -5.55 -9.15
CA ASN A 41 32.85 -4.48 -8.18
C ASN A 41 33.02 -5.07 -6.79
N PHE A 42 34.10 -4.68 -6.12
CA PHE A 42 34.41 -5.19 -4.79
C PHE A 42 34.11 -4.14 -3.74
N PHE A 43 33.48 -4.57 -2.64
CA PHE A 43 33.09 -3.68 -1.55
C PHE A 43 33.49 -4.30 -0.23
N MET A 44 33.78 -3.45 0.76
CA MET A 44 34.11 -3.90 2.09
C MET A 44 33.63 -2.88 3.12
N PRO A 45 33.02 -3.34 4.21
CA PRO A 45 32.58 -2.41 5.27
C PRO A 45 33.76 -1.68 5.88
N THR A 46 33.49 -0.44 6.31
CA THR A 46 34.53 0.39 6.89
C THR A 46 35.04 -0.20 8.19
N SER A 47 34.14 -0.68 9.05
CA SER A 47 34.53 -1.32 10.29
C SER A 47 35.31 -2.61 10.05
N VAL A 48 35.14 -3.23 8.89
CA VAL A 48 35.93 -4.40 8.53
C VAL A 48 37.30 -3.99 7.99
N TYR A 49 37.37 -2.88 7.25
CA TYR A 49 38.65 -2.37 6.79
C TYR A 49 39.52 -1.93 7.95
N TYR A 50 38.90 -1.37 9.00
CA TYR A 50 39.65 -1.00 10.20
C TYR A 50 40.34 -2.21 10.82
N GLU A 51 39.61 -3.32 10.94
CA GLU A 51 40.18 -4.53 11.51
C GLU A 51 41.19 -5.17 10.58
N PHE A 52 40.98 -5.06 9.26
CA PHE A 52 41.93 -5.62 8.30
C PHE A 52 43.26 -4.88 8.34
N THR A 53 43.21 -3.54 8.42
CA THR A 53 44.44 -2.76 8.47
C THR A 53 45.12 -2.81 9.83
N LYS A 54 44.40 -3.22 10.88
CA LYS A 54 44.96 -3.34 12.21
C LYS A 54 45.59 -4.70 12.47
N MET A 55 45.44 -5.65 11.55
CA MET A 55 46.01 -6.97 11.69
C MET A 55 47.11 -7.28 10.68
N VAL A 56 47.21 -6.50 9.60
CA VAL A 56 48.22 -6.71 8.56
C VAL A 56 48.95 -5.39 8.34
N SER A 57 50.27 -5.47 8.20
CA SER A 57 51.10 -4.30 7.93
C SER A 57 51.21 -4.14 6.42
N LEU A 58 50.49 -3.14 5.88
CA LEU A 58 50.42 -2.92 4.45
C LEU A 58 51.39 -1.80 4.07
N GLY A 59 52.47 -2.16 3.38
CA GLY A 59 53.43 -1.20 2.86
C GLY A 59 53.30 -1.14 1.34
N ASP A 60 52.99 0.05 0.84
CA ASP A 60 52.72 0.30 -0.58
C ASP A 60 51.55 -0.50 -1.12
N LEU A 61 50.74 -1.09 -0.23
CA LEU A 61 49.59 -1.89 -0.62
C LEU A 61 48.27 -1.17 -0.41
N ALA A 62 48.13 -0.42 0.69
CA ALA A 62 46.91 0.34 0.93
C ALA A 62 46.58 1.32 -0.19
N PRO A 63 47.52 2.10 -0.75
CA PRO A 63 47.18 2.89 -1.94
C PRO A 63 46.69 2.03 -3.10
N LYS A 64 47.28 0.85 -3.29
CA LYS A 64 46.81 -0.04 -4.34
C LYS A 64 45.50 -0.73 -3.95
N PHE A 65 45.33 -1.04 -2.66
CA PHE A 65 44.09 -1.67 -2.21
C PHE A 65 42.89 -0.74 -2.41
N GLU A 66 43.06 0.54 -2.08
CA GLU A 66 41.98 1.51 -2.27
C GLU A 66 41.64 1.73 -3.74
N LEU A 67 42.56 1.38 -4.64
CA LEU A 67 42.30 1.55 -6.07
C LEU A 67 41.17 0.65 -6.55
N VAL A 68 41.10 -0.59 -6.05
CA VAL A 68 40.18 -1.58 -6.56
C VAL A 68 38.97 -1.75 -5.65
N VAL A 69 39.17 -1.77 -4.34
CA VAL A 69 38.09 -2.04 -3.40
C VAL A 69 37.49 -0.72 -2.93
N ARG A 70 36.17 -0.62 -2.99
CA ARG A 70 35.43 0.57 -2.59
C ARG A 70 34.92 0.35 -1.16
N ILE A 71 35.50 1.07 -0.21
CA ILE A 71 35.12 0.94 1.19
C ILE A 71 33.85 1.74 1.44
N ARG A 72 32.86 1.10 2.06
CA ARG A 72 31.57 1.73 2.29
C ARG A 72 30.88 1.05 3.46
N SER A 73 30.14 1.85 4.24
CA SER A 73 29.43 1.28 5.39
C SER A 73 27.98 1.02 5.03
N PRO A 74 27.35 0.04 5.69
CA PRO A 74 25.94 -0.25 5.42
C PRO A 74 25.04 0.93 5.78
N ARG A 75 23.97 1.08 5.03
CA ARG A 75 22.96 2.11 5.30
C ARG A 75 21.81 1.48 6.09
N LYS A 76 22.07 1.29 7.39
CA LYS A 76 21.20 0.50 8.24
C LYS A 76 19.95 1.23 8.70
N TRP A 77 19.79 2.52 8.39
CA TRP A 77 18.62 3.25 8.85
C TRP A 77 17.34 2.84 8.14
N GLY A 78 17.45 2.18 6.99
CA GLY A 78 16.28 1.74 6.27
C GLY A 78 16.35 0.29 5.81
N LEU A 79 16.90 -0.58 6.66
CA LEU A 79 17.07 -2.00 6.34
C LEU A 79 16.38 -2.82 7.42
N MET A 80 15.15 -3.25 7.15
CA MET A 80 14.44 -4.09 8.10
C MET A 80 15.00 -5.51 8.08
N VAL A 81 14.81 -6.22 9.19
CA VAL A 81 15.31 -7.57 9.34
C VAL A 81 14.17 -8.43 9.89
N PRO A 82 14.10 -9.71 9.54
CA PRO A 82 13.02 -10.56 10.07
C PRO A 82 13.11 -10.68 11.59
N ALA A 83 11.94 -10.82 12.20
CA ALA A 83 11.87 -10.96 13.65
C ALA A 83 12.30 -12.34 14.11
N GLU A 84 12.08 -13.37 13.28
CA GLU A 84 12.49 -14.72 13.67
C GLU A 84 14.00 -14.87 13.73
N PHE A 85 14.73 -14.02 13.01
CA PHE A 85 16.19 -14.02 13.09
C PHE A 85 16.64 -13.72 14.52
N LEU A 86 16.03 -12.71 15.13
CA LEU A 86 16.37 -12.36 16.50
C LEU A 86 16.05 -13.50 17.47
N TYR A 87 14.96 -14.21 17.23
CA TYR A 87 14.59 -15.34 18.09
C TYR A 87 15.67 -16.43 18.05
N GLU A 88 16.10 -16.81 16.86
CA GLU A 88 17.15 -17.82 16.73
C GLU A 88 18.45 -17.34 17.34
N PHE A 89 18.80 -16.08 17.13
CA PHE A 89 20.02 -15.55 17.71
C PHE A 89 19.97 -15.60 19.23
N ILE A 90 18.84 -15.20 19.82
CA ILE A 90 18.71 -15.20 21.27
C ILE A 90 18.82 -16.61 21.83
N GLU A 91 18.10 -17.56 21.22
CA GLU A 91 18.12 -18.93 21.76
C GLU A 91 19.51 -19.54 21.64
N GLU A 92 20.20 -19.33 20.51
CA GLU A 92 21.53 -19.91 20.34
C GLU A 92 22.54 -19.24 21.28
N VAL A 93 22.42 -17.93 21.48
CA VAL A 93 23.31 -17.22 22.39
C VAL A 93 23.11 -17.72 23.82
N ARG A 94 21.86 -17.93 24.23
CA ARG A 94 21.60 -18.49 25.55
C ARG A 94 22.19 -19.89 25.69
N TYR A 95 22.05 -20.71 24.66
CA TYR A 95 22.62 -22.05 24.68
C TYR A 95 24.13 -22.00 24.87
N ARG A 96 24.80 -21.12 24.12
CA ARG A 96 26.26 -21.04 24.22
C ARG A 96 26.71 -20.44 25.55
N ILE A 97 25.96 -19.48 26.10
CA ILE A 97 26.29 -18.94 27.41
C ILE A 97 26.20 -20.02 28.47
N ASN A 98 25.13 -20.83 28.43
CA ASN A 98 25.00 -21.94 29.36
C ASN A 98 26.12 -22.95 29.17
N LYS A 99 26.50 -23.24 27.92
CA LYS A 99 27.60 -24.14 27.64
C LYS A 99 28.93 -23.63 28.15
N GLY A 100 29.16 -22.32 28.14
CA GLY A 100 30.41 -21.76 28.60
C GLY A 100 30.50 -21.65 30.11
N LEU A 101 29.34 -21.43 30.76
CA LEU A 101 29.34 -21.37 32.22
C LEU A 101 29.79 -22.68 32.83
N ARG A 102 29.29 -23.81 32.30
CA ARG A 102 29.68 -25.11 32.82
C ARG A 102 31.13 -25.44 32.47
N ILE A 103 31.63 -24.94 31.33
CA ILE A 103 33.04 -25.11 31.00
C ILE A 103 33.91 -24.39 32.02
N ALA A 104 33.54 -23.17 32.38
CA ALA A 104 34.29 -22.43 33.40
C ALA A 104 34.21 -23.13 34.75
N GLU A 105 33.04 -23.66 35.09
CA GLU A 105 32.89 -24.40 36.35
C GLU A 105 33.77 -25.65 36.37
N GLU A 106 33.84 -26.37 35.24
CA GLU A 106 34.70 -27.53 35.15
C GLU A 106 36.16 -27.15 35.30
N HIS A 107 36.58 -26.05 34.64
CA HIS A 107 37.98 -25.67 34.69
C HIS A 107 38.39 -25.16 36.06
N THR A 108 37.51 -24.46 36.77
CA THR A 108 37.88 -24.01 38.11
C THR A 108 37.98 -25.20 39.08
N LYS A 109 37.14 -26.22 38.89
CA LYS A 109 37.28 -27.44 39.68
C LYS A 109 38.60 -28.15 39.36
N GLU A 110 38.94 -28.25 38.07
CA GLU A 110 40.18 -28.90 37.68
C GLU A 110 41.41 -28.14 38.15
N ALA A 111 41.33 -26.82 38.29
CA ALA A 111 42.43 -26.02 38.83
C ALA A 111 42.42 -25.94 40.35
N GLY A 112 41.31 -26.27 40.99
CA GLY A 112 41.24 -26.27 42.44
C GLY A 112 41.81 -27.49 43.12
N LYS A 113 42.27 -28.48 42.34
CA LYS A 113 42.88 -29.68 42.89
C LYS A 113 44.26 -29.90 42.28
N LEU A 114 44.96 -28.82 41.95
CA LEU A 114 46.28 -28.90 41.33
C LEU A 114 47.30 -27.96 41.96
N ALA A 115 46.91 -27.21 43.00
CA ALA A 115 47.79 -26.28 43.71
C ALA A 115 48.26 -25.14 42.80
N GLU A 116 49.17 -24.31 43.30
CA GLU A 116 49.67 -23.15 42.56
C GLU A 116 50.62 -23.54 41.43
N GLU A 117 50.76 -24.82 41.12
CA GLU A 117 51.67 -25.29 40.08
C GLU A 117 50.87 -25.65 38.83
N GLU A 118 51.38 -25.23 37.68
CA GLU A 118 50.76 -25.50 36.37
C GLU A 118 49.37 -24.87 36.25
N VAL A 119 49.18 -23.72 36.90
CA VAL A 119 47.92 -22.99 36.76
C VAL A 119 47.81 -22.34 35.39
N GLY A 120 48.94 -21.90 34.82
CA GLY A 120 48.91 -21.17 33.57
C GLY A 120 48.35 -21.96 32.42
N ARG A 121 48.74 -23.24 32.30
CA ARG A 121 48.21 -24.07 31.23
C ARG A 121 46.72 -24.34 31.42
N VAL A 122 46.27 -24.48 32.67
CA VAL A 122 44.85 -24.63 32.92
C VAL A 122 44.09 -23.37 32.48
N VAL A 123 44.66 -22.19 32.77
CA VAL A 123 44.04 -20.95 32.33
C VAL A 123 44.00 -20.86 30.81
N ASN A 124 45.07 -21.29 30.15
CA ASN A 124 45.10 -21.28 28.68
C ASN A 124 44.03 -22.21 28.11
N ARG A 125 43.89 -23.41 28.70
CA ARG A 125 42.87 -24.33 28.25
C ARG A 125 41.47 -23.76 28.47
N LEU A 126 41.26 -23.09 29.60
CA LEU A 126 39.98 -22.44 29.85
C LEU A 126 39.69 -21.37 28.80
N ARG A 127 40.70 -20.57 28.46
CA ARG A 127 40.54 -19.53 27.44
C ARG A 127 40.16 -20.14 26.10
N GLU A 128 40.88 -21.19 25.68
CA GLU A 128 40.59 -21.81 24.40
C GLU A 128 39.20 -22.42 24.37
N LYS A 129 38.83 -23.14 25.43
CA LYS A 129 37.51 -23.76 25.48
C LYS A 129 36.41 -22.70 25.46
N TYR A 130 36.59 -21.63 26.24
CA TYR A 130 35.60 -20.56 26.29
C TYR A 130 35.45 -19.89 24.93
N ARG A 131 36.56 -19.63 24.25
CA ARG A 131 36.50 -19.01 22.93
C ARG A 131 35.76 -19.91 21.95
N GLU A 132 36.14 -21.19 21.89
CA GLU A 132 35.54 -22.09 20.92
C GLU A 132 34.09 -22.42 21.26
N ALA A 133 33.70 -22.23 22.52
CA ALA A 133 32.32 -22.54 22.91
C ALA A 133 31.39 -21.35 22.72
N LEU A 134 31.86 -20.14 22.96
CA LEU A 134 31.01 -18.96 22.90
C LEU A 134 31.24 -18.09 21.67
N ARG A 135 32.14 -18.47 20.76
CA ARG A 135 32.38 -17.62 19.60
C ARG A 135 32.31 -18.40 18.29
N ALA A 136 32.69 -19.67 18.31
CA ALA A 136 32.72 -20.46 17.09
C ALA A 136 31.30 -20.84 16.68
N GLY A 137 30.96 -20.55 15.42
CA GLY A 137 29.66 -20.89 14.89
C GLY A 137 28.57 -19.87 15.13
N ILE A 138 28.92 -18.64 15.50
CA ILE A 138 27.93 -17.61 15.78
C ILE A 138 28.41 -16.27 15.23
N ILE A 139 27.47 -15.35 15.07
CA ILE A 139 27.81 -13.95 14.84
C ILE A 139 28.24 -13.33 16.17
N ASP A 140 29.46 -12.80 16.22
CA ASP A 140 30.05 -12.40 17.50
C ASP A 140 30.69 -11.03 17.44
N SER A 141 30.29 -10.18 16.50
CA SER A 141 30.89 -8.86 16.37
C SER A 141 30.00 -8.00 15.47
N LYS A 142 30.23 -6.70 15.54
CA LYS A 142 29.57 -5.75 14.66
C LYS A 142 30.21 -5.66 13.28
N GLU A 143 31.42 -6.21 13.11
CA GLU A 143 32.00 -6.30 11.77
C GLU A 143 31.24 -7.31 10.92
N ASP A 144 30.89 -8.46 11.49
CA ASP A 144 30.15 -9.48 10.75
C ASP A 144 28.76 -8.98 10.38
N VAL A 145 28.09 -8.30 11.30
CA VAL A 145 26.77 -7.73 11.01
C VAL A 145 26.88 -6.72 9.87
N ASP A 146 27.97 -5.96 9.83
CA ASP A 146 28.18 -5.01 8.74
C ASP A 146 28.30 -5.73 7.41
N VAL A 147 29.06 -6.82 7.35
CA VAL A 147 29.21 -7.56 6.11
C VAL A 147 27.86 -8.13 5.66
N LEU A 148 27.13 -8.73 6.60
CA LEU A 148 25.82 -9.30 6.25
C LEU A 148 24.86 -8.24 5.77
N LEU A 149 24.78 -7.10 6.45
CA LEU A 149 23.86 -6.03 6.07
C LEU A 149 24.25 -5.41 4.74
N LEU A 150 25.55 -5.21 4.49
CA LEU A 150 25.98 -4.65 3.22
C LEU A 150 25.67 -5.60 2.07
N SER A 151 25.91 -6.91 2.27
CA SER A 151 25.60 -7.89 1.23
C SER A 151 24.09 -7.94 0.97
N TYR A 152 23.28 -7.85 2.02
CA TYR A 152 21.84 -7.83 1.85
C TYR A 152 21.38 -6.58 1.11
N GLU A 153 21.98 -5.43 1.43
CA GLU A 153 21.53 -4.17 0.84
C GLU A 153 21.93 -4.06 -0.63
N LEU A 154 23.17 -4.40 -0.96
CA LEU A 154 23.63 -4.29 -2.34
C LEU A 154 23.29 -5.50 -3.19
N ASP A 155 22.77 -6.57 -2.58
CA ASP A 155 22.48 -7.82 -3.28
C ASP A 155 23.74 -8.33 -3.99
N ALA A 156 24.73 -8.67 -3.17
CA ALA A 156 26.05 -9.06 -3.65
C ALA A 156 26.36 -10.50 -3.27
N ILE A 157 27.52 -10.96 -3.73
CA ILE A 157 27.99 -12.31 -3.42
C ILE A 157 28.92 -12.22 -2.22
N LEU A 158 28.48 -12.80 -1.10
CA LEU A 158 29.26 -12.73 0.14
C LEU A 158 30.42 -13.71 0.08
N VAL A 159 31.63 -13.21 0.30
CA VAL A 159 32.83 -14.03 0.38
C VAL A 159 33.41 -13.88 1.77
N SER A 160 33.55 -15.00 2.48
CA SER A 160 34.01 -14.97 3.86
C SER A 160 34.42 -16.38 4.28
N GLY A 161 35.60 -16.50 4.88
CA GLY A 161 36.05 -17.78 5.39
C GLY A 161 35.36 -18.22 6.66
N ASP A 162 34.64 -17.32 7.33
CA ASP A 162 33.88 -17.69 8.52
C ASP A 162 32.66 -18.49 8.12
N GLU A 163 32.40 -19.58 8.86
CA GLU A 163 31.26 -20.44 8.58
C GLU A 163 30.01 -20.03 9.34
N GLY A 164 30.15 -19.45 10.53
CA GLY A 164 28.99 -18.94 11.23
C GLY A 164 28.34 -17.78 10.50
N LEU A 165 29.16 -16.91 9.92
CA LEU A 165 28.64 -15.79 9.13
C LEU A 165 27.86 -16.31 7.93
N ARG A 166 28.40 -17.30 7.21
CA ARG A 166 27.68 -17.86 6.09
C ARG A 166 26.41 -18.58 6.52
N LYS A 167 26.48 -19.30 7.65
CA LYS A 167 25.31 -20.03 8.14
C LYS A 167 24.18 -19.07 8.50
N TRP A 168 24.51 -17.94 9.11
CA TRP A 168 23.49 -16.96 9.47
C TRP A 168 23.11 -16.05 8.32
N ALA A 169 23.94 -15.97 7.27
CA ALA A 169 23.57 -15.26 6.06
C ALA A 169 22.60 -16.06 5.20
N ASP A 170 22.71 -17.39 5.24
CA ASP A 170 21.76 -18.23 4.53
C ASP A 170 20.33 -18.06 5.04
N ARG A 171 20.17 -17.63 6.29
CA ARG A 171 18.84 -17.40 6.85
C ARG A 171 18.18 -16.16 6.28
N VAL A 172 18.90 -15.32 5.54
CA VAL A 172 18.34 -14.10 4.98
C VAL A 172 18.25 -14.15 3.47
N GLY A 173 18.97 -15.04 2.79
CA GLY A 173 18.88 -15.15 1.36
C GLY A 173 19.96 -14.38 0.63
N ILE A 174 21.19 -14.49 1.12
CA ILE A 174 22.34 -13.82 0.52
C ILE A 174 23.12 -14.82 -0.30
N LYS A 175 23.49 -14.42 -1.51
CA LYS A 175 24.24 -15.30 -2.41
C LYS A 175 25.61 -15.60 -1.81
N LEU A 176 25.80 -16.83 -1.33
CA LEU A 176 27.04 -17.25 -0.71
C LEU A 176 27.83 -18.12 -1.68
N ILE A 177 29.14 -17.91 -1.72
CA ILE A 177 30.02 -18.68 -2.59
C ILE A 177 31.20 -19.18 -1.77
N ASP A 178 31.84 -20.24 -2.26
CA ASP A 178 32.96 -20.83 -1.56
C ASP A 178 34.20 -19.94 -1.70
N PRO A 179 34.82 -19.52 -0.59
CA PRO A 179 35.99 -18.62 -0.70
C PRO A 179 37.13 -19.22 -1.50
N LYS A 180 37.39 -20.51 -1.36
CA LYS A 180 38.52 -21.14 -2.07
C LYS A 180 38.33 -21.14 -3.58
N ASN A 181 37.10 -20.95 -4.07
CA ASN A 181 36.85 -20.83 -5.49
C ASN A 181 37.05 -19.41 -6.01
N LEU A 182 37.17 -18.43 -5.10
CA LEU A 182 37.14 -17.02 -5.48
C LEU A 182 38.12 -16.71 -6.60
N ARG A 183 39.36 -17.17 -6.47
CA ARG A 183 40.37 -16.87 -7.48
C ARG A 183 39.91 -17.32 -8.86
N TYR A 184 39.42 -18.56 -8.97
CA TYR A 184 39.03 -19.06 -10.27
C TYR A 184 37.89 -18.24 -10.87
N ILE A 185 37.07 -17.63 -10.02
CA ILE A 185 35.99 -16.78 -10.51
C ILE A 185 36.55 -15.50 -11.12
N MET A 186 37.62 -14.95 -10.53
CA MET A 186 38.08 -13.63 -10.94
C MET A 186 38.70 -13.64 -12.33
N GLU A 187 39.48 -14.68 -12.65
CA GLU A 187 40.04 -14.75 -14.00
C GLU A 187 39.01 -15.19 -15.04
N ASN A 188 37.82 -15.62 -14.61
CA ASN A 188 36.78 -16.04 -15.54
C ASN A 188 35.77 -14.94 -15.84
N LEU A 189 35.45 -14.09 -14.87
CA LEU A 189 34.51 -13.00 -15.08
C LEU A 189 35.23 -11.80 -15.70
N MET G 1 -10.24 -1.54 26.21
CA MET G 1 -9.60 -0.41 25.55
C MET G 1 -8.11 -0.38 25.83
N ASP G 2 -7.72 -0.92 26.99
CA ASP G 2 -6.32 -0.98 27.40
C ASP G 2 -5.88 -2.44 27.46
N THR G 3 -4.79 -2.76 26.79
CA THR G 3 -4.23 -4.11 26.78
C THR G 3 -2.93 -4.11 27.59
N PHE G 4 -2.80 -5.10 28.47
CA PHE G 4 -1.68 -5.20 29.40
C PHE G 4 -0.98 -6.54 29.21
N VAL G 5 0.13 -6.55 28.48
CA VAL G 5 0.95 -7.74 28.38
C VAL G 5 1.69 -7.96 29.69
N LEU G 6 1.60 -9.19 30.22
CA LEU G 6 2.16 -9.51 31.52
C LEU G 6 3.45 -10.30 31.37
N ASP G 7 4.24 -10.28 32.44
CA ASP G 7 5.52 -10.98 32.49
C ASP G 7 5.57 -11.85 33.73
N THR G 8 6.52 -12.78 33.75
CA THR G 8 6.66 -13.69 34.89
C THR G 8 7.03 -12.93 36.16
N SER G 9 7.91 -11.93 36.03
CA SER G 9 8.44 -11.24 37.19
C SER G 9 7.35 -10.60 38.04
N VAL G 10 6.21 -10.25 37.42
CA VAL G 10 5.10 -9.65 38.15
C VAL G 10 4.65 -10.56 39.28
N PHE G 11 4.72 -11.87 39.08
CA PHE G 11 4.37 -12.85 40.10
C PHE G 11 5.60 -13.51 40.71
N THR G 12 6.80 -13.01 40.41
CA THR G 12 8.04 -13.60 40.91
C THR G 12 8.80 -12.67 41.85
N ASN G 13 8.98 -11.42 41.46
CA ASN G 13 9.73 -10.47 42.29
C ASN G 13 8.91 -10.10 43.52
N PRO G 14 9.42 -10.32 44.74
CA PRO G 14 8.62 -10.02 45.93
C PRO G 14 8.17 -8.57 46.03
N ASP G 15 9.03 -7.63 45.64
CA ASP G 15 8.66 -6.21 45.74
C ASP G 15 7.55 -5.85 44.76
N VAL G 16 7.50 -6.52 43.60
CA VAL G 16 6.47 -6.20 42.63
C VAL G 16 5.09 -6.65 43.10
N TYR G 17 5.00 -7.86 43.64
CA TYR G 17 3.70 -8.42 44.02
C TYR G 17 3.33 -8.17 45.48
N HIS G 18 4.14 -7.43 46.23
CA HIS G 18 3.74 -7.07 47.58
C HIS G 18 2.59 -6.08 47.59
N GLN G 19 2.31 -5.43 46.47
CA GLN G 19 1.16 -4.53 46.38
C GLN G 19 -0.16 -5.27 46.47
N PHE G 20 -0.16 -6.58 46.21
CA PHE G 20 -1.37 -7.40 46.31
C PHE G 20 -1.47 -8.10 47.65
N GLU G 21 -0.47 -8.91 48.00
CA GLU G 21 -0.45 -9.60 49.28
C GLU G 21 0.98 -10.04 49.56
N GLU G 22 1.22 -10.39 50.83
CA GLU G 22 2.57 -10.73 51.29
C GLU G 22 3.04 -12.11 50.86
N ASP G 23 2.14 -12.99 50.43
CA ASP G 23 2.48 -14.34 50.03
C ASP G 23 2.30 -14.51 48.53
N GLN G 24 3.21 -15.25 47.90
CA GLN G 24 3.17 -15.43 46.45
C GLN G 24 1.94 -16.20 46.00
N LEU G 25 1.35 -17.03 46.86
CA LEU G 25 0.14 -17.77 46.53
C LEU G 25 -1.12 -17.03 46.96
N GLY G 26 -0.99 -15.82 47.51
CA GLY G 26 -2.13 -15.02 47.87
C GLY G 26 -2.20 -13.76 47.04
N ALA G 27 -1.04 -13.27 46.60
CA ALA G 27 -1.00 -12.12 45.72
C ALA G 27 -1.62 -12.45 44.36
N ILE G 28 -1.36 -13.65 43.85
CA ILE G 28 -1.94 -14.06 42.57
C ILE G 28 -3.45 -14.14 42.67
N GLU G 29 -3.96 -14.68 43.79
CA GLU G 29 -5.41 -14.75 43.97
C GLU G 29 -6.02 -13.36 44.01
N ASN G 30 -5.37 -12.42 44.70
CA ASN G 30 -5.85 -11.03 44.73
C ASN G 30 -5.83 -10.42 43.34
N PHE G 31 -4.79 -10.71 42.56
CA PHE G 31 -4.71 -10.18 41.19
C PHE G 31 -5.85 -10.71 40.34
N ILE G 32 -6.14 -12.01 40.42
CA ILE G 32 -7.24 -12.58 39.65
C ILE G 32 -8.57 -12.00 40.11
N SER G 33 -8.76 -11.84 41.41
CA SER G 33 -10.01 -11.26 41.91
C SER G 33 -10.18 -9.83 41.43
N LEU G 34 -9.11 -9.04 41.41
CA LEU G 34 -9.20 -7.66 40.98
C LEU G 34 -9.37 -7.56 39.47
N ALA G 35 -8.64 -8.39 38.72
CA ALA G 35 -8.70 -8.32 37.26
C ALA G 35 -10.03 -8.80 36.68
N SER G 36 -10.87 -9.44 37.49
CA SER G 36 -12.20 -9.82 37.03
C SER G 36 -13.14 -8.63 36.98
N HIS G 37 -12.81 -7.53 37.65
CA HIS G 37 -13.61 -6.31 37.61
C HIS G 37 -12.98 -5.22 36.77
N THR G 38 -11.70 -5.32 36.43
CA THR G 38 -11.04 -4.29 35.64
C THR G 38 -11.57 -4.29 34.21
N ASN G 39 -11.79 -3.09 33.68
CA ASN G 39 -12.25 -2.92 32.30
C ASN G 39 -11.06 -2.82 31.35
N ALA G 40 -10.30 -3.91 31.27
CA ALA G 40 -9.11 -3.96 30.42
C ALA G 40 -8.83 -5.40 30.04
N ASN G 41 -7.99 -5.57 29.02
CA ASN G 41 -7.60 -6.88 28.53
C ASN G 41 -6.20 -7.23 28.99
N PHE G 42 -5.99 -8.49 29.35
CA PHE G 42 -4.70 -8.99 29.79
C PHE G 42 -4.22 -10.08 28.85
N PHE G 43 -2.90 -10.17 28.69
CA PHE G 43 -2.30 -11.12 27.77
C PHE G 43 -0.98 -11.61 28.34
N MET G 44 -0.69 -12.90 28.14
CA MET G 44 0.58 -13.50 28.52
C MET G 44 1.02 -14.45 27.43
N PRO G 45 2.30 -14.42 27.04
CA PRO G 45 2.77 -15.34 26.00
C PRO G 45 2.72 -16.78 26.45
N THR G 46 2.64 -17.67 25.46
CA THR G 46 2.50 -19.10 25.74
C THR G 46 3.71 -19.64 26.49
N SER G 47 4.91 -19.31 26.02
CA SER G 47 6.13 -19.77 26.70
C SER G 47 6.23 -19.18 28.10
N VAL G 48 5.83 -17.92 28.25
CA VAL G 48 5.86 -17.28 29.57
C VAL G 48 4.92 -17.99 30.52
N TYR G 49 3.74 -18.39 30.04
CA TYR G 49 2.81 -19.15 30.88
C TYR G 49 3.40 -20.48 31.29
N TYR G 50 4.07 -21.18 30.36
CA TYR G 50 4.70 -22.45 30.68
C TYR G 50 5.79 -22.29 31.74
N GLU G 51 6.61 -21.24 31.61
CA GLU G 51 7.65 -21.01 32.60
C GLU G 51 7.06 -20.61 33.95
N PHE G 52 6.01 -19.79 33.95
CA PHE G 52 5.40 -19.35 35.19
C PHE G 52 4.74 -20.51 35.93
N THR G 53 4.03 -21.38 35.21
CA THR G 53 3.39 -22.53 35.84
C THR G 53 4.39 -23.59 36.28
N LYS G 54 5.62 -23.55 35.77
CA LYS G 54 6.65 -24.47 36.19
C LYS G 54 7.34 -24.05 37.48
N MET G 55 7.58 -22.74 37.66
CA MET G 55 8.23 -22.22 38.86
C MET G 55 7.26 -22.01 40.01
N VAL G 56 5.96 -22.05 39.77
CA VAL G 56 4.95 -21.85 40.81
C VAL G 56 3.98 -23.02 40.77
N SER G 57 3.72 -23.61 41.94
CA SER G 57 2.76 -24.71 42.05
C SER G 57 1.36 -24.13 41.99
N LEU G 58 0.89 -23.87 40.76
CA LEU G 58 -0.42 -23.29 40.53
C LEU G 58 -1.47 -24.39 40.68
N GLY G 59 -2.00 -24.52 41.89
CA GLY G 59 -3.05 -25.48 42.17
C GLY G 59 -4.33 -24.83 42.61
N ASP G 60 -5.46 -25.26 42.03
CA ASP G 60 -6.80 -24.75 42.28
C ASP G 60 -6.98 -23.31 41.81
N LEU G 61 -5.94 -22.69 41.24
CA LEU G 61 -6.03 -21.33 40.73
C LEU G 61 -5.79 -21.22 39.24
N ALA G 62 -5.25 -22.25 38.60
CA ALA G 62 -5.04 -22.20 37.15
C ALA G 62 -6.33 -21.96 36.35
N PRO G 63 -7.47 -22.61 36.65
CA PRO G 63 -8.70 -22.22 35.94
C PRO G 63 -9.05 -20.76 36.12
N LYS G 64 -8.88 -20.21 37.33
CA LYS G 64 -9.16 -18.79 37.56
C LYS G 64 -8.21 -17.91 36.76
N PHE G 65 -6.92 -18.27 36.70
CA PHE G 65 -5.96 -17.50 35.93
C PHE G 65 -6.24 -17.54 34.43
N GLU G 66 -6.64 -18.69 33.91
CA GLU G 66 -6.99 -18.79 32.49
C GLU G 66 -8.33 -18.15 32.16
N LEU G 67 -9.21 -18.00 33.15
CA LEU G 67 -10.47 -17.30 32.94
C LEU G 67 -10.27 -15.81 32.65
N VAL G 68 -9.25 -15.19 33.23
CA VAL G 68 -9.01 -13.76 33.13
C VAL G 68 -7.96 -13.45 32.08
N VAL G 69 -6.81 -14.12 32.14
CA VAL G 69 -5.69 -13.84 31.25
C VAL G 69 -5.83 -14.67 29.97
N ARG G 70 -5.32 -14.13 28.87
CA ARG G 70 -5.36 -14.79 27.56
C ARG G 70 -3.96 -15.26 27.23
N ILE G 71 -3.82 -16.54 26.91
CA ILE G 71 -2.52 -17.09 26.54
C ILE G 71 -2.42 -17.13 25.02
N ARG G 72 -1.39 -16.47 24.49
CA ARG G 72 -1.31 -16.29 23.05
C ARG G 72 0.15 -16.09 22.66
N SER G 73 0.50 -16.58 21.47
CA SER G 73 1.86 -16.47 20.99
C SER G 73 1.95 -15.46 19.86
N PRO G 74 3.03 -14.68 19.80
CA PRO G 74 3.13 -13.66 18.76
C PRO G 74 3.22 -14.26 17.37
N ARG G 75 2.77 -13.48 16.38
CA ARG G 75 2.84 -13.88 14.98
C ARG G 75 4.09 -13.26 14.35
N LYS G 76 5.24 -13.85 14.70
CA LYS G 76 6.54 -13.31 14.32
C LYS G 76 6.88 -13.49 12.85
N TRP G 77 6.01 -14.11 12.05
CA TRP G 77 6.33 -14.32 10.64
C TRP G 77 6.16 -13.06 9.80
N GLY G 78 5.53 -12.02 10.34
CA GLY G 78 5.30 -10.81 9.57
C GLY G 78 5.99 -9.58 10.13
N LEU G 79 6.28 -9.61 11.43
CA LEU G 79 6.90 -8.46 12.07
C LEU G 79 8.32 -8.23 11.58
N MET G 80 8.65 -6.97 11.31
CA MET G 80 10.00 -6.57 10.90
C MET G 80 10.54 -5.59 11.93
N VAL G 81 11.73 -5.89 12.47
CA VAL G 81 12.36 -5.01 13.44
C VAL G 81 13.51 -4.28 12.76
N PRO G 82 13.86 -3.07 13.19
CA PRO G 82 14.95 -2.34 12.54
C PRO G 82 16.30 -3.02 12.77
N ALA G 83 17.20 -2.82 11.80
CA ALA G 83 18.53 -3.39 11.91
C ALA G 83 19.35 -2.76 13.03
N GLU G 84 19.00 -1.55 13.46
CA GLU G 84 19.70 -0.89 14.55
C GLU G 84 19.44 -1.54 15.89
N PHE G 85 18.28 -2.20 16.05
CA PHE G 85 18.01 -3.00 17.24
C PHE G 85 18.88 -4.24 17.30
N LEU G 86 19.34 -4.76 16.16
CA LEU G 86 20.21 -5.92 16.12
C LEU G 86 21.68 -5.55 16.16
N TYR G 87 22.07 -4.49 15.44
CA TYR G 87 23.47 -4.06 15.44
C TYR G 87 23.92 -3.60 16.81
N GLU G 88 23.07 -2.84 17.51
CA GLU G 88 23.42 -2.31 18.82
C GLU G 88 23.21 -3.33 19.93
N PHE G 89 22.58 -4.46 19.63
CA PHE G 89 22.47 -5.60 20.55
C PHE G 89 23.64 -6.56 20.44
N ILE G 90 24.16 -6.79 19.23
CA ILE G 90 25.27 -7.72 19.05
C ILE G 90 26.51 -7.23 19.78
N GLU G 91 26.77 -5.92 19.75
CA GLU G 91 27.95 -5.37 20.40
C GLU G 91 27.89 -5.56 21.92
N GLU G 92 26.70 -5.37 22.51
CA GLU G 92 26.56 -5.55 23.94
C GLU G 92 26.85 -6.99 24.35
N VAL G 93 26.35 -7.95 23.59
CA VAL G 93 26.59 -9.36 23.90
C VAL G 93 28.07 -9.69 23.80
N ARG G 94 28.73 -9.20 22.75
CA ARG G 94 30.16 -9.44 22.60
C ARG G 94 30.96 -8.80 23.74
N TYR G 95 30.59 -7.60 24.16
CA TYR G 95 31.26 -6.96 25.28
C TYR G 95 31.07 -7.75 26.56
N ARG G 96 29.85 -8.25 26.80
CA ARG G 96 29.61 -9.07 27.99
C ARG G 96 30.32 -10.41 27.92
N ILE G 97 30.54 -10.93 26.71
CA ILE G 97 31.21 -12.22 26.57
C ILE G 97 32.66 -12.12 27.07
N ASN G 98 33.36 -11.05 26.70
CA ASN G 98 34.74 -10.88 27.15
C ASN G 98 34.82 -10.67 28.65
N LYS G 99 33.79 -10.06 29.25
CA LYS G 99 33.78 -9.86 30.70
C LYS G 99 33.73 -11.20 31.43
N GLY G 100 32.96 -12.15 30.91
CA GLY G 100 32.86 -13.44 31.56
C GLY G 100 34.16 -14.22 31.55
N LEU G 101 34.92 -14.12 30.45
CA LEU G 101 36.19 -14.82 30.37
C LEU G 101 37.17 -14.30 31.43
N ARG G 102 37.23 -12.98 31.61
CA ARG G 102 38.11 -12.41 32.63
C ARG G 102 37.69 -12.86 34.02
N ILE G 103 36.39 -12.90 34.30
CA ILE G 103 35.90 -13.36 35.59
C ILE G 103 36.29 -14.81 35.81
N ALA G 104 36.13 -15.65 34.79
CA ALA G 104 36.49 -17.06 34.90
C ALA G 104 37.98 -17.23 35.17
N GLU G 105 38.82 -16.48 34.46
CA GLU G 105 40.26 -16.56 34.70
C GLU G 105 40.61 -16.10 36.11
N GLU G 106 39.99 -15.02 36.57
CA GLU G 106 40.24 -14.52 37.91
C GLU G 106 39.87 -15.57 38.95
N HIS G 107 38.72 -16.23 38.78
CA HIS G 107 38.30 -17.22 39.75
C HIS G 107 39.16 -18.48 39.69
N THR G 108 39.64 -18.86 38.51
CA THR G 108 40.57 -19.98 38.43
C THR G 108 41.87 -19.66 39.17
N LYS G 109 42.39 -18.44 38.99
CA LYS G 109 43.58 -18.04 39.73
C LYS G 109 43.32 -18.02 41.23
N GLU G 110 42.16 -17.52 41.64
CA GLU G 110 41.82 -17.46 43.06
C GLU G 110 41.66 -18.85 43.68
N ALA G 111 41.14 -19.81 42.92
CA ALA G 111 41.03 -21.18 43.40
C ALA G 111 42.35 -21.92 43.38
N GLY G 112 43.27 -21.54 42.49
CA GLY G 112 44.57 -22.18 42.44
C GLY G 112 45.51 -21.79 43.56
N LYS G 113 45.21 -20.72 44.30
CA LYS G 113 46.07 -20.31 45.40
C LYS G 113 45.60 -20.88 46.73
N LEU G 114 44.29 -21.09 46.92
CA LEU G 114 43.83 -21.83 48.10
C LEU G 114 44.11 -23.32 47.95
N ALA G 115 43.87 -23.85 46.75
CA ALA G 115 44.33 -25.16 46.30
C ALA G 115 43.58 -26.33 46.93
N GLU G 116 42.78 -26.09 47.96
CA GLU G 116 42.04 -27.15 48.64
C GLU G 116 40.94 -26.61 49.55
N GLU G 117 39.93 -27.44 49.81
CA GLU G 117 39.02 -27.30 50.95
C GLU G 117 38.09 -26.10 50.84
N GLU G 118 38.24 -25.27 49.81
CA GLU G 118 37.39 -24.09 49.67
C GLU G 118 36.99 -23.83 48.23
N VAL G 119 36.96 -24.88 47.39
CA VAL G 119 36.56 -24.70 46.01
C VAL G 119 35.08 -24.38 45.87
N GLY G 120 34.28 -24.72 46.88
CA GLY G 120 32.85 -24.45 46.80
C GLY G 120 32.53 -22.96 46.80
N ARG G 121 33.21 -22.19 47.66
CA ARG G 121 33.00 -20.75 47.68
C ARG G 121 33.43 -20.12 46.36
N VAL G 122 34.55 -20.57 45.80
CA VAL G 122 35.02 -20.06 44.52
C VAL G 122 34.00 -20.37 43.43
N VAL G 123 33.46 -21.60 43.43
CA VAL G 123 32.47 -21.97 42.42
C VAL G 123 31.22 -21.12 42.54
N ASN G 124 30.74 -20.90 43.78
CA ASN G 124 29.55 -20.09 43.97
C ASN G 124 29.80 -18.65 43.53
N ARG G 125 30.97 -18.08 43.86
CA ARG G 125 31.28 -16.73 43.44
C ARG G 125 31.38 -16.64 41.92
N LEU G 126 31.96 -17.65 41.27
CA LEU G 126 32.02 -17.67 39.81
C LEU G 126 30.62 -17.71 39.21
N ARG G 127 29.74 -18.55 39.77
CA ARG G 127 28.36 -18.61 39.31
C ARG G 127 27.69 -17.23 39.39
N GLU G 128 27.79 -16.60 40.56
CA GLU G 128 27.12 -15.31 40.76
C GLU G 128 27.70 -14.24 39.84
N LYS G 129 29.04 -14.17 39.73
CA LYS G 129 29.66 -13.15 38.90
C LYS G 129 29.32 -13.36 37.43
N TYR G 130 29.35 -14.60 36.95
CA TYR G 130 29.01 -14.89 35.57
C TYR G 130 27.55 -14.52 35.29
N ARG G 131 26.65 -14.88 36.21
CA ARG G 131 25.23 -14.58 36.02
C ARG G 131 24.99 -13.08 35.99
N GLU G 132 25.64 -12.32 36.88
CA GLU G 132 25.44 -10.88 36.91
C GLU G 132 26.17 -10.16 35.79
N ALA G 133 27.19 -10.78 35.19
CA ALA G 133 27.93 -10.16 34.10
C ALA G 133 27.38 -10.51 32.73
N LEU G 134 26.56 -11.56 32.62
CA LEU G 134 25.99 -11.92 31.32
C LEU G 134 24.47 -11.99 31.28
N ARG G 135 23.79 -11.98 32.43
CA ARG G 135 22.33 -12.08 32.48
C ARG G 135 21.75 -11.04 33.42
N ALA G 136 22.21 -9.79 33.29
CA ALA G 136 21.71 -8.70 34.12
C ALA G 136 21.69 -7.42 33.30
N GLY G 137 20.51 -6.85 33.09
CA GLY G 137 20.36 -5.64 32.32
C GLY G 137 20.22 -5.83 30.82
N ILE G 138 20.12 -7.07 30.35
CA ILE G 138 19.94 -7.36 28.93
C ILE G 138 18.87 -8.45 28.80
N ILE G 139 18.30 -8.54 27.59
CA ILE G 139 17.36 -9.61 27.29
C ILE G 139 18.14 -10.88 26.99
N ASP G 140 17.82 -11.95 27.71
CA ASP G 140 18.58 -13.19 27.63
C ASP G 140 17.75 -14.36 27.14
N SER G 141 16.58 -14.61 27.75
CA SER G 141 15.77 -15.75 27.37
C SER G 141 14.95 -15.44 26.13
N LYS G 142 14.40 -16.51 25.54
CA LYS G 142 13.50 -16.36 24.40
C LYS G 142 12.07 -15.98 24.81
N GLU G 143 11.74 -16.10 26.10
CA GLU G 143 10.46 -15.61 26.58
C GLU G 143 10.40 -14.08 26.58
N ASP G 144 11.50 -13.41 26.88
CA ASP G 144 11.54 -11.96 26.85
C ASP G 144 11.27 -11.43 25.45
N VAL G 145 11.83 -12.08 24.43
CA VAL G 145 11.55 -11.69 23.05
C VAL G 145 10.08 -11.92 22.73
N ASP G 146 9.49 -12.99 23.26
CA ASP G 146 8.07 -13.24 23.06
C ASP G 146 7.24 -12.11 23.65
N VAL G 147 7.56 -11.68 24.87
CA VAL G 147 6.84 -10.57 25.50
C VAL G 147 7.02 -9.30 24.69
N LEU G 148 8.24 -9.03 24.23
CA LEU G 148 8.52 -7.85 23.44
C LEU G 148 7.68 -7.82 22.18
N LEU G 149 7.65 -8.94 21.44
CA LEU G 149 6.91 -8.97 20.19
C LEU G 149 5.41 -8.93 20.42
N LEU G 150 4.92 -9.57 21.49
CA LEU G 150 3.49 -9.52 21.78
C LEU G 150 3.07 -8.10 22.13
N SER G 151 3.88 -7.37 22.89
CA SER G 151 3.57 -5.98 23.19
C SER G 151 3.69 -5.10 21.96
N TYR G 152 4.65 -5.40 21.08
CA TYR G 152 4.85 -4.59 19.88
C TYR G 152 3.68 -4.74 18.91
N GLU G 153 3.27 -5.97 18.63
CA GLU G 153 2.22 -6.18 17.62
C GLU G 153 0.83 -5.83 18.15
N LEU G 154 0.61 -5.95 19.46
CA LEU G 154 -0.68 -5.62 20.05
C LEU G 154 -0.79 -4.15 20.44
N ASP G 155 0.32 -3.40 20.40
CA ASP G 155 0.36 -2.01 20.85
C ASP G 155 -0.19 -1.89 22.27
N ALA G 156 0.27 -2.77 23.15
CA ALA G 156 -0.23 -2.88 24.50
C ALA G 156 0.68 -2.16 25.48
N ILE G 157 0.31 -2.19 26.76
CA ILE G 157 1.09 -1.59 27.82
C ILE G 157 1.85 -2.72 28.51
N LEU G 158 3.18 -2.71 28.38
CA LEU G 158 4.01 -3.75 28.99
C LEU G 158 4.10 -3.54 30.49
N VAL G 159 3.80 -4.59 31.25
CA VAL G 159 3.93 -4.57 32.71
C VAL G 159 4.90 -5.68 33.06
N SER G 160 6.17 -5.32 33.21
CA SER G 160 7.22 -6.28 33.50
C SER G 160 8.03 -5.83 34.71
N GLY G 161 8.37 -6.77 35.57
CA GLY G 161 9.24 -6.53 36.71
C GLY G 161 10.72 -6.55 36.38
N ASP G 162 11.07 -6.83 35.13
CA ASP G 162 12.45 -6.83 34.70
C ASP G 162 12.95 -5.40 34.48
N GLU G 163 14.26 -5.28 34.32
CA GLU G 163 14.88 -4.00 33.96
C GLU G 163 15.63 -4.18 32.65
N GLY G 164 16.19 -5.38 32.44
CA GLY G 164 16.82 -5.68 31.17
C GLY G 164 15.85 -5.81 30.01
N LEU G 165 14.57 -6.09 30.30
CA LEU G 165 13.56 -6.15 29.25
C LEU G 165 12.88 -4.80 29.05
N ARG G 166 12.58 -4.08 30.13
CA ARG G 166 11.98 -2.76 30.01
C ARG G 166 12.89 -1.77 29.30
N LYS G 167 14.21 -1.92 29.46
CA LYS G 167 15.15 -1.04 28.77
C LYS G 167 15.10 -1.23 27.26
N TRP G 168 15.00 -2.48 26.79
CA TRP G 168 14.95 -2.73 25.35
C TRP G 168 13.55 -2.57 24.78
N ALA G 169 12.52 -2.58 25.63
CA ALA G 169 11.17 -2.28 25.16
C ALA G 169 11.04 -0.82 24.78
N ASP G 170 11.69 0.06 25.54
CA ASP G 170 11.73 1.48 25.18
C ASP G 170 12.41 1.72 23.85
N ARG G 171 13.38 0.87 23.48
CA ARG G 171 14.11 1.03 22.23
C ARG G 171 13.24 0.74 21.01
N VAL G 172 12.06 0.17 21.19
CA VAL G 172 11.16 -0.13 20.09
C VAL G 172 9.98 0.84 20.03
N GLY G 173 9.53 1.37 21.15
CA GLY G 173 8.38 2.25 21.18
C GLY G 173 7.16 1.62 21.81
N ILE G 174 7.38 0.87 22.89
CA ILE G 174 6.31 0.19 23.60
C ILE G 174 5.94 1.01 24.83
N LYS G 175 4.64 1.10 25.10
CA LYS G 175 4.13 1.89 26.22
C LYS G 175 4.46 1.18 27.52
N LEU G 176 5.56 1.56 28.15
CA LEU G 176 5.97 0.94 29.40
C LEU G 176 5.25 1.57 30.58
N ILE G 177 5.11 0.76 31.65
CA ILE G 177 4.48 1.21 32.88
C ILE G 177 5.34 0.72 34.05
N ASP G 178 5.14 1.35 35.20
CA ASP G 178 5.85 0.94 36.41
C ASP G 178 5.12 -0.24 37.03
N PRO G 179 5.77 -1.39 37.21
CA PRO G 179 5.05 -2.58 37.72
C PRO G 179 4.53 -2.43 39.14
N LYS G 180 5.06 -1.48 39.91
CA LYS G 180 4.65 -1.33 41.31
C LYS G 180 3.38 -0.52 41.48
N ASN G 181 2.82 0.02 40.40
CA ASN G 181 1.53 0.72 40.45
C ASN G 181 0.49 0.03 39.58
N LEU G 182 0.63 -1.29 39.39
CA LEU G 182 -0.37 -2.04 38.64
C LEU G 182 -1.70 -2.09 39.39
N ARG G 183 -1.65 -2.29 40.71
CA ARG G 183 -2.89 -2.41 41.48
C ARG G 183 -3.70 -1.13 41.46
N TYR G 184 -3.06 0.03 41.62
CA TYR G 184 -3.80 1.28 41.60
C TYR G 184 -4.40 1.53 40.22
N ILE G 185 -3.66 1.23 39.16
CA ILE G 185 -4.17 1.41 37.80
C ILE G 185 -5.38 0.51 37.58
N MET G 186 -5.28 -0.75 38.00
CA MET G 186 -6.40 -1.67 37.81
C MET G 186 -7.62 -1.26 38.63
N GLU G 187 -7.40 -0.75 39.85
CA GLU G 187 -8.52 -0.43 40.73
C GLU G 187 -9.30 0.79 40.28
N ASN G 188 -8.75 1.60 39.38
CA ASN G 188 -9.46 2.78 38.86
C ASN G 188 -9.97 2.60 37.45
N LEU G 189 -9.37 1.72 36.66
CA LEU G 189 -9.83 1.48 35.30
C LEU G 189 -11.17 0.76 35.29
N MET H 1 17.56 -11.52 -19.13
CA MET H 1 16.14 -11.20 -19.05
C MET H 1 15.34 -12.36 -18.45
N ASP H 2 15.64 -13.57 -18.93
CA ASP H 2 14.96 -14.77 -18.47
C ASP H 2 15.76 -15.44 -17.36
N THR H 3 15.05 -15.87 -16.32
CA THR H 3 15.66 -16.55 -15.18
C THR H 3 15.20 -18.00 -15.14
N PHE H 4 16.12 -18.89 -14.79
CA PHE H 4 15.86 -20.32 -14.74
C PHE H 4 16.23 -20.84 -13.35
N VAL H 5 15.22 -21.31 -12.61
CA VAL H 5 15.48 -21.99 -11.35
C VAL H 5 15.72 -23.47 -11.63
N LEU H 6 16.84 -23.99 -11.15
CA LEU H 6 17.25 -25.35 -11.44
C LEU H 6 17.07 -26.25 -10.23
N ASP H 7 16.78 -27.53 -10.51
CA ASP H 7 16.69 -28.56 -9.49
C ASP H 7 17.71 -29.66 -9.79
N THR H 8 18.08 -30.40 -8.74
CA THR H 8 19.09 -31.44 -8.88
C THR H 8 18.64 -32.56 -9.82
N SER H 9 17.33 -32.76 -9.98
CA SER H 9 16.84 -33.81 -10.86
C SER H 9 17.27 -33.60 -12.31
N VAL H 10 17.64 -32.38 -12.68
CA VAL H 10 18.17 -32.14 -14.02
C VAL H 10 19.49 -32.90 -14.21
N PHE H 11 20.32 -32.92 -13.18
CA PHE H 11 21.62 -33.60 -13.24
C PHE H 11 21.61 -34.95 -12.55
N THR H 12 20.44 -35.46 -12.19
CA THR H 12 20.30 -36.75 -11.52
C THR H 12 19.51 -37.75 -12.34
N ASN H 13 18.34 -37.36 -12.85
CA ASN H 13 17.51 -38.27 -13.63
C ASN H 13 18.14 -38.51 -14.98
N PRO H 14 18.39 -39.76 -15.37
CA PRO H 14 19.07 -40.02 -16.66
C PRO H 14 18.31 -39.51 -17.87
N ASP H 15 16.98 -39.50 -17.83
CA ASP H 15 16.19 -39.16 -19.01
C ASP H 15 16.30 -37.69 -19.39
N VAL H 16 16.75 -36.82 -18.49
CA VAL H 16 16.74 -35.39 -18.74
C VAL H 16 18.12 -34.82 -19.07
N TYR H 17 19.20 -35.42 -18.57
CA TYR H 17 20.53 -34.89 -18.86
C TYR H 17 21.18 -35.58 -20.06
N HIS H 18 20.47 -36.47 -20.74
CA HIS H 18 21.02 -37.11 -21.93
C HIS H 18 21.06 -36.19 -23.14
N GLN H 19 20.48 -34.98 -23.04
CA GLN H 19 20.53 -34.03 -24.15
C GLN H 19 21.97 -33.63 -24.45
N PHE H 20 22.76 -33.37 -23.42
CA PHE H 20 24.13 -32.91 -23.61
C PHE H 20 25.06 -34.08 -23.95
N GLU H 21 25.18 -35.03 -23.03
CA GLU H 21 26.03 -36.20 -23.24
C GLU H 21 25.45 -37.37 -22.46
N GLU H 22 25.89 -38.58 -22.82
CA GLU H 22 25.46 -39.79 -22.13
C GLU H 22 26.39 -40.13 -20.97
N ASP H 23 26.61 -39.16 -20.08
CA ASP H 23 27.48 -39.32 -18.93
C ASP H 23 27.20 -38.17 -17.97
N GLN H 24 27.11 -38.48 -16.67
CA GLN H 24 26.79 -37.45 -15.69
C GLN H 24 27.84 -36.34 -15.69
N LEU H 25 29.11 -36.72 -15.56
CA LEU H 25 30.21 -35.76 -15.55
C LEU H 25 30.49 -35.19 -16.93
N GLY H 26 29.86 -35.71 -17.98
CA GLY H 26 29.98 -35.14 -19.30
C GLY H 26 28.81 -34.22 -19.59
N ALA H 27 27.60 -34.63 -19.19
CA ALA H 27 26.43 -33.77 -19.36
C ALA H 27 26.55 -32.52 -18.51
N ILE H 28 27.00 -32.65 -17.26
CA ILE H 28 27.18 -31.48 -16.40
C ILE H 28 28.25 -30.56 -16.99
N GLU H 29 29.35 -31.14 -17.48
CA GLU H 29 30.41 -30.32 -18.06
C GLU H 29 29.93 -29.58 -19.30
N ASN H 30 29.15 -30.26 -20.15
CA ASN H 30 28.64 -29.61 -21.35
C ASN H 30 27.61 -28.52 -21.02
N PHE H 31 26.80 -28.75 -19.98
CA PHE H 31 25.90 -27.70 -19.52
C PHE H 31 26.68 -26.49 -19.01
N ILE H 32 27.78 -26.74 -18.29
CA ILE H 32 28.61 -25.66 -17.77
C ILE H 32 29.24 -24.88 -18.92
N SER H 33 29.78 -25.59 -19.91
CA SER H 33 30.59 -24.95 -20.94
C SER H 33 29.79 -24.03 -21.86
N LEU H 34 28.47 -24.24 -21.98
CA LEU H 34 27.68 -23.44 -22.90
C LEU H 34 26.70 -22.51 -22.20
N ALA H 35 26.40 -22.74 -20.92
CA ALA H 35 25.55 -21.81 -20.17
C ALA H 35 26.19 -20.43 -20.02
N SER H 36 27.50 -20.32 -20.20
CA SER H 36 28.17 -19.02 -20.18
C SER H 36 27.91 -18.19 -21.42
N HIS H 37 27.37 -18.79 -22.48
CA HIS H 37 27.02 -18.07 -23.70
C HIS H 37 25.53 -17.76 -23.78
N THR H 38 24.77 -18.05 -22.74
CA THR H 38 23.33 -17.83 -22.73
C THR H 38 23.01 -16.51 -22.05
N ASN H 39 22.18 -15.70 -22.69
CA ASN H 39 21.74 -14.41 -22.14
C ASN H 39 20.58 -14.65 -21.18
N ALA H 40 20.88 -15.36 -20.10
CA ALA H 40 19.88 -15.69 -19.10
C ALA H 40 20.57 -15.94 -17.76
N ASN H 41 19.77 -15.89 -16.70
CA ASN H 41 20.26 -16.10 -15.34
C ASN H 41 19.87 -17.49 -14.85
N PHE H 42 20.73 -18.07 -14.02
CA PHE H 42 20.50 -19.39 -13.44
C PHE H 42 20.55 -19.28 -11.92
N PHE H 43 19.54 -19.85 -11.25
CA PHE H 43 19.44 -19.78 -9.80
C PHE H 43 19.16 -21.18 -9.25
N MET H 44 19.91 -21.57 -8.23
CA MET H 44 19.68 -22.82 -7.54
C MET H 44 19.58 -22.59 -6.04
N PRO H 45 18.61 -23.20 -5.36
CA PRO H 45 18.52 -23.06 -3.90
C PRO H 45 19.75 -23.61 -3.21
N THR H 46 19.99 -23.13 -1.98
CA THR H 46 21.18 -23.53 -1.25
C THR H 46 21.09 -24.98 -0.78
N SER H 47 19.93 -25.39 -0.27
CA SER H 47 19.79 -26.75 0.23
C SER H 47 20.01 -27.77 -0.88
N VAL H 48 19.33 -27.59 -2.01
CA VAL H 48 19.49 -28.52 -3.12
C VAL H 48 20.89 -28.44 -3.71
N TYR H 49 21.62 -27.34 -3.48
CA TYR H 49 22.98 -27.25 -4.00
C TYR H 49 23.90 -28.27 -3.32
N TYR H 50 23.91 -28.29 -1.98
CA TYR H 50 24.75 -29.29 -1.34
C TYR H 50 24.13 -30.68 -1.36
N GLU H 51 22.80 -30.77 -1.53
CA GLU H 51 22.21 -32.07 -1.83
C GLU H 51 22.76 -32.62 -3.14
N PHE H 52 22.89 -31.76 -4.15
CA PHE H 52 23.50 -32.15 -5.43
C PHE H 52 24.96 -32.51 -5.25
N THR H 53 25.72 -31.69 -4.53
CA THR H 53 27.16 -31.93 -4.41
C THR H 53 27.48 -33.12 -3.52
N LYS H 54 26.54 -33.57 -2.69
CA LYS H 54 26.76 -34.77 -1.89
C LYS H 54 26.30 -36.03 -2.61
N MET H 55 25.41 -35.89 -3.59
CA MET H 55 25.02 -37.04 -4.41
C MET H 55 26.07 -37.34 -5.47
N VAL H 56 26.36 -36.37 -6.31
CA VAL H 56 27.36 -36.53 -7.36
C VAL H 56 28.68 -35.97 -6.86
N SER H 57 29.78 -36.52 -7.36
CA SER H 57 31.13 -36.11 -6.97
C SER H 57 31.73 -35.30 -8.10
N LEU H 58 32.08 -34.06 -7.83
CA LEU H 58 32.68 -33.17 -8.81
C LEU H 58 34.13 -32.89 -8.45
N GLY H 59 34.97 -32.80 -9.48
CA GLY H 59 36.37 -32.48 -9.29
C GLY H 59 36.63 -31.02 -9.60
N ASP H 60 37.16 -30.75 -10.78
CA ASP H 60 37.31 -29.37 -11.24
C ASP H 60 36.04 -28.89 -11.95
N LEU H 61 34.91 -29.06 -11.28
CA LEU H 61 33.60 -28.66 -11.80
C LEU H 61 32.82 -27.75 -10.87
N ALA H 62 32.99 -27.91 -9.56
CA ALA H 62 32.32 -27.00 -8.62
C ALA H 62 32.70 -25.54 -8.83
N PRO H 63 33.96 -25.16 -9.06
CA PRO H 63 34.25 -23.75 -9.33
C PRO H 63 33.47 -23.20 -10.52
N LYS H 64 33.50 -23.90 -11.66
CA LYS H 64 32.80 -23.41 -12.85
C LYS H 64 31.29 -23.38 -12.62
N PHE H 65 30.76 -24.40 -11.94
CA PHE H 65 29.32 -24.46 -11.73
C PHE H 65 28.86 -23.34 -10.80
N GLU H 66 29.64 -23.03 -9.78
CA GLU H 66 29.34 -21.87 -8.95
C GLU H 66 29.51 -20.57 -9.73
N LEU H 67 30.43 -20.55 -10.70
CA LEU H 67 30.60 -19.36 -11.54
C LEU H 67 29.35 -19.11 -12.39
N VAL H 68 28.75 -20.16 -12.92
CA VAL H 68 27.63 -19.99 -13.85
C VAL H 68 26.28 -19.96 -13.13
N VAL H 69 26.18 -20.55 -11.93
CA VAL H 69 24.91 -20.66 -11.22
C VAL H 69 25.03 -19.92 -9.90
N ARG H 70 24.04 -19.08 -9.61
CA ARG H 70 24.02 -18.28 -8.38
C ARG H 70 23.25 -19.04 -7.31
N ILE H 71 23.97 -19.58 -6.33
CA ILE H 71 23.35 -20.28 -5.21
C ILE H 71 22.80 -19.26 -4.24
N ARG H 72 21.52 -19.41 -3.88
CA ARG H 72 20.85 -18.47 -3.00
C ARG H 72 19.58 -19.10 -2.46
N SER H 73 19.35 -18.93 -1.16
CA SER H 73 18.12 -19.41 -0.53
C SER H 73 16.98 -18.42 -0.74
N PRO H 74 15.74 -18.90 -0.76
CA PRO H 74 14.60 -17.98 -0.84
C PRO H 74 14.43 -17.17 0.44
N ARG H 75 13.87 -15.97 0.29
CA ARG H 75 13.62 -15.09 1.42
C ARG H 75 12.29 -15.50 2.06
N LYS H 76 12.37 -16.52 2.90
CA LYS H 76 11.19 -17.18 3.45
C LYS H 76 10.64 -16.45 4.67
N TRP H 77 10.44 -15.13 4.56
CA TRP H 77 9.70 -14.39 5.58
C TRP H 77 8.66 -13.44 4.99
N GLY H 78 8.81 -13.01 3.75
CA GLY H 78 7.81 -12.22 3.06
C GLY H 78 6.99 -13.00 2.05
N LEU H 79 7.10 -14.32 2.04
CA LEU H 79 6.37 -15.17 1.11
C LEU H 79 5.13 -15.73 1.79
N MET H 80 4.01 -15.71 1.07
CA MET H 80 2.74 -16.22 1.57
C MET H 80 2.14 -17.14 0.53
N VAL H 81 1.45 -18.18 0.99
CA VAL H 81 0.85 -19.16 0.10
C VAL H 81 -0.63 -19.31 0.42
N PRO H 82 -1.48 -19.62 -0.55
CA PRO H 82 -2.92 -19.72 -0.27
C PRO H 82 -3.24 -20.88 0.65
N ALA H 83 -4.35 -20.73 1.38
CA ALA H 83 -4.81 -21.76 2.29
C ALA H 83 -5.32 -23.00 1.58
N GLU H 84 -5.58 -22.90 0.27
CA GLU H 84 -6.01 -24.08 -0.49
C GLU H 84 -4.86 -25.05 -0.73
N PHE H 85 -3.61 -24.54 -0.77
CA PHE H 85 -2.46 -25.42 -0.87
C PHE H 85 -2.36 -26.36 0.32
N LEU H 86 -2.57 -25.83 1.53
CA LEU H 86 -2.50 -26.65 2.73
C LEU H 86 -3.57 -27.73 2.73
N TYR H 87 -4.79 -27.38 2.34
CA TYR H 87 -5.89 -28.34 2.31
C TYR H 87 -5.58 -29.50 1.37
N GLU H 88 -5.21 -29.18 0.12
CA GLU H 88 -4.92 -30.23 -0.85
C GLU H 88 -3.73 -31.07 -0.42
N PHE H 89 -2.68 -30.43 0.08
CA PHE H 89 -1.49 -31.18 0.48
C PHE H 89 -1.79 -32.13 1.64
N ILE H 90 -2.54 -31.66 2.65
CA ILE H 90 -2.83 -32.51 3.79
C ILE H 90 -3.77 -33.63 3.40
N GLU H 91 -4.73 -33.36 2.51
CA GLU H 91 -5.62 -34.43 2.07
C GLU H 91 -4.86 -35.49 1.27
N GLU H 92 -3.92 -35.06 0.43
CA GLU H 92 -3.12 -36.02 -0.33
C GLU H 92 -2.20 -36.81 0.60
N VAL H 93 -1.64 -36.17 1.61
CA VAL H 93 -0.78 -36.87 2.56
C VAL H 93 -1.57 -37.91 3.33
N ARG H 94 -2.78 -37.56 3.78
CA ARG H 94 -3.62 -38.52 4.47
C ARG H 94 -4.01 -39.68 3.56
N TYR H 95 -4.32 -39.38 2.30
CA TYR H 95 -4.66 -40.44 1.35
C TYR H 95 -3.48 -41.39 1.13
N ARG H 96 -2.27 -40.84 1.02
CA ARG H 96 -1.09 -41.68 0.81
C ARG H 96 -0.64 -42.41 2.06
N ILE H 97 -1.03 -41.92 3.25
CA ILE H 97 -0.66 -42.60 4.48
C ILE H 97 -1.43 -43.91 4.60
N ASN H 98 -2.71 -43.91 4.28
CA ASN H 98 -3.51 -45.13 4.34
C ASN H 98 -3.01 -46.17 3.36
N LYS H 99 -2.56 -45.75 2.18
CA LYS H 99 -2.03 -46.68 1.20
C LYS H 99 -0.78 -47.38 1.71
N GLY H 100 0.05 -46.68 2.48
CA GLY H 100 1.25 -47.30 3.02
C GLY H 100 0.93 -48.39 4.03
N LEU H 101 -0.11 -48.19 4.83
CA LEU H 101 -0.52 -49.23 5.79
C LEU H 101 -0.96 -50.50 5.09
N ARG H 102 -1.71 -50.36 3.99
CA ARG H 102 -2.13 -51.54 3.24
C ARG H 102 -0.95 -52.31 2.68
N ILE H 103 0.04 -51.59 2.13
CA ILE H 103 1.23 -52.26 1.60
C ILE H 103 1.99 -52.96 2.72
N ALA H 104 2.12 -52.31 3.87
CA ALA H 104 2.82 -52.93 5.00
C ALA H 104 2.11 -54.19 5.46
N GLU H 105 0.78 -54.15 5.56
CA GLU H 105 0.03 -55.34 5.94
C GLU H 105 0.17 -56.45 4.91
N GLU H 106 0.10 -56.10 3.62
CA GLU H 106 0.22 -57.11 2.58
C GLU H 106 1.59 -57.77 2.61
N HIS H 107 2.64 -56.99 2.87
CA HIS H 107 3.98 -57.56 2.93
C HIS H 107 4.23 -58.33 4.21
N THR H 108 3.60 -57.95 5.32
CA THR H 108 3.75 -58.71 6.55
C THR H 108 2.92 -60.00 6.54
N LYS H 109 1.89 -60.08 5.69
CA LYS H 109 1.20 -61.35 5.51
C LYS H 109 1.93 -62.24 4.51
N GLU H 110 2.48 -61.63 3.45
CA GLU H 110 3.24 -62.40 2.47
C GLU H 110 4.48 -63.03 3.09
N ALA H 111 5.18 -62.28 3.94
CA ALA H 111 6.34 -62.81 4.63
C ALA H 111 5.98 -63.69 5.82
N GLY H 112 4.72 -63.72 6.22
CA GLY H 112 4.28 -64.56 7.31
C GLY H 112 4.03 -66.00 6.95
N LYS H 113 4.16 -66.37 5.66
CA LYS H 113 3.98 -67.74 5.22
C LYS H 113 5.20 -68.28 4.48
N LEU H 114 6.35 -67.59 4.55
CA LEU H 114 7.55 -68.01 3.87
C LEU H 114 8.50 -68.79 4.76
N ALA H 115 8.31 -68.74 6.08
CA ALA H 115 9.10 -69.51 7.04
C ALA H 115 10.60 -69.18 6.94
N GLU H 116 10.91 -67.91 7.23
CA GLU H 116 12.29 -67.45 7.44
C GLU H 116 13.15 -67.49 6.19
N GLU H 117 12.61 -67.97 5.07
CA GLU H 117 13.36 -67.95 3.82
C GLU H 117 12.81 -66.89 2.89
N GLU H 118 13.70 -66.22 2.15
CA GLU H 118 13.40 -65.13 1.24
C GLU H 118 12.72 -63.96 1.94
N VAL H 119 12.85 -63.85 3.27
CA VAL H 119 12.28 -62.71 3.98
C VAL H 119 12.97 -61.42 3.54
N GLY H 120 14.27 -61.50 3.26
CA GLY H 120 14.98 -60.34 2.76
C GLY H 120 14.43 -59.83 1.44
N ARG H 121 14.01 -60.75 0.55
CA ARG H 121 13.37 -60.33 -0.69
C ARG H 121 12.04 -59.64 -0.44
N VAL H 122 11.27 -60.12 0.54
CA VAL H 122 10.03 -59.45 0.89
C VAL H 122 10.31 -58.04 1.41
N VAL H 123 11.36 -57.89 2.22
CA VAL H 123 11.72 -56.57 2.73
C VAL H 123 12.15 -55.66 1.58
N ASN H 124 12.92 -56.20 0.63
CA ASN H 124 13.33 -55.42 -0.53
C ASN H 124 12.14 -54.95 -1.35
N ARG H 125 11.15 -55.83 -1.56
CA ARG H 125 9.94 -55.44 -2.27
C ARG H 125 9.16 -54.39 -1.49
N LEU H 126 9.07 -54.56 -0.17
CA LEU H 126 8.32 -53.64 0.67
C LEU H 126 8.92 -52.25 0.64
N ARG H 127 10.26 -52.16 0.67
CA ARG H 127 10.91 -50.86 0.62
C ARG H 127 10.52 -50.09 -0.64
N GLU H 128 10.65 -50.74 -1.80
CA GLU H 128 10.31 -50.08 -3.06
C GLU H 128 8.84 -49.70 -3.11
N LYS H 129 7.96 -50.63 -2.72
CA LYS H 129 6.53 -50.35 -2.80
C LYS H 129 6.12 -49.21 -1.88
N TYR H 130 6.64 -49.21 -0.65
CA TYR H 130 6.30 -48.16 0.31
C TYR H 130 6.86 -46.81 -0.14
N ARG H 131 8.09 -46.79 -0.65
CA ARG H 131 8.67 -45.53 -1.13
C ARG H 131 7.89 -44.98 -2.32
N GLU H 132 7.46 -45.87 -3.23
CA GLU H 132 6.68 -45.41 -4.37
C GLU H 132 5.29 -44.93 -3.93
N ALA H 133 4.71 -45.58 -2.93
CA ALA H 133 3.39 -45.16 -2.47
C ALA H 133 3.45 -43.82 -1.74
N LEU H 134 4.51 -43.59 -0.95
CA LEU H 134 4.57 -42.43 -0.08
C LEU H 134 5.36 -41.26 -0.66
N ARG H 135 6.36 -41.50 -1.50
CA ARG H 135 7.28 -40.47 -1.94
C ARG H 135 7.47 -40.51 -3.45
N ALA H 136 6.37 -40.60 -4.19
CA ALA H 136 6.43 -40.54 -5.64
C ALA H 136 5.25 -39.73 -6.16
N GLY H 137 5.54 -38.79 -7.07
CA GLY H 137 4.49 -37.94 -7.62
C GLY H 137 4.00 -36.87 -6.69
N ILE H 138 4.76 -36.54 -5.64
CA ILE H 138 4.38 -35.53 -4.66
C ILE H 138 5.65 -34.85 -4.17
N ILE H 139 5.48 -33.70 -3.52
CA ILE H 139 6.58 -33.02 -2.86
C ILE H 139 6.84 -33.71 -1.53
N ASP H 140 8.08 -34.14 -1.32
CA ASP H 140 8.42 -34.97 -0.17
C ASP H 140 9.48 -34.39 0.75
N SER H 141 10.30 -33.44 0.28
CA SER H 141 11.40 -32.92 1.07
C SER H 141 11.34 -31.40 1.10
N LYS H 142 12.01 -30.83 2.10
CA LYS H 142 12.11 -29.38 2.20
C LYS H 142 12.89 -28.76 1.04
N GLU H 143 13.71 -29.55 0.36
CA GLU H 143 14.40 -29.07 -0.84
C GLU H 143 13.41 -28.72 -1.95
N ASP H 144 12.37 -29.52 -2.13
CA ASP H 144 11.33 -29.19 -3.10
C ASP H 144 10.62 -27.89 -2.71
N VAL H 145 10.38 -27.70 -1.42
CA VAL H 145 9.77 -26.45 -0.97
C VAL H 145 10.69 -25.27 -1.27
N ASP H 146 12.00 -25.45 -1.06
CA ASP H 146 12.95 -24.38 -1.36
C ASP H 146 12.92 -24.02 -2.84
N VAL H 147 12.91 -25.04 -3.70
CA VAL H 147 12.86 -24.78 -5.15
C VAL H 147 11.56 -24.07 -5.51
N LEU H 148 10.44 -24.52 -4.94
CA LEU H 148 9.14 -23.90 -5.22
C LEU H 148 9.14 -22.43 -4.81
N LEU H 149 9.65 -22.14 -3.62
CA LEU H 149 9.64 -20.78 -3.11
C LEU H 149 10.61 -19.88 -3.87
N LEU H 150 11.75 -20.42 -4.30
CA LEU H 150 12.67 -19.64 -5.13
C LEU H 150 12.03 -19.31 -6.47
N SER H 151 11.34 -20.27 -7.08
CA SER H 151 10.64 -19.99 -8.33
C SER H 151 9.54 -18.96 -8.13
N TYR H 152 8.80 -19.05 -7.02
CA TYR H 152 7.72 -18.12 -6.74
C TYR H 152 8.26 -16.70 -6.55
N GLU H 153 9.24 -16.54 -5.67
CA GLU H 153 9.74 -15.20 -5.34
C GLU H 153 10.43 -14.55 -6.54
N LEU H 154 11.23 -15.30 -7.28
CA LEU H 154 12.04 -14.74 -8.35
C LEU H 154 11.28 -14.61 -9.66
N ASP H 155 10.08 -15.18 -9.77
CA ASP H 155 9.28 -15.15 -10.99
C ASP H 155 10.10 -15.65 -12.17
N ALA H 156 10.49 -16.92 -12.10
CA ALA H 156 11.36 -17.54 -13.07
C ALA H 156 10.69 -18.79 -13.66
N ILE H 157 11.35 -19.35 -14.66
CA ILE H 157 10.88 -20.58 -15.30
C ILE H 157 11.54 -21.76 -14.61
N LEU H 158 10.72 -22.60 -13.96
CA LEU H 158 11.24 -23.74 -13.21
C LEU H 158 11.63 -24.86 -14.16
N VAL H 159 12.82 -25.40 -13.97
CA VAL H 159 13.31 -26.55 -14.73
C VAL H 159 13.51 -27.70 -13.75
N SER H 160 12.57 -28.63 -13.73
CA SER H 160 12.61 -29.74 -12.80
C SER H 160 12.35 -31.06 -13.52
N GLY H 161 13.17 -32.06 -13.23
CA GLY H 161 12.97 -33.39 -13.76
C GLY H 161 11.97 -34.24 -13.01
N ASP H 162 11.48 -33.76 -11.87
CA ASP H 162 10.51 -34.49 -11.08
C ASP H 162 9.13 -34.42 -11.73
N GLU H 163 8.16 -35.08 -11.10
CA GLU H 163 6.78 -35.06 -11.55
C GLU H 163 5.84 -34.44 -10.53
N GLY H 164 6.06 -34.70 -9.24
CA GLY H 164 5.24 -34.07 -8.22
C GLY H 164 5.57 -32.61 -8.01
N LEU H 165 6.82 -32.22 -8.24
CA LEU H 165 7.20 -30.81 -8.12
C LEU H 165 6.46 -29.96 -9.15
N ARG H 166 6.37 -30.45 -10.39
CA ARG H 166 5.70 -29.69 -11.44
C ARG H 166 4.22 -29.50 -11.15
N LYS H 167 3.57 -30.50 -10.55
CA LYS H 167 2.14 -30.40 -10.27
C LYS H 167 1.85 -29.22 -9.35
N TRP H 168 2.54 -29.16 -8.20
CA TRP H 168 2.30 -28.06 -7.26
C TRP H 168 2.86 -26.74 -7.78
N ALA H 169 3.96 -26.79 -8.54
CA ALA H 169 4.51 -25.57 -9.13
C ALA H 169 3.50 -24.93 -10.08
N ASP H 170 2.87 -25.72 -10.93
CA ASP H 170 1.80 -25.19 -11.77
C ASP H 170 0.57 -24.86 -10.95
N ARG H 171 0.39 -25.54 -9.82
CA ARG H 171 -0.76 -25.26 -8.95
C ARG H 171 -0.70 -23.83 -8.41
N VAL H 172 0.47 -23.36 -7.99
CA VAL H 172 0.47 -22.04 -7.37
C VAL H 172 0.54 -20.91 -8.40
N GLY H 173 1.71 -20.69 -8.99
CA GLY H 173 1.81 -19.68 -10.04
C GLY H 173 2.93 -19.85 -11.04
N ILE H 174 3.68 -20.95 -10.95
CA ILE H 174 5.00 -21.00 -11.55
C ILE H 174 4.91 -21.44 -13.00
N LYS H 175 5.69 -20.76 -13.85
CA LYS H 175 5.82 -21.16 -15.25
C LYS H 175 6.88 -22.23 -15.38
N LEU H 176 6.54 -23.33 -16.05
CA LEU H 176 7.44 -24.46 -16.18
C LEU H 176 7.90 -24.61 -17.63
N ILE H 177 8.71 -25.63 -17.85
CA ILE H 177 9.30 -25.93 -19.16
C ILE H 177 9.54 -27.44 -19.22
N ASP H 178 9.78 -27.94 -20.43
CA ASP H 178 10.14 -29.34 -20.61
C ASP H 178 11.64 -29.50 -20.42
N PRO H 179 12.09 -30.27 -19.43
CA PRO H 179 13.54 -30.40 -19.20
C PRO H 179 14.29 -30.99 -20.39
N LYS H 180 13.61 -31.76 -21.24
CA LYS H 180 14.25 -32.28 -22.45
C LYS H 180 14.54 -31.19 -23.47
N ASN H 181 13.96 -30.00 -23.32
CA ASN H 181 14.15 -28.90 -24.24
C ASN H 181 15.17 -27.88 -23.76
N LEU H 182 15.89 -28.18 -22.67
CA LEU H 182 16.86 -27.23 -22.15
C LEU H 182 17.97 -26.95 -23.15
N ARG H 183 18.52 -28.00 -23.76
CA ARG H 183 19.66 -27.83 -24.65
C ARG H 183 19.31 -27.07 -25.92
N TYR H 184 18.02 -26.91 -26.22
CA TYR H 184 17.60 -26.14 -27.38
C TYR H 184 17.25 -24.70 -27.02
N ILE H 185 16.34 -24.52 -26.06
CA ILE H 185 15.91 -23.19 -25.67
C ILE H 185 17.07 -22.40 -25.05
N MET H 186 17.80 -23.03 -24.14
CA MET H 186 18.91 -22.38 -23.47
C MET H 186 20.11 -22.18 -24.40
N GLU H 187 20.17 -22.90 -25.52
CA GLU H 187 21.19 -22.63 -26.53
C GLU H 187 20.80 -21.50 -27.46
N ASN H 188 19.53 -21.41 -27.84
CA ASN H 188 19.08 -20.34 -28.72
C ASN H 188 19.22 -18.97 -28.04
N LEU H 189 18.88 -18.89 -26.76
CA LEU H 189 19.01 -17.65 -26.01
C LEU H 189 20.47 -17.37 -25.67
N MET I 1 -17.61 -9.87 24.24
CA MET I 1 -18.05 -11.25 24.08
C MET I 1 -16.87 -12.17 23.78
N ASP I 2 -16.94 -13.40 24.28
CA ASP I 2 -15.90 -14.39 24.10
C ASP I 2 -16.38 -15.47 23.13
N THR I 3 -15.56 -15.78 22.14
CA THR I 3 -15.89 -16.77 21.12
C THR I 3 -14.99 -17.99 21.29
N PHE I 4 -15.59 -19.18 21.28
CA PHE I 4 -14.88 -20.43 21.40
C PHE I 4 -15.07 -21.26 20.13
N VAL I 5 -14.05 -22.04 19.79
CA VAL I 5 -14.10 -22.98 18.68
C VAL I 5 -13.93 -24.37 19.28
N LEU I 6 -14.98 -25.19 19.18
CA LEU I 6 -14.96 -26.53 19.76
C LEU I 6 -14.41 -27.55 18.77
N ASP I 7 -14.06 -28.71 19.30
CA ASP I 7 -13.52 -29.81 18.51
C ASP I 7 -14.22 -31.10 18.91
N THR I 8 -13.98 -32.16 18.13
CA THR I 8 -14.56 -33.46 18.46
C THR I 8 -14.00 -33.99 19.77
N SER I 9 -12.71 -33.76 20.02
CA SER I 9 -12.05 -34.33 21.20
C SER I 9 -12.65 -33.84 22.50
N VAL I 10 -13.39 -32.72 22.49
CA VAL I 10 -14.03 -32.23 23.70
C VAL I 10 -15.05 -33.25 24.21
N PHE I 11 -15.85 -33.79 23.30
CA PHE I 11 -16.85 -34.80 23.66
C PHE I 11 -16.38 -36.22 23.36
N THR I 12 -15.21 -36.39 22.74
CA THR I 12 -14.70 -37.71 22.40
C THR I 12 -13.75 -38.24 23.47
N ASN I 13 -12.75 -37.45 23.84
CA ASN I 13 -11.78 -37.88 24.84
C ASN I 13 -12.43 -37.94 26.22
N PRO I 14 -12.43 -39.10 26.89
CA PRO I 14 -13.09 -39.18 28.21
C PRO I 14 -12.51 -38.23 29.24
N ASP I 15 -11.18 -38.04 29.24
CA ASP I 15 -10.56 -37.15 30.21
C ASP I 15 -11.03 -35.71 30.05
N VAL I 16 -11.54 -35.34 28.88
CA VAL I 16 -12.01 -33.98 28.68
C VAL I 16 -13.45 -33.82 29.19
N TYR I 17 -14.34 -34.71 28.77
CA TYR I 17 -15.76 -34.55 29.09
C TYR I 17 -16.16 -35.17 30.43
N HIS I 18 -15.24 -35.80 31.16
CA HIS I 18 -15.59 -36.30 32.48
C HIS I 18 -15.86 -35.19 33.47
N GLN I 19 -15.46 -33.95 33.15
CA GLN I 19 -15.77 -32.82 34.03
C GLN I 19 -17.26 -32.52 34.06
N PHE I 20 -17.97 -32.83 32.97
CA PHE I 20 -19.42 -32.62 32.93
C PHE I 20 -20.16 -33.77 33.59
N GLU I 21 -20.07 -34.97 33.01
CA GLU I 21 -20.77 -36.13 33.54
C GLU I 21 -20.08 -37.37 32.99
N GLU I 22 -20.27 -38.49 33.68
CA GLU I 22 -19.50 -39.70 33.36
C GLU I 22 -19.79 -40.20 31.95
N ASP I 23 -21.06 -40.35 31.60
CA ASP I 23 -21.42 -40.88 30.29
C ASP I 23 -21.41 -39.78 29.23
N GLN I 24 -21.15 -40.18 27.99
CA GLN I 24 -20.97 -39.23 26.91
C GLN I 24 -22.22 -38.39 26.68
N LEU I 25 -23.39 -39.05 26.55
CA LEU I 25 -24.61 -38.31 26.27
C LEU I 25 -25.00 -37.40 27.43
N GLY I 26 -24.83 -37.88 28.67
CA GLY I 26 -25.09 -37.02 29.81
C GLY I 26 -24.17 -35.82 29.86
N ALA I 27 -22.89 -36.03 29.53
CA ALA I 27 -21.95 -34.90 29.48
C ALA I 27 -22.35 -33.90 28.40
N ILE I 28 -22.78 -34.39 27.24
CA ILE I 28 -23.20 -33.48 26.17
C ILE I 28 -24.45 -32.71 26.60
N GLU I 29 -25.39 -33.37 27.26
CA GLU I 29 -26.58 -32.67 27.75
C GLU I 29 -26.23 -31.61 28.78
N ASN I 30 -25.30 -31.93 29.69
CA ASN I 30 -24.84 -30.94 30.66
C ASN I 30 -24.18 -29.76 29.97
N PHE I 31 -23.36 -30.03 28.95
CA PHE I 31 -22.73 -28.94 28.20
C PHE I 31 -23.77 -28.07 27.52
N ILE I 32 -24.79 -28.68 26.94
CA ILE I 32 -25.86 -27.91 26.29
C ILE I 32 -26.56 -27.02 27.31
N SER I 33 -26.91 -27.59 28.46
CA SER I 33 -27.63 -26.83 29.48
C SER I 33 -26.78 -25.66 29.99
N LEU I 34 -25.47 -25.89 30.16
CA LEU I 34 -24.61 -24.82 30.65
C LEU I 34 -24.42 -23.74 29.58
N ALA I 35 -24.19 -24.14 28.32
CA ALA I 35 -23.98 -23.17 27.25
C ALA I 35 -25.25 -22.39 26.93
N SER I 36 -26.42 -22.92 27.27
CA SER I 36 -27.66 -22.17 27.06
C SER I 36 -27.77 -20.97 28.01
N HIS I 37 -26.95 -20.92 29.05
CA HIS I 37 -27.00 -19.84 30.03
C HIS I 37 -25.67 -19.09 30.13
N THR I 38 -24.81 -19.21 29.12
CA THR I 38 -23.49 -18.59 29.14
C THR I 38 -23.42 -17.48 28.10
N ASN I 39 -22.95 -16.30 28.52
CA ASN I 39 -22.83 -15.14 27.63
C ASN I 39 -21.54 -15.27 26.81
N ALA I 40 -21.60 -16.18 25.83
CA ALA I 40 -20.46 -16.42 24.95
C ALA I 40 -20.97 -17.06 23.67
N ASN I 41 -20.13 -17.06 22.66
CA ASN I 41 -20.43 -17.66 21.36
C ASN I 41 -19.60 -18.92 21.17
N PHE I 42 -20.20 -19.93 20.54
CA PHE I 42 -19.52 -21.19 20.25
C PHE I 42 -19.65 -21.50 18.77
N PHE I 43 -18.57 -21.99 18.18
CA PHE I 43 -18.52 -22.29 16.75
C PHE I 43 -17.89 -23.65 16.54
N MET I 44 -18.18 -24.25 15.38
CA MET I 44 -17.61 -25.52 15.00
C MET I 44 -17.64 -25.69 13.48
N PRO I 45 -16.54 -26.12 12.87
CA PRO I 45 -16.52 -26.26 11.41
C PRO I 45 -17.52 -27.28 10.91
N THR I 46 -17.97 -27.09 9.67
CA THR I 46 -19.01 -27.94 9.10
C THR I 46 -18.55 -29.40 9.02
N SER I 47 -17.34 -29.63 8.52
CA SER I 47 -16.84 -31.00 8.41
C SER I 47 -16.61 -31.61 9.79
N VAL I 48 -16.18 -30.79 10.75
CA VAL I 48 -16.02 -31.27 12.12
C VAL I 48 -17.38 -31.70 12.69
N TYR I 49 -18.43 -30.90 12.43
CA TYR I 49 -19.77 -31.29 12.86
C TYR I 49 -20.22 -32.57 12.16
N TYR I 50 -19.88 -32.71 10.87
CA TYR I 50 -20.27 -33.90 10.13
C TYR I 50 -19.65 -35.14 10.75
N GLU I 51 -18.35 -35.09 11.06
CA GLU I 51 -17.70 -36.21 11.73
C GLU I 51 -18.20 -36.41 13.15
N PHE I 52 -18.64 -35.34 13.82
CA PHE I 52 -19.18 -35.49 15.16
C PHE I 52 -20.52 -36.22 15.15
N THR I 53 -21.37 -35.90 14.17
CA THR I 53 -22.70 -36.51 14.12
C THR I 53 -22.67 -37.96 13.66
N LYS I 54 -21.74 -38.31 12.77
CA LYS I 54 -21.65 -39.68 12.27
C LYS I 54 -20.85 -40.60 13.19
N MET I 55 -20.16 -40.06 14.18
CA MET I 55 -19.41 -40.86 15.14
C MET I 55 -20.17 -41.10 16.43
N VAL I 56 -20.93 -40.11 16.90
CA VAL I 56 -21.69 -40.22 18.14
C VAL I 56 -23.18 -40.28 17.78
N SER I 57 -23.92 -41.09 18.52
CA SER I 57 -25.36 -41.27 18.30
C SER I 57 -26.08 -40.02 18.80
N LEU I 58 -26.05 -38.97 17.98
CA LEU I 58 -26.64 -37.68 18.34
C LEU I 58 -28.14 -37.73 18.02
N GLY I 59 -28.89 -38.32 18.94
CA GLY I 59 -30.34 -38.41 18.84
C GLY I 59 -31.01 -37.57 19.90
N ASP I 60 -31.95 -36.72 19.46
CA ASP I 60 -32.76 -35.87 20.32
C ASP I 60 -31.92 -34.73 20.91
N LEU I 61 -30.62 -34.75 20.67
CA LEU I 61 -29.73 -33.69 21.12
C LEU I 61 -29.23 -32.80 19.99
N ALA I 62 -29.35 -33.25 18.74
CA ALA I 62 -28.96 -32.42 17.61
C ALA I 62 -29.71 -31.09 17.54
N PRO I 63 -31.02 -31.02 17.77
CA PRO I 63 -31.68 -29.69 17.75
C PRO I 63 -31.09 -28.72 18.75
N LYS I 64 -30.91 -29.15 20.01
CA LYS I 64 -30.32 -28.29 21.02
C LYS I 64 -28.89 -27.91 20.66
N PHE I 65 -28.12 -28.86 20.14
CA PHE I 65 -26.73 -28.58 19.77
C PHE I 65 -26.66 -27.55 18.66
N GLU I 66 -27.51 -27.68 17.63
CA GLU I 66 -27.56 -26.66 16.60
C GLU I 66 -28.10 -25.34 17.11
N LEU I 67 -28.89 -25.36 18.18
CA LEU I 67 -29.39 -24.12 18.78
C LEU I 67 -28.24 -23.35 19.44
N VAL I 68 -27.60 -23.96 20.44
CA VAL I 68 -26.59 -23.23 21.21
C VAL I 68 -25.34 -23.01 20.37
N VAL I 69 -24.92 -24.00 19.60
CA VAL I 69 -23.68 -23.94 18.83
C VAL I 69 -23.99 -23.59 17.39
N ARG I 70 -23.20 -22.68 16.82
CA ARG I 70 -23.34 -22.26 15.44
C ARG I 70 -22.30 -22.97 14.59
N ILE I 71 -22.75 -23.62 13.52
CA ILE I 71 -21.89 -24.40 12.65
C ILE I 71 -21.52 -23.54 11.45
N ARG I 72 -20.23 -23.36 11.22
CA ARG I 72 -19.71 -22.48 10.19
C ARG I 72 -18.65 -23.21 9.37
N SER I 73 -18.14 -22.53 8.35
CA SER I 73 -17.04 -23.05 7.54
C SER I 73 -16.00 -21.96 7.33
N PRO I 74 -14.72 -22.28 7.45
CA PRO I 74 -13.68 -21.29 7.20
C PRO I 74 -13.73 -20.79 5.77
N ARG I 75 -13.45 -19.49 5.60
CA ARG I 75 -13.43 -18.87 4.27
C ARG I 75 -12.01 -18.95 3.73
N LYS I 76 -11.67 -20.13 3.22
CA LYS I 76 -10.30 -20.43 2.80
C LYS I 76 -9.84 -19.60 1.61
N TRP I 77 -10.77 -19.04 0.83
CA TRP I 77 -10.38 -18.26 -0.34
C TRP I 77 -9.63 -17.00 0.07
N GLY I 78 -10.06 -16.33 1.13
CA GLY I 78 -9.43 -15.11 1.58
C GLY I 78 -8.51 -15.29 2.77
N LEU I 79 -7.87 -16.46 2.85
CA LEU I 79 -6.96 -16.79 3.93
C LEU I 79 -5.62 -17.19 3.35
N MET I 80 -4.55 -16.74 4.01
CA MET I 80 -3.19 -17.03 3.58
C MET I 80 -2.37 -17.49 4.77
N VAL I 81 -1.41 -18.37 4.50
CA VAL I 81 -0.62 -18.99 5.58
C VAL I 81 0.86 -18.74 5.33
N PRO I 82 1.69 -18.72 6.39
CA PRO I 82 3.13 -18.54 6.18
C PRO I 82 3.78 -19.75 5.55
N ALA I 83 4.94 -19.51 4.93
CA ALA I 83 5.68 -20.58 4.28
C ALA I 83 6.42 -21.47 5.28
N GLU I 84 6.87 -20.91 6.40
CA GLU I 84 7.58 -21.70 7.40
C GLU I 84 6.67 -22.76 7.99
N PHE I 85 5.36 -22.50 8.06
CA PHE I 85 4.42 -23.52 8.50
C PHE I 85 4.48 -24.74 7.60
N LEU I 86 4.43 -24.52 6.28
CA LEU I 86 4.53 -25.62 5.33
C LEU I 86 5.89 -26.30 5.41
N TYR I 87 6.95 -25.53 5.59
CA TYR I 87 8.30 -26.09 5.71
C TYR I 87 8.38 -27.07 6.88
N GLU I 88 7.96 -26.62 8.07
CA GLU I 88 8.01 -27.47 9.24
C GLU I 88 7.09 -28.67 9.09
N PHE I 89 5.90 -28.47 8.53
CA PHE I 89 4.97 -29.58 8.35
C PHE I 89 5.55 -30.65 7.43
N ILE I 90 6.18 -30.23 6.34
CA ILE I 90 6.74 -31.19 5.39
C ILE I 90 7.92 -31.93 6.00
N GLU I 91 8.77 -31.22 6.76
CA GLU I 91 9.87 -31.90 7.42
C GLU I 91 9.38 -32.94 8.42
N GLU I 92 8.36 -32.57 9.22
CA GLU I 92 7.81 -33.52 10.17
C GLU I 92 7.16 -34.71 9.46
N VAL I 93 6.49 -34.45 8.34
CA VAL I 93 5.88 -35.53 7.57
C VAL I 93 6.94 -36.50 7.06
N ARG I 94 8.05 -35.98 6.55
CA ARG I 94 9.12 -36.86 6.08
C ARG I 94 9.71 -37.68 7.22
N TYR I 95 9.91 -37.05 8.39
CA TYR I 95 10.43 -37.79 9.54
C TYR I 95 9.49 -38.91 9.95
N ARG I 96 8.18 -38.62 9.98
CA ARG I 96 7.21 -39.64 10.37
C ARG I 96 7.11 -40.74 9.33
N ILE I 97 7.27 -40.40 8.05
CA ILE I 97 7.27 -41.42 6.99
C ILE I 97 8.44 -42.36 7.18
N ASN I 98 9.63 -41.82 7.49
CA ASN I 98 10.78 -42.68 7.74
C ASN I 98 10.57 -43.56 8.95
N LYS I 99 9.98 -43.01 10.02
CA LYS I 99 9.68 -43.81 11.20
C LYS I 99 8.71 -44.94 10.87
N GLY I 100 7.68 -44.64 10.08
CA GLY I 100 6.74 -45.67 9.69
C GLY I 100 7.37 -46.77 8.84
N LEU I 101 8.27 -46.38 7.94
CA LEU I 101 8.99 -47.38 7.14
C LEU I 101 9.83 -48.28 8.04
N ARG I 102 10.50 -47.70 9.04
CA ARG I 102 11.27 -48.51 9.97
C ARG I 102 10.37 -49.48 10.74
N ILE I 103 9.21 -48.99 11.19
CA ILE I 103 8.28 -49.84 11.93
C ILE I 103 7.78 -50.99 11.05
N ALA I 104 7.45 -50.68 9.80
CA ALA I 104 6.98 -51.71 8.88
C ALA I 104 8.05 -52.76 8.63
N GLU I 105 9.31 -52.32 8.43
CA GLU I 105 10.40 -53.28 8.24
C GLU I 105 10.55 -54.17 9.46
N GLU I 106 10.51 -53.58 10.66
CA GLU I 106 10.65 -54.35 11.89
C GLU I 106 9.55 -55.39 12.00
N HIS I 107 8.31 -54.99 11.72
CA HIS I 107 7.19 -55.90 11.89
C HIS I 107 7.19 -57.00 10.83
N THR I 108 7.59 -56.69 9.60
CA THR I 108 7.70 -57.73 8.58
C THR I 108 8.82 -58.72 8.91
N LYS I 109 9.94 -58.23 9.44
CA LYS I 109 10.99 -59.15 9.88
C LYS I 109 10.53 -60.01 11.03
N GLU I 110 9.76 -59.44 11.96
CA GLU I 110 9.24 -60.21 13.08
C GLU I 110 8.27 -61.29 12.61
N ALA I 111 7.39 -60.95 11.67
CA ALA I 111 6.39 -61.91 11.20
C ALA I 111 7.02 -63.04 10.39
N GLY I 112 8.21 -62.84 9.84
CA GLY I 112 8.86 -63.89 9.08
C GLY I 112 9.47 -65.01 9.90
N LYS I 113 9.56 -64.83 11.22
CA LYS I 113 10.08 -65.83 12.12
C LYS I 113 8.99 -66.39 13.04
N LEU I 114 7.74 -66.40 12.56
CA LEU I 114 6.62 -66.79 13.40
C LEU I 114 5.63 -67.68 12.65
N ALA I 115 5.92 -68.04 11.39
CA ALA I 115 5.12 -68.97 10.61
C ALA I 115 3.71 -68.46 10.36
N GLU I 116 2.87 -69.29 9.73
CA GLU I 116 1.57 -68.83 9.23
C GLU I 116 0.56 -68.56 10.34
N GLU I 117 0.70 -69.19 11.51
CA GLU I 117 -0.23 -68.96 12.59
C GLU I 117 0.22 -67.78 13.43
N GLU I 118 -0.72 -67.20 14.18
CA GLU I 118 -0.51 -66.07 15.08
C GLU I 118 -0.08 -64.81 14.34
N VAL I 119 -0.22 -64.77 13.00
CA VAL I 119 0.13 -63.58 12.25
C VAL I 119 -0.82 -62.42 12.60
N GLY I 120 -2.06 -62.74 13.00
CA GLY I 120 -3.03 -61.69 13.27
C GLY I 120 -2.61 -60.76 14.40
N ARG I 121 -1.99 -61.31 15.44
CA ARG I 121 -1.50 -60.46 16.53
C ARG I 121 -0.40 -59.54 16.04
N VAL I 122 0.49 -60.04 15.19
CA VAL I 122 1.53 -59.21 14.60
C VAL I 122 0.93 -58.09 13.78
N VAL I 123 -0.12 -58.41 13.01
CA VAL I 123 -0.78 -57.39 12.19
C VAL I 123 -1.44 -56.33 13.07
N ASN I 124 -2.09 -56.76 14.14
CA ASN I 124 -2.72 -55.81 15.05
C ASN I 124 -1.70 -54.89 15.70
N ARG I 125 -0.56 -55.45 16.12
CA ARG I 125 0.50 -54.63 16.70
C ARG I 125 1.08 -53.67 15.65
N LEU I 126 1.22 -54.14 14.41
CA LEU I 126 1.70 -53.28 13.34
C LEU I 126 0.76 -52.10 13.12
N ARG I 127 -0.55 -52.36 13.13
CA ARG I 127 -1.51 -51.27 12.99
C ARG I 127 -1.41 -50.28 14.14
N GLU I 128 -1.44 -50.78 15.38
CA GLU I 128 -1.42 -49.90 16.54
C GLU I 128 -0.10 -49.15 16.69
N LYS I 129 0.97 -49.62 16.06
CA LYS I 129 2.22 -48.88 16.08
C LYS I 129 2.30 -47.88 14.93
N TYR I 130 1.94 -48.29 13.71
CA TYR I 130 2.03 -47.42 12.55
C TYR I 130 1.09 -46.22 12.67
N ARG I 131 -0.14 -46.44 13.13
CA ARG I 131 -1.08 -45.34 13.25
C ARG I 131 -0.61 -44.31 14.27
N GLU I 132 -0.10 -44.78 15.41
CA GLU I 132 0.42 -43.85 16.41
C GLU I 132 1.69 -43.17 15.94
N ALA I 133 2.50 -43.84 15.13
CA ALA I 133 3.72 -43.21 14.63
C ALA I 133 3.41 -42.11 13.63
N LEU I 134 2.42 -42.32 12.77
CA LEU I 134 2.14 -41.40 11.68
C LEU I 134 0.99 -40.44 11.94
N ARG I 135 0.29 -40.56 13.08
CA ARG I 135 -0.89 -39.73 13.29
C ARG I 135 -1.02 -39.17 14.70
N ALA I 136 0.02 -39.27 15.54
CA ALA I 136 -0.02 -38.73 16.89
C ALA I 136 0.99 -37.60 17.01
N GLY I 137 0.53 -36.43 17.44
CA GLY I 137 1.39 -35.28 17.56
C GLY I 137 1.51 -34.43 16.32
N ILE I 138 0.59 -34.57 15.37
CA ILE I 138 0.63 -33.80 14.13
C ILE I 138 -0.78 -33.68 13.59
N ILE I 139 -1.00 -32.68 12.74
CA ILE I 139 -2.29 -32.50 12.08
C ILE I 139 -2.33 -33.42 10.87
N ASP I 140 -3.32 -34.32 10.83
CA ASP I 140 -3.41 -35.34 9.80
C ASP I 140 -4.67 -35.26 8.96
N SER I 141 -5.81 -34.89 9.53
CA SER I 141 -7.05 -34.80 8.79
C SER I 141 -7.29 -33.37 8.32
N LYS I 142 -8.21 -33.23 7.37
CA LYS I 142 -8.58 -31.91 6.86
C LYS I 142 -9.50 -31.15 7.80
N GLU I 143 -10.06 -31.82 8.81
CA GLU I 143 -10.88 -31.13 9.80
C GLU I 143 -10.03 -30.35 10.80
N ASP I 144 -8.82 -30.83 11.09
CA ASP I 144 -7.91 -30.08 11.94
C ASP I 144 -7.53 -28.75 11.28
N VAL I 145 -7.33 -28.77 9.95
CA VAL I 145 -7.07 -27.54 9.23
C VAL I 145 -8.27 -26.60 9.31
N ASP I 146 -9.48 -27.16 9.27
CA ASP I 146 -10.68 -26.34 9.42
C ASP I 146 -10.74 -25.70 10.80
N VAL I 147 -10.38 -26.46 11.84
CA VAL I 147 -10.37 -25.92 13.20
C VAL I 147 -9.33 -24.81 13.31
N LEU I 148 -8.14 -25.03 12.75
CA LEU I 148 -7.08 -24.03 12.82
C LEU I 148 -7.46 -22.76 12.08
N LEU I 149 -8.03 -22.88 10.88
CA LEU I 149 -8.34 -21.71 10.08
C LEU I 149 -9.55 -20.95 10.62
N LEU I 150 -10.51 -21.65 11.20
CA LEU I 150 -11.66 -20.97 11.79
C LEU I 150 -11.27 -20.21 13.04
N SER I 151 -10.35 -20.75 13.84
CA SER I 151 -9.88 -20.04 15.02
C SER I 151 -9.00 -18.85 14.65
N TYR I 152 -8.16 -19.02 13.63
CA TYR I 152 -7.29 -17.94 13.17
C TYR I 152 -8.07 -16.81 12.50
N GLU I 153 -9.24 -17.11 11.95
CA GLU I 153 -10.04 -16.12 11.23
C GLU I 153 -11.01 -15.37 12.14
N LEU I 154 -11.57 -16.03 13.15
CA LEU I 154 -12.52 -15.41 14.06
C LEU I 154 -11.87 -14.85 15.31
N ASP I 155 -10.56 -15.02 15.47
CA ASP I 155 -9.83 -14.59 16.66
C ASP I 155 -10.49 -15.13 17.92
N ALA I 156 -10.67 -16.45 17.94
CA ALA I 156 -11.42 -17.13 18.99
C ALA I 156 -10.51 -18.06 19.78
N ILE I 157 -10.97 -18.40 20.98
CA ILE I 157 -10.25 -19.33 21.85
C ILE I 157 -10.51 -20.75 21.36
N LEU I 158 -9.44 -21.50 21.12
CA LEU I 158 -9.53 -22.84 20.59
C LEU I 158 -9.57 -23.85 21.74
N VAL I 159 -10.61 -24.67 21.77
CA VAL I 159 -10.75 -25.73 22.76
C VAL I 159 -10.63 -27.06 22.03
N SER I 160 -9.67 -27.88 22.45
CA SER I 160 -9.41 -29.15 21.78
C SER I 160 -8.63 -30.07 22.71
N GLY I 161 -9.08 -31.32 22.81
CA GLY I 161 -8.39 -32.32 23.59
C GLY I 161 -7.20 -32.96 22.91
N ASP I 162 -6.91 -32.56 21.67
CA ASP I 162 -5.76 -33.08 20.96
C ASP I 162 -4.48 -32.47 21.51
N GLU I 163 -3.35 -32.91 20.97
CA GLU I 163 -2.05 -32.37 21.38
C GLU I 163 -1.31 -31.79 20.19
N GLY I 164 -1.50 -32.37 19.01
CA GLY I 164 -0.94 -31.78 17.81
C GLY I 164 -1.68 -30.52 17.39
N LEU I 165 -2.98 -30.46 17.66
CA LEU I 165 -3.76 -29.27 17.33
C LEU I 165 -3.24 -28.05 18.11
N ARG I 166 -3.03 -28.22 19.42
CA ARG I 166 -2.47 -27.13 20.21
C ARG I 166 -1.05 -26.81 19.76
N LYS I 167 -0.26 -27.83 19.44
CA LYS I 167 1.12 -27.62 19.04
C LYS I 167 1.21 -26.78 17.77
N TRP I 168 0.33 -27.04 16.80
CA TRP I 168 0.34 -26.26 15.57
C TRP I 168 -0.51 -25.00 15.66
N ALA I 169 -1.32 -24.85 16.71
CA ALA I 169 -2.01 -23.59 16.95
C ALA I 169 -1.11 -22.56 17.62
N ASP I 170 -0.19 -23.01 18.48
CA ASP I 170 0.81 -22.10 19.02
C ASP I 170 1.78 -21.60 17.96
N ARG I 171 1.87 -22.29 16.82
CA ARG I 171 2.75 -21.87 15.75
C ARG I 171 2.19 -20.70 14.96
N VAL I 172 0.89 -20.47 15.02
CA VAL I 172 0.26 -19.39 14.28
C VAL I 172 -0.26 -18.27 15.16
N GLY I 173 -0.35 -18.47 16.47
CA GLY I 173 -0.76 -17.42 17.37
C GLY I 173 -2.25 -17.41 17.67
N ILE I 174 -2.81 -18.56 17.99
CA ILE I 174 -4.22 -18.70 18.34
C ILE I 174 -4.32 -18.86 19.85
N LYS I 175 -5.22 -18.10 20.48
CA LYS I 175 -5.44 -18.21 21.91
C LYS I 175 -5.94 -19.61 22.25
N LEU I 176 -5.33 -20.23 23.25
CA LEU I 176 -5.64 -21.60 23.62
C LEU I 176 -6.24 -21.65 25.03
N ILE I 177 -6.50 -22.87 25.49
CA ILE I 177 -7.18 -23.08 26.77
C ILE I 177 -6.91 -24.52 27.19
N ASP I 178 -7.02 -24.77 28.50
CA ASP I 178 -6.96 -26.14 29.01
C ASP I 178 -8.36 -26.74 28.95
N PRO I 179 -8.55 -27.85 28.24
CA PRO I 179 -9.92 -28.38 28.06
C PRO I 179 -10.60 -28.81 29.35
N LYS I 180 -9.85 -29.10 30.41
CA LYS I 180 -10.44 -29.55 31.66
C LYS I 180 -10.94 -28.41 32.53
N ASN I 181 -10.60 -27.16 32.20
CA ASN I 181 -11.06 -25.99 32.94
C ASN I 181 -12.21 -25.27 32.24
N LEU I 182 -12.76 -25.85 31.18
CA LEU I 182 -13.81 -25.18 30.42
C LEU I 182 -15.05 -24.95 31.27
N ARG I 183 -15.49 -25.98 31.98
CA ARG I 183 -16.74 -25.88 32.75
C ARG I 183 -16.69 -24.72 33.73
N TYR I 184 -15.64 -24.67 34.56
CA TYR I 184 -15.51 -23.59 35.53
C TYR I 184 -15.45 -22.23 34.85
N ILE I 185 -14.93 -22.19 33.61
CA ILE I 185 -14.92 -20.93 32.87
C ILE I 185 -16.33 -20.56 32.43
N MET I 186 -17.12 -21.54 32.01
CA MET I 186 -18.46 -21.26 31.50
C MET I 186 -19.46 -20.92 32.60
N GLU I 187 -19.19 -21.32 33.85
CA GLU I 187 -20.08 -20.98 34.95
C GLU I 187 -19.83 -19.59 35.50
N ASN I 188 -18.73 -18.93 35.11
CA ASN I 188 -18.42 -17.59 35.57
C ASN I 188 -18.52 -16.54 34.48
N LEU I 189 -18.62 -16.93 33.23
CA LEU I 189 -18.73 -15.98 32.12
C LEU I 189 -20.17 -15.55 31.92
N ASP J 2 34.06 6.25 -12.35
CA ASP J 2 34.01 6.66 -10.96
C ASP J 2 34.00 8.18 -10.84
N THR J 3 33.24 8.68 -9.86
CA THR J 3 33.11 10.12 -9.62
C THR J 3 33.55 10.44 -8.20
N PHE J 4 34.29 11.54 -8.06
CA PHE J 4 34.78 12.02 -6.78
C PHE J 4 34.09 13.33 -6.40
N VAL J 5 34.26 13.71 -5.14
CA VAL J 5 33.75 14.98 -4.62
C VAL J 5 34.93 15.66 -3.92
N LEU J 6 35.36 16.79 -4.48
CA LEU J 6 36.50 17.51 -3.92
C LEU J 6 36.06 18.41 -2.76
N ASP J 7 37.05 18.92 -2.03
CA ASP J 7 36.82 19.78 -0.88
C ASP J 7 37.96 20.77 -0.76
N THR J 8 37.74 21.81 0.05
CA THR J 8 38.80 22.81 0.26
C THR J 8 40.02 22.18 0.91
N SER J 9 39.81 21.28 1.86
CA SER J 9 40.93 20.69 2.59
C SER J 9 41.88 19.91 1.68
N VAL J 10 41.43 19.54 0.49
CA VAL J 10 42.31 18.87 -0.47
C VAL J 10 43.40 19.83 -0.93
N PHE J 11 43.07 21.11 -1.12
CA PHE J 11 44.00 22.09 -1.66
C PHE J 11 44.56 23.04 -0.61
N THR J 12 44.02 23.04 0.61
CA THR J 12 44.52 23.91 1.66
C THR J 12 45.42 23.20 2.67
N ASN J 13 45.07 21.98 3.06
CA ASN J 13 45.88 21.24 4.02
C ASN J 13 47.20 20.84 3.38
N PRO J 14 48.35 21.27 3.93
CA PRO J 14 49.63 20.97 3.26
C PRO J 14 49.92 19.49 3.11
N ASP J 15 49.55 18.67 4.10
CA ASP J 15 49.84 17.24 4.02
C ASP J 15 49.02 16.56 2.92
N VAL J 16 47.95 17.20 2.47
CA VAL J 16 47.11 16.61 1.43
C VAL J 16 47.66 16.92 0.04
N TYR J 17 48.00 18.18 -0.22
CA TYR J 17 48.52 18.55 -1.53
C TYR J 17 50.04 18.42 -1.63
N HIS J 18 50.70 17.92 -0.58
CA HIS J 18 52.14 17.63 -0.70
C HIS J 18 52.42 16.50 -1.67
N GLN J 19 51.40 15.73 -2.07
CA GLN J 19 51.60 14.69 -3.07
C GLN J 19 52.02 15.28 -4.40
N PHE J 20 51.40 16.40 -4.78
CA PHE J 20 51.70 17.01 -6.08
C PHE J 20 52.98 17.83 -6.03
N GLU J 21 52.99 18.90 -5.23
CA GLU J 21 54.16 19.74 -5.06
C GLU J 21 54.10 20.38 -3.68
N GLU J 22 55.26 20.84 -3.22
CA GLU J 22 55.37 21.50 -1.92
C GLU J 22 55.20 23.01 -2.06
N ASP J 23 54.09 23.39 -2.69
CA ASP J 23 53.77 24.79 -2.92
C ASP J 23 52.30 24.89 -3.31
N GLN J 24 51.55 25.73 -2.61
CA GLN J 24 50.11 25.83 -2.88
C GLN J 24 49.83 26.84 -4.00
N LEU J 25 50.62 26.73 -5.07
CA LEU J 25 50.28 27.31 -6.35
C LEU J 25 50.73 26.43 -7.51
N GLY J 26 51.35 25.28 -7.24
CA GLY J 26 51.75 24.35 -8.26
C GLY J 26 51.09 23.01 -8.04
N ALA J 27 50.63 22.78 -6.81
CA ALA J 27 49.84 21.59 -6.52
C ALA J 27 48.53 21.61 -7.31
N ILE J 28 47.87 22.76 -7.37
CA ILE J 28 46.63 22.88 -8.13
C ILE J 28 46.91 22.69 -9.62
N GLU J 29 48.01 23.27 -10.12
CA GLU J 29 48.37 23.09 -11.52
C GLU J 29 48.64 21.62 -11.84
N ASN J 30 49.38 20.93 -10.97
CA ASN J 30 49.65 19.51 -11.19
C ASN J 30 48.37 18.69 -11.14
N PHE J 31 47.47 19.02 -10.20
CA PHE J 31 46.20 18.33 -10.12
C PHE J 31 45.38 18.52 -11.39
N ILE J 32 45.37 19.74 -11.92
CA ILE J 32 44.64 20.02 -13.16
C ILE J 32 45.25 19.23 -14.32
N SER J 33 46.57 19.23 -14.41
CA SER J 33 47.24 18.51 -15.49
C SER J 33 46.96 17.01 -15.41
N LEU J 34 46.94 16.45 -14.20
CA LEU J 34 46.66 15.02 -14.04
C LEU J 34 45.20 14.72 -14.35
N ALA J 35 44.28 15.55 -13.87
CA ALA J 35 42.86 15.35 -14.13
C ALA J 35 42.48 15.55 -15.59
N SER J 36 43.31 16.26 -16.36
CA SER J 36 43.09 16.39 -17.80
C SER J 36 43.43 15.12 -18.57
N HIS J 37 43.86 14.07 -17.88
CA HIS J 37 44.19 12.79 -18.51
C HIS J 37 43.43 11.62 -17.92
N THR J 38 43.14 11.65 -16.62
CA THR J 38 42.41 10.56 -16.00
C THR J 38 40.97 10.51 -16.49
N ASN J 39 40.40 9.30 -16.50
CA ASN J 39 39.03 9.09 -16.95
C ASN J 39 38.10 9.00 -15.74
N ALA J 40 37.80 10.17 -15.18
CA ALA J 40 36.93 10.28 -14.01
C ALA J 40 36.23 11.63 -14.04
N ASN J 41 35.14 11.71 -13.27
CA ASN J 41 34.36 12.93 -13.13
C ASN J 41 34.64 13.56 -11.79
N PHE J 42 34.97 14.86 -11.79
CA PHE J 42 35.31 15.59 -10.58
C PHE J 42 34.23 16.64 -10.34
N PHE J 43 33.58 16.57 -9.18
CA PHE J 43 32.51 17.49 -8.80
C PHE J 43 32.87 18.16 -7.48
N MET J 44 32.48 19.43 -7.35
CA MET J 44 32.63 20.16 -6.10
C MET J 44 31.43 21.08 -5.93
N PRO J 45 30.84 21.14 -4.75
CA PRO J 45 29.68 22.01 -4.52
C PRO J 45 30.02 23.47 -4.75
N THR J 46 29.03 24.22 -5.25
CA THR J 46 29.26 25.62 -5.59
C THR J 46 29.49 26.45 -4.33
N SER J 47 28.95 26.05 -3.18
CA SER J 47 29.24 26.71 -1.93
C SER J 47 30.65 26.40 -1.44
N VAL J 48 31.24 25.29 -1.89
CA VAL J 48 32.63 24.98 -1.58
C VAL J 48 33.59 25.69 -2.53
N TYR J 49 33.19 25.94 -3.78
CA TYR J 49 34.01 26.69 -4.71
C TYR J 49 34.12 28.16 -4.33
N TYR J 50 33.17 28.69 -3.56
CA TYR J 50 33.29 30.07 -3.09
C TYR J 50 34.42 30.22 -2.08
N GLU J 51 34.48 29.30 -1.11
CA GLU J 51 35.56 29.33 -0.13
C GLU J 51 36.91 29.08 -0.79
N PHE J 52 36.95 28.23 -1.82
CA PHE J 52 38.19 27.98 -2.55
C PHE J 52 38.66 29.21 -3.31
N THR J 53 37.79 30.20 -3.53
CA THR J 53 38.15 31.42 -4.23
C THR J 53 38.42 32.59 -3.30
N LYS J 54 37.82 32.59 -2.10
CA LYS J 54 38.08 33.67 -1.15
C LYS J 54 39.39 33.43 -0.39
N MET J 55 39.50 32.29 0.28
CA MET J 55 40.68 32.03 1.11
C MET J 55 41.91 31.78 0.26
N VAL J 56 41.73 31.36 -0.99
CA VAL J 56 42.84 31.14 -1.91
C VAL J 56 42.69 32.09 -3.08
N SER J 57 43.75 32.83 -3.38
CA SER J 57 43.78 33.75 -4.51
C SER J 57 44.31 32.98 -5.72
N LEU J 58 43.41 32.65 -6.64
CA LEU J 58 43.75 31.84 -7.80
C LEU J 58 43.64 32.69 -9.07
N GLY J 59 44.71 32.71 -9.85
CA GLY J 59 44.72 33.45 -11.10
C GLY J 59 45.31 32.64 -12.25
N ASP J 60 44.72 32.77 -13.43
CA ASP J 60 45.17 32.11 -14.66
C ASP J 60 44.99 30.60 -14.50
N LEU J 61 44.45 30.18 -13.36
CA LEU J 61 44.17 28.76 -13.13
C LEU J 61 42.69 28.46 -12.99
N ALA J 62 41.86 29.46 -12.70
CA ALA J 62 40.43 29.25 -12.67
C ALA J 62 39.85 28.74 -13.99
N PRO J 63 40.25 29.27 -15.17
CA PRO J 63 39.74 28.66 -16.42
C PRO J 63 40.08 27.18 -16.54
N LYS J 64 41.33 26.80 -16.27
CA LYS J 64 41.70 25.39 -16.33
C LYS J 64 40.92 24.56 -15.33
N PHE J 65 40.75 25.09 -14.11
CA PHE J 65 40.03 24.36 -13.08
C PHE J 65 38.59 24.10 -13.48
N GLU J 66 37.89 25.15 -13.91
CA GLU J 66 36.49 24.96 -14.31
C GLU J 66 36.36 24.20 -15.62
N LEU J 67 37.42 24.13 -16.43
CA LEU J 67 37.40 23.27 -17.61
C LEU J 67 37.54 21.80 -17.25
N VAL J 68 38.41 21.48 -16.29
CA VAL J 68 38.68 20.09 -15.94
C VAL J 68 37.88 19.61 -14.73
N VAL J 69 37.32 20.53 -13.93
CA VAL J 69 36.45 20.18 -12.82
C VAL J 69 35.06 20.74 -13.10
N ARG J 70 34.05 20.15 -12.47
CA ARG J 70 32.67 20.56 -12.66
C ARG J 70 32.10 21.03 -11.33
N ILE J 71 31.26 22.06 -11.38
CA ILE J 71 30.71 22.70 -10.19
C ILE J 71 29.19 22.60 -10.24
N ARG J 72 28.61 22.06 -9.17
CA ARG J 72 27.15 21.94 -9.07
C ARG J 72 26.75 21.91 -7.60
N SER J 73 25.56 22.43 -7.32
CA SER J 73 25.03 22.36 -5.96
C SER J 73 24.07 21.19 -5.83
N PRO J 74 24.09 20.49 -4.70
CA PRO J 74 23.18 19.36 -4.51
C PRO J 74 21.72 19.82 -4.51
N ARG J 75 20.86 18.98 -5.07
CA ARG J 75 19.43 19.27 -5.17
C ARG J 75 18.74 18.84 -3.87
N LYS J 76 18.96 19.66 -2.83
CA LYS J 76 18.44 19.36 -1.51
C LYS J 76 16.91 19.43 -1.43
N TRP J 77 16.25 20.04 -2.42
CA TRP J 77 14.79 20.04 -2.44
C TRP J 77 14.22 18.66 -2.74
N GLY J 78 15.03 17.75 -3.27
CA GLY J 78 14.59 16.41 -3.55
C GLY J 78 15.41 15.36 -2.83
N LEU J 79 15.77 15.65 -1.58
CA LEU J 79 16.60 14.76 -0.78
C LEU J 79 15.99 14.60 0.60
N MET J 80 16.28 13.46 1.24
CA MET J 80 15.76 13.14 2.56
C MET J 80 16.90 12.70 3.46
N VAL J 81 16.71 12.93 4.76
CA VAL J 81 17.74 12.60 5.75
C VAL J 81 17.10 11.75 6.84
N PRO J 82 17.77 10.68 7.29
CA PRO J 82 17.23 9.89 8.40
C PRO J 82 17.06 10.74 9.66
N ALA J 83 16.04 10.40 10.44
CA ALA J 83 15.66 11.19 11.61
C ALA J 83 16.59 11.00 12.80
N GLU J 84 17.38 9.92 12.84
CA GLU J 84 18.30 9.69 13.94
C GLU J 84 19.64 10.41 13.75
N PHE J 85 19.89 10.95 12.56
CA PHE J 85 21.03 11.84 12.37
C PHE J 85 20.90 13.08 13.26
N LEU J 86 19.70 13.64 13.34
CA LEU J 86 19.46 14.82 14.17
C LEU J 86 19.69 14.51 15.64
N TYR J 87 19.34 13.31 16.08
CA TYR J 87 19.54 12.93 17.48
C TYR J 87 21.02 12.95 17.85
N GLU J 88 21.85 12.28 17.05
CA GLU J 88 23.29 12.28 17.31
C GLU J 88 23.88 13.67 17.23
N PHE J 89 23.45 14.46 16.23
CA PHE J 89 23.97 15.82 16.11
C PHE J 89 23.59 16.67 17.33
N ILE J 90 22.35 16.54 17.80
CA ILE J 90 21.90 17.31 18.96
C ILE J 90 22.70 16.94 20.20
N GLU J 91 22.88 15.63 20.43
CA GLU J 91 23.63 15.20 21.61
C GLU J 91 25.08 15.68 21.56
N GLU J 92 25.73 15.55 20.40
CA GLU J 92 27.11 16.00 20.28
C GLU J 92 27.21 17.50 20.47
N VAL J 93 26.26 18.26 19.92
CA VAL J 93 26.28 19.72 20.05
C VAL J 93 26.11 20.13 21.51
N ARG J 94 25.19 19.46 22.22
CA ARG J 94 24.99 19.79 23.63
C ARG J 94 26.24 19.52 24.45
N TYR J 95 26.87 18.36 24.22
CA TYR J 95 28.08 18.02 24.95
C TYR J 95 29.20 19.02 24.65
N ARG J 96 29.36 19.39 23.38
CA ARG J 96 30.41 20.35 23.02
C ARG J 96 30.12 21.72 23.58
N ILE J 97 28.85 22.11 23.66
CA ILE J 97 28.49 23.41 24.24
C ILE J 97 28.86 23.43 25.72
N ASN J 98 28.56 22.34 26.44
CA ASN J 98 28.95 22.28 27.85
C ASN J 98 30.47 22.36 28.00
N LYS J 99 31.20 21.64 27.14
CA LYS J 99 32.66 21.68 27.21
C LYS J 99 33.19 23.08 26.93
N GLY J 100 32.61 23.76 25.95
CA GLY J 100 33.04 25.12 25.64
C GLY J 100 32.75 26.10 26.76
N LEU J 101 31.60 25.94 27.42
CA LEU J 101 31.31 26.78 28.57
C LEU J 101 32.32 26.54 29.69
N ARG J 102 32.69 25.28 29.92
CA ARG J 102 33.71 24.98 30.92
C ARG J 102 35.04 25.63 30.56
N ILE J 103 35.43 25.55 29.28
CA ILE J 103 36.69 26.15 28.84
C ILE J 103 36.67 27.66 29.03
N ALA J 104 35.56 28.29 28.67
CA ALA J 104 35.44 29.75 28.83
C ALA J 104 35.53 30.13 30.30
N GLU J 105 34.87 29.38 31.18
CA GLU J 105 34.97 29.66 32.61
C GLU J 105 36.40 29.50 33.12
N GLU J 106 37.09 28.45 32.68
CA GLU J 106 38.46 28.24 33.12
C GLU J 106 39.37 29.38 32.66
N HIS J 107 39.23 29.82 31.41
CA HIS J 107 40.06 30.91 30.91
C HIS J 107 39.69 32.26 31.50
N THR J 108 38.44 32.44 31.95
CA THR J 108 38.09 33.66 32.67
C THR J 108 38.69 33.65 34.07
N LYS J 109 38.60 32.52 34.77
CA LYS J 109 39.16 32.43 36.11
C LYS J 109 40.68 32.54 36.09
N GLU J 110 41.34 32.00 35.06
CA GLU J 110 42.79 32.08 34.99
C GLU J 110 43.27 33.52 34.76
N ALA J 111 42.51 34.32 34.01
CA ALA J 111 42.85 35.71 33.77
C ALA J 111 42.35 36.64 34.88
N GLY J 112 41.46 36.16 35.74
CA GLY J 112 41.01 36.94 36.86
C GLY J 112 42.03 37.03 37.98
N LYS J 113 43.10 36.23 37.88
CA LYS J 113 44.17 36.25 38.87
C LYS J 113 45.35 37.11 38.45
N LEU J 114 45.50 37.39 37.15
CA LEU J 114 46.61 38.19 36.64
C LEU J 114 46.29 39.67 36.56
N ALA J 115 45.10 40.07 37.02
CA ALA J 115 44.62 41.45 36.92
C ALA J 115 44.73 41.96 35.50
N GLU J 116 45.47 43.05 35.29
CA GLU J 116 45.68 43.61 33.96
C GLU J 116 47.14 43.34 33.59
N GLU J 117 47.37 42.15 33.01
CA GLU J 117 48.70 41.73 32.58
C GLU J 117 48.59 40.47 31.73
N GLU J 118 49.22 40.48 30.56
CA GLU J 118 49.23 39.35 29.64
C GLU J 118 47.81 38.94 29.23
N VAL J 119 46.90 39.91 29.12
CA VAL J 119 45.52 39.61 28.76
C VAL J 119 45.42 39.12 27.32
N GLY J 120 46.23 39.71 26.43
CA GLY J 120 46.16 39.35 25.02
C GLY J 120 46.49 37.89 24.76
N ARG J 121 47.54 37.39 25.41
CA ARG J 121 47.88 35.98 25.25
C ARG J 121 46.80 35.07 25.83
N VAL J 122 46.17 35.49 26.93
CA VAL J 122 45.05 34.72 27.47
C VAL J 122 43.89 34.67 26.48
N VAL J 123 43.60 35.79 25.83
CA VAL J 123 42.52 35.83 24.83
C VAL J 123 42.87 34.93 23.65
N ASN J 124 44.14 34.95 23.22
CA ASN J 124 44.56 34.09 22.12
C ASN J 124 44.42 32.61 22.49
N ARG J 125 44.80 32.25 23.73
CA ARG J 125 44.64 30.88 24.19
C ARG J 125 43.16 30.48 24.23
N LEU J 126 42.30 31.39 24.68
CA LEU J 126 40.87 31.11 24.69
C LEU J 126 40.35 30.91 23.27
N ARG J 127 40.81 31.74 22.33
CA ARG J 127 40.43 31.58 20.93
C ARG J 127 40.80 30.18 20.42
N GLU J 128 42.06 29.78 20.66
CA GLU J 128 42.51 28.48 20.16
C GLU J 128 41.74 27.34 20.80
N LYS J 129 41.52 27.41 22.12
CA LYS J 129 40.79 26.34 22.81
C LYS J 129 39.36 26.25 22.32
N TYR J 130 38.69 27.39 22.17
CA TYR J 130 37.31 27.39 21.70
C TYR J 130 37.22 26.84 20.28
N ARG J 131 38.14 27.23 19.41
CA ARG J 131 38.16 26.71 18.04
C ARG J 131 38.32 25.20 18.04
N GLU J 132 39.36 24.71 18.72
CA GLU J 132 39.68 23.29 18.69
C GLU J 132 38.72 22.44 19.50
N ALA J 133 37.87 23.04 20.33
CA ALA J 133 36.88 22.28 21.10
C ALA J 133 35.47 22.41 20.57
N LEU J 134 35.19 23.36 19.67
CA LEU J 134 33.84 23.52 19.15
C LEU J 134 33.76 23.43 17.63
N ARG J 135 34.88 23.33 16.92
CA ARG J 135 34.82 23.26 15.46
C ARG J 135 35.76 22.22 14.87
N ALA J 136 36.16 21.21 15.64
CA ALA J 136 37.03 20.15 15.15
C ALA J 136 36.38 18.80 15.45
N GLY J 137 36.27 17.96 14.42
CA GLY J 137 35.69 16.65 14.59
C GLY J 137 34.18 16.60 14.48
N ILE J 138 33.55 17.63 13.93
CA ILE J 138 32.10 17.68 13.77
C ILE J 138 31.78 18.58 12.60
N ILE J 139 30.64 18.33 11.97
CA ILE J 139 30.15 19.23 10.92
C ILE J 139 29.61 20.50 11.56
N ASP J 140 30.10 21.63 11.10
CA ASP J 140 29.76 22.91 11.73
C ASP J 140 29.20 23.94 10.76
N SER J 141 29.68 23.97 9.52
CA SER J 141 29.25 24.94 8.53
C SER J 141 28.30 24.29 7.52
N LYS J 142 27.59 25.14 6.78
CA LYS J 142 26.71 24.67 5.72
C LYS J 142 27.48 24.19 4.50
N GLU J 143 28.78 24.44 4.43
CA GLU J 143 29.61 23.92 3.35
C GLU J 143 30.02 22.47 3.58
N ASP J 144 29.78 21.93 4.77
CA ASP J 144 30.03 20.52 5.05
C ASP J 144 28.83 19.65 4.70
N VAL J 145 27.63 20.10 5.06
CA VAL J 145 26.41 19.43 4.60
C VAL J 145 26.33 19.49 3.09
N ASP J 146 26.88 20.55 2.49
CA ASP J 146 26.86 20.66 1.04
C ASP J 146 27.75 19.62 0.38
N VAL J 147 28.77 19.15 1.09
CA VAL J 147 29.59 18.05 0.59
C VAL J 147 28.94 16.70 0.89
N LEU J 148 28.31 16.58 2.06
CA LEU J 148 27.64 15.33 2.41
C LEU J 148 26.47 15.03 1.49
N LEU J 149 25.68 16.03 1.10
CA LEU J 149 24.50 15.81 0.27
C LEU J 149 24.82 15.69 -1.21
N LEU J 150 26.01 16.10 -1.64
CA LEU J 150 26.41 15.96 -3.04
C LEU J 150 26.96 14.57 -3.35
N SER J 151 27.47 13.86 -2.35
CA SER J 151 27.92 12.49 -2.52
C SER J 151 26.85 11.48 -2.14
N TYR J 152 25.97 11.83 -1.20
CA TYR J 152 24.80 11.02 -0.90
C TYR J 152 23.86 10.89 -2.10
N GLU J 153 23.80 11.92 -2.94
CA GLU J 153 22.88 11.93 -4.07
C GLU J 153 23.52 11.49 -5.39
N LEU J 154 24.84 11.58 -5.51
CA LEU J 154 25.54 11.16 -6.72
C LEU J 154 26.26 9.83 -6.58
N ASP J 155 26.27 9.24 -5.38
CA ASP J 155 26.98 7.99 -5.11
C ASP J 155 28.45 8.10 -5.53
N ALA J 156 29.12 9.09 -4.95
CA ALA J 156 30.49 9.42 -5.30
C ALA J 156 31.42 9.09 -4.13
N ILE J 157 32.71 9.01 -4.44
CA ILE J 157 33.74 8.77 -3.43
C ILE J 157 34.19 10.11 -2.88
N LEU J 158 33.83 10.39 -1.63
CA LEU J 158 34.15 11.68 -1.02
C LEU J 158 35.64 11.79 -0.75
N VAL J 159 36.22 12.91 -1.16
CA VAL J 159 37.63 13.21 -0.94
C VAL J 159 37.69 14.45 -0.06
N SER J 160 38.27 14.32 1.13
CA SER J 160 38.36 15.43 2.07
C SER J 160 39.47 15.15 3.07
N GLY J 161 40.27 16.17 3.34
CA GLY J 161 41.32 16.08 4.34
C GLY J 161 40.87 16.28 5.76
N ASP J 162 39.60 16.63 5.96
CA ASP J 162 39.04 16.85 7.29
C ASP J 162 38.83 15.51 7.99
N GLU J 163 38.62 15.59 9.31
CA GLU J 163 38.29 14.42 10.10
C GLU J 163 36.83 14.40 10.52
N GLY J 164 36.22 15.56 10.78
CA GLY J 164 34.82 15.60 11.13
C GLY J 164 33.88 15.33 10.00
N LEU J 165 34.37 15.41 8.76
CA LEU J 165 33.56 15.06 7.60
C LEU J 165 33.45 13.55 7.42
N ARG J 166 34.52 12.82 7.69
CA ARG J 166 34.55 11.38 7.50
C ARG J 166 33.93 10.61 8.65
N LYS J 167 33.63 11.27 9.76
CA LYS J 167 32.90 10.64 10.85
C LYS J 167 31.41 10.59 10.58
N TRP J 168 30.87 11.60 9.90
CA TRP J 168 29.45 11.62 9.55
C TRP J 168 29.16 11.15 8.14
N ALA J 169 30.14 11.21 7.23
CA ALA J 169 29.97 10.58 5.93
C ALA J 169 29.90 9.06 6.06
N ASP J 170 30.57 8.49 7.03
CA ASP J 170 30.51 7.07 7.32
C ASP J 170 29.22 6.67 8.05
N ARG J 171 28.51 7.65 8.61
CA ARG J 171 27.27 7.38 9.33
C ARG J 171 26.05 7.29 8.43
N VAL J 172 26.18 7.72 7.17
CA VAL J 172 25.09 7.63 6.20
C VAL J 172 25.50 6.77 5.00
N GLY J 173 26.60 6.03 5.10
CA GLY J 173 27.02 5.12 4.06
C GLY J 173 27.51 5.79 2.79
N ILE J 174 28.65 6.47 2.85
CA ILE J 174 29.27 7.10 1.70
C ILE J 174 30.69 6.57 1.56
N LYS J 175 31.11 6.33 0.31
CA LYS J 175 32.47 5.88 0.06
C LYS J 175 33.47 6.90 0.58
N LEU J 176 34.56 6.40 1.16
CA LEU J 176 35.55 7.27 1.81
C LEU J 176 36.95 6.88 1.32
N ILE J 177 37.50 7.71 0.44
CA ILE J 177 38.87 7.52 -0.03
C ILE J 177 39.84 7.99 1.05
N ASP J 178 41.10 7.60 0.90
CA ASP J 178 42.16 8.16 1.73
C ASP J 178 42.73 9.41 1.06
N PRO J 179 42.66 10.58 1.69
CA PRO J 179 43.04 11.81 0.99
C PRO J 179 44.50 11.84 0.54
N LYS J 180 45.40 11.12 1.20
CA LYS J 180 46.81 11.13 0.84
C LYS J 180 47.12 10.30 -0.38
N ASN J 181 46.21 9.41 -0.81
CA ASN J 181 46.42 8.56 -1.96
C ASN J 181 45.74 9.10 -3.21
N LEU J 182 45.14 10.29 -3.14
CA LEU J 182 44.36 10.81 -4.26
C LEU J 182 45.17 10.89 -5.54
N ARG J 183 46.46 11.26 -5.42
CA ARG J 183 47.30 11.34 -6.61
C ARG J 183 47.52 9.98 -7.25
N TYR J 184 47.70 8.93 -6.43
CA TYR J 184 48.03 7.63 -7.01
C TYR J 184 46.86 7.06 -7.81
N ILE J 185 45.66 7.03 -7.20
CA ILE J 185 44.51 6.46 -7.87
C ILE J 185 44.17 7.26 -9.13
N MET J 186 44.20 8.59 -9.03
CA MET J 186 44.00 9.43 -10.20
C MET J 186 45.02 9.10 -11.30
N GLU J 187 46.24 8.71 -10.91
CA GLU J 187 47.23 8.34 -11.90
C GLU J 187 46.85 7.04 -12.61
N ASN J 188 46.17 6.14 -11.92
CA ASN J 188 45.87 4.84 -12.48
C ASN J 188 44.52 4.80 -13.19
N LEU J 189 43.58 5.65 -12.79
CA LEU J 189 42.27 5.69 -13.43
C LEU J 189 42.35 6.43 -14.76
N ASP K 2 -8.50 13.05 19.23
CA ASP K 2 -7.51 14.09 19.46
C ASP K 2 -6.42 13.60 20.41
N THR K 3 -5.17 13.92 20.10
CA THR K 3 -4.02 13.48 20.87
C THR K 3 -3.25 14.70 21.38
N PHE K 4 -2.84 14.64 22.65
CA PHE K 4 -2.15 15.75 23.31
C PHE K 4 -0.76 15.28 23.76
N VAL K 5 0.26 15.62 23.00
CA VAL K 5 1.63 15.34 23.41
C VAL K 5 2.11 16.46 24.32
N LEU K 6 2.55 16.10 25.52
CA LEU K 6 2.92 17.07 26.54
C LEU K 6 4.44 17.16 26.69
N ASP K 7 4.87 18.22 27.36
CA ASP K 7 6.28 18.45 27.66
C ASP K 7 6.41 18.85 29.12
N THR K 8 7.65 18.77 29.62
CA THR K 8 7.91 19.14 31.02
C THR K 8 7.56 20.60 31.28
N SER K 9 7.70 21.46 30.27
CA SER K 9 7.49 22.89 30.47
C SER K 9 6.09 23.19 30.99
N VAL K 10 5.11 22.37 30.60
CA VAL K 10 3.73 22.56 31.06
C VAL K 10 3.68 22.55 32.58
N PHE K 11 4.44 21.66 33.21
CA PHE K 11 4.55 21.59 34.65
C PHE K 11 5.80 22.28 35.18
N THR K 12 6.58 22.93 34.31
CA THR K 12 7.82 23.59 34.73
C THR K 12 7.69 25.11 34.74
N ASN K 13 7.19 25.69 33.65
CA ASN K 13 7.07 27.14 33.57
C ASN K 13 6.00 27.62 34.56
N PRO K 14 6.34 28.53 35.49
CA PRO K 14 5.37 28.92 36.52
C PRO K 14 4.08 29.51 35.97
N ASP K 15 4.14 30.23 34.85
CA ASP K 15 2.94 30.84 34.29
C ASP K 15 2.01 29.82 33.67
N VAL K 16 2.54 28.70 33.17
CA VAL K 16 1.71 27.73 32.45
C VAL K 16 0.75 27.02 33.40
N TYR K 17 1.25 26.55 34.55
CA TYR K 17 0.41 25.78 35.46
C TYR K 17 -0.33 26.64 36.48
N HIS K 18 -0.34 27.96 36.31
CA HIS K 18 -1.14 28.81 37.18
C HIS K 18 -2.62 28.72 36.88
N GLN K 19 -2.99 28.23 35.69
CA GLN K 19 -4.40 28.03 35.37
C GLN K 19 -5.01 26.93 36.23
N PHE K 20 -4.24 25.88 36.53
CA PHE K 20 -4.75 24.77 37.32
C PHE K 20 -4.78 25.11 38.80
N GLU K 21 -3.64 25.49 39.36
CA GLU K 21 -3.54 25.87 40.77
C GLU K 21 -2.31 26.76 40.92
N GLU K 22 -1.95 27.06 42.18
CA GLU K 22 -0.83 27.94 42.47
C GLU K 22 0.47 27.16 42.66
N ASP K 23 0.49 26.24 43.62
CA ASP K 23 1.67 25.43 43.86
C ASP K 23 1.82 24.37 42.78
N GLN K 24 3.06 23.90 42.60
CA GLN K 24 3.34 22.91 41.57
C GLN K 24 2.59 21.61 41.84
N LEU K 25 2.60 21.16 43.09
CA LEU K 25 1.92 19.91 43.43
C LEU K 25 0.41 20.04 43.24
N GLY K 26 -0.15 21.21 43.57
CA GLY K 26 -1.58 21.41 43.39
C GLY K 26 -2.00 21.41 41.93
N ALA K 27 -1.14 21.90 41.04
CA ALA K 27 -1.48 21.91 39.62
C ALA K 27 -1.48 20.50 39.04
N ILE K 28 -0.49 19.68 39.41
CA ILE K 28 -0.44 18.30 38.94
C ILE K 28 -1.63 17.51 39.48
N GLU K 29 -1.94 17.67 40.77
CA GLU K 29 -3.06 16.98 41.39
C GLU K 29 -4.40 17.40 40.80
N ASN K 30 -4.48 18.56 40.16
CA ASN K 30 -5.68 18.99 39.46
C ASN K 30 -5.66 18.62 37.99
N PHE K 31 -4.49 18.65 37.35
CA PHE K 31 -4.40 18.21 35.96
C PHE K 31 -4.75 16.73 35.84
N ILE K 32 -4.27 15.91 36.77
CA ILE K 32 -4.63 14.49 36.77
C ILE K 32 -6.12 14.32 37.02
N SER K 33 -6.66 15.07 37.99
CA SER K 33 -8.08 14.95 38.31
C SER K 33 -8.98 15.38 37.15
N LEU K 34 -8.53 16.32 36.33
CA LEU K 34 -9.27 16.70 35.13
C LEU K 34 -9.03 15.76 33.96
N ALA K 35 -7.88 15.10 33.93
CA ALA K 35 -7.57 14.18 32.84
C ALA K 35 -8.29 12.84 32.97
N SER K 36 -8.77 12.50 34.17
CA SER K 36 -9.55 11.27 34.33
C SER K 36 -10.83 11.33 33.51
N HIS K 37 -11.48 12.49 33.50
CA HIS K 37 -12.63 12.74 32.64
C HIS K 37 -12.15 13.08 31.24
N THR K 38 -13.04 13.64 30.41
CA THR K 38 -12.73 14.15 29.07
C THR K 38 -12.46 13.01 28.10
N ASN K 39 -12.26 13.33 26.83
CA ASN K 39 -12.14 12.33 25.76
C ASN K 39 -10.92 12.66 24.89
N ALA K 40 -9.77 12.81 25.54
CA ALA K 40 -8.53 13.10 24.84
C ALA K 40 -7.46 12.09 25.24
N ASN K 41 -6.39 12.05 24.45
CA ASN K 41 -5.26 11.17 24.68
C ASN K 41 -4.03 11.99 25.01
N PHE K 42 -3.25 11.52 25.98
CA PHE K 42 -2.03 12.18 26.42
C PHE K 42 -0.85 11.26 26.21
N PHE K 43 0.22 11.78 25.59
CA PHE K 43 1.40 11.00 25.24
C PHE K 43 2.66 11.77 25.65
N MET K 44 3.19 11.43 26.83
CA MET K 44 4.47 12.01 27.25
C MET K 44 5.62 11.12 26.82
N PRO K 45 6.64 11.66 26.15
CA PRO K 45 7.77 10.83 25.71
C PRO K 45 8.52 10.25 26.90
N THR K 46 9.26 9.17 26.63
CA THR K 46 9.97 8.49 27.71
C THR K 46 11.16 9.28 28.22
N SER K 47 11.80 10.10 27.36
CA SER K 47 12.88 10.95 27.83
C SER K 47 12.36 12.15 28.59
N VAL K 48 11.18 12.65 28.21
CA VAL K 48 10.56 13.76 28.95
C VAL K 48 10.19 13.31 30.35
N TYR K 49 9.68 12.08 30.49
CA TYR K 49 9.29 11.57 31.80
C TYR K 49 10.49 11.33 32.71
N TYR K 50 11.68 11.10 32.14
CA TYR K 50 12.88 11.00 32.96
C TYR K 50 13.35 12.35 33.46
N GLU K 51 13.24 13.39 32.62
CA GLU K 51 13.61 14.75 33.00
C GLU K 51 12.46 15.51 33.64
N PHE K 52 11.42 14.80 34.06
CA PHE K 52 10.32 15.38 34.82
C PHE K 52 10.15 14.77 36.20
N THR K 53 10.54 13.50 36.39
CA THR K 53 10.52 12.88 37.71
C THR K 53 11.71 13.32 38.56
N LYS K 54 12.84 13.64 37.93
CA LYS K 54 13.99 14.15 38.67
C LYS K 54 13.81 15.60 39.08
N MET K 55 12.96 16.35 38.36
CA MET K 55 12.74 17.75 38.69
C MET K 55 11.72 17.89 39.82
N VAL K 56 10.51 17.38 39.60
CA VAL K 56 9.46 17.40 40.61
C VAL K 56 9.45 16.07 41.33
N SER K 57 9.28 16.12 42.65
CA SER K 57 9.29 14.93 43.50
C SER K 57 7.83 14.52 43.76
N LEU K 58 7.37 13.50 43.05
CA LEU K 58 6.02 13.00 43.20
C LEU K 58 6.06 11.76 44.09
N GLY K 59 5.62 11.91 45.34
CA GLY K 59 5.57 10.79 46.25
C GLY K 59 4.20 10.15 46.32
N ASP K 60 3.21 10.83 45.74
CA ASP K 60 1.84 10.31 45.69
C ASP K 60 1.18 10.45 44.33
N LEU K 61 1.73 11.24 43.41
CA LEU K 61 1.12 11.46 42.10
C LEU K 61 1.81 10.66 40.99
N ALA K 62 2.88 9.94 41.30
CA ALA K 62 3.54 9.13 40.27
C ALA K 62 2.64 8.03 39.72
N PRO K 63 1.95 7.22 40.54
CA PRO K 63 0.98 6.28 39.95
C PRO K 63 -0.15 6.98 39.22
N LYS K 64 -0.57 8.15 39.69
CA LYS K 64 -1.69 8.85 39.08
C LYS K 64 -1.35 9.38 37.69
N PHE K 65 -0.11 9.82 37.48
CA PHE K 65 0.28 10.34 36.17
C PHE K 65 0.29 9.24 35.11
N GLU K 66 0.77 8.05 35.47
CA GLU K 66 0.87 6.97 34.51
C GLU K 66 -0.50 6.44 34.07
N LEU K 67 -1.53 6.61 34.90
CA LEU K 67 -2.86 6.14 34.53
C LEU K 67 -3.43 6.95 33.36
N VAL K 68 -3.22 8.27 33.36
CA VAL K 68 -3.85 9.14 32.38
C VAL K 68 -2.93 9.52 31.23
N VAL K 69 -1.61 9.35 31.37
CA VAL K 69 -0.65 9.68 30.33
C VAL K 69 0.11 8.42 29.95
N ARG K 70 0.16 8.13 28.66
CA ARG K 70 0.89 6.98 28.15
C ARG K 70 2.32 7.37 27.84
N ILE K 71 3.27 6.75 28.54
CA ILE K 71 4.69 7.01 28.33
C ILE K 71 5.16 6.13 27.18
N ARG K 72 5.69 6.76 26.14
CA ARG K 72 6.11 6.04 24.94
C ARG K 72 7.41 6.67 24.43
N SER K 73 7.81 6.27 23.23
CA SER K 73 9.02 6.78 22.60
C SER K 73 8.82 6.72 21.09
N PRO K 74 9.29 7.74 20.35
CA PRO K 74 9.09 7.75 18.90
C PRO K 74 9.86 6.62 18.22
N ARG K 75 9.31 6.17 17.09
CA ARG K 75 9.95 5.15 16.26
C ARG K 75 10.81 5.87 15.21
N LYS K 76 12.01 6.24 15.63
CA LYS K 76 12.89 7.10 14.85
C LYS K 76 13.48 6.41 13.63
N TRP K 77 13.29 5.10 13.46
CA TRP K 77 13.83 4.40 12.31
C TRP K 77 12.92 4.49 11.08
N GLY K 78 11.66 4.88 11.26
CA GLY K 78 10.75 5.01 10.14
C GLY K 78 10.50 6.44 9.72
N LEU K 79 11.06 7.39 10.45
CA LEU K 79 10.83 8.81 10.20
C LEU K 79 11.96 9.38 9.35
N MET K 80 11.59 10.28 8.43
CA MET K 80 12.53 10.96 7.56
C MET K 80 12.33 12.47 7.68
N VAL K 81 13.43 13.19 7.75
CA VAL K 81 13.40 14.64 7.92
C VAL K 81 13.81 15.30 6.60
N PRO K 82 13.09 16.33 6.14
CA PRO K 82 13.48 17.02 4.91
C PRO K 82 14.86 17.65 5.03
N ALA K 83 15.59 17.68 3.91
CA ALA K 83 16.93 18.22 3.92
C ALA K 83 16.90 19.74 3.81
N GLU K 84 16.10 20.38 4.66
CA GLU K 84 16.11 21.83 4.81
C GLU K 84 16.20 22.16 6.29
N PHE K 85 15.74 21.23 7.12
CA PHE K 85 15.92 21.35 8.57
C PHE K 85 17.39 21.38 8.93
N LEU K 86 18.18 20.50 8.31
CA LEU K 86 19.60 20.39 8.64
C LEU K 86 20.36 21.66 8.29
N TYR K 87 20.10 22.23 7.12
CA TYR K 87 20.79 23.46 6.72
C TYR K 87 20.48 24.60 7.67
N GLU K 88 19.21 24.81 7.97
CA GLU K 88 18.81 25.88 8.87
C GLU K 88 19.41 25.69 10.26
N PHE K 89 19.36 24.47 10.77
CA PHE K 89 19.91 24.21 12.10
C PHE K 89 21.41 24.42 12.13
N ILE K 90 22.12 23.98 11.09
CA ILE K 90 23.56 24.17 11.02
C ILE K 90 23.91 25.65 11.04
N GLU K 91 23.25 26.43 10.17
CA GLU K 91 23.57 27.85 10.10
C GLU K 91 23.25 28.56 11.41
N GLU K 92 22.07 28.26 11.99
CA GLU K 92 21.68 28.92 13.22
C GLU K 92 22.58 28.55 14.40
N VAL K 93 22.96 27.28 14.53
CA VAL K 93 23.86 26.90 15.61
C VAL K 93 25.25 27.47 15.42
N ARG K 94 25.74 27.60 14.18
CA ARG K 94 27.02 28.28 13.97
C ARG K 94 26.92 29.74 14.37
N TYR K 95 25.81 30.40 14.03
CA TYR K 95 25.62 31.78 14.44
C TYR K 95 25.60 31.93 15.95
N ARG K 96 24.91 31.03 16.65
CA ARG K 96 24.87 31.09 18.10
C ARG K 96 26.23 30.80 18.73
N ILE K 97 27.01 29.89 18.12
CA ILE K 97 28.35 29.62 18.62
C ILE K 97 29.24 30.86 18.49
N ASN K 98 29.16 31.53 17.33
CA ASN K 98 29.94 32.75 17.15
C ASN K 98 29.46 33.86 18.10
N LYS K 99 28.16 33.90 18.39
CA LYS K 99 27.65 34.88 19.35
C LYS K 99 28.16 34.60 20.76
N GLY K 100 28.19 33.32 21.16
CA GLY K 100 28.70 32.99 22.49
C GLY K 100 30.19 33.20 22.63
N LEU K 101 30.95 33.06 21.54
CA LEU K 101 32.38 33.34 21.59
C LEU K 101 32.63 34.80 21.96
N ARG K 102 31.86 35.72 21.38
CA ARG K 102 32.00 37.13 21.71
C ARG K 102 31.68 37.39 23.17
N ILE K 103 30.65 36.73 23.70
CA ILE K 103 30.31 36.90 25.11
C ILE K 103 31.44 36.42 26.00
N ALA K 104 32.01 35.25 25.67
CA ALA K 104 33.11 34.72 26.47
C ALA K 104 34.31 35.66 26.44
N GLU K 105 34.66 36.17 25.25
CA GLU K 105 35.77 37.11 25.14
C GLU K 105 35.52 38.41 25.89
N GLU K 106 34.31 38.96 25.80
CA GLU K 106 33.97 40.16 26.54
C GLU K 106 34.09 39.94 28.04
N HIS K 107 33.64 38.78 28.53
CA HIS K 107 33.74 38.51 29.96
C HIS K 107 35.18 38.31 30.42
N THR K 108 36.02 37.62 29.64
CA THR K 108 37.41 37.46 30.07
C THR K 108 38.21 38.74 29.93
N LYS K 109 37.79 39.65 29.05
CA LYS K 109 38.44 40.97 28.97
C LYS K 109 37.93 41.94 30.02
N GLU K 110 36.69 41.77 30.50
CA GLU K 110 36.16 42.60 31.58
C GLU K 110 36.58 42.12 32.95
N ALA K 111 36.92 40.84 33.09
CA ALA K 111 37.43 40.31 34.35
C ALA K 111 38.90 40.64 34.57
N GLY K 112 39.57 41.22 33.58
CA GLY K 112 40.97 41.60 33.67
C GLY K 112 41.22 43.00 34.20
N LYS K 113 40.18 43.68 34.68
CA LYS K 113 40.33 45.03 35.22
C LYS K 113 39.77 45.15 36.64
N LEU K 114 39.72 44.04 37.38
CA LEU K 114 39.13 44.04 38.72
C LEU K 114 40.06 43.55 39.82
N ALA K 115 41.13 42.82 39.48
CA ALA K 115 42.18 42.45 40.44
C ALA K 115 41.62 41.63 41.60
N GLU K 116 41.19 40.41 41.26
CA GLU K 116 40.77 39.35 42.19
C GLU K 116 39.40 39.62 42.81
N GLU K 117 38.72 40.69 42.42
CA GLU K 117 37.38 40.98 42.88
C GLU K 117 36.43 40.86 41.69
N GLU K 118 35.16 40.63 41.97
CA GLU K 118 34.09 40.49 40.99
C GLU K 118 34.29 39.26 40.10
N VAL K 119 35.27 38.41 40.39
CA VAL K 119 35.46 37.19 39.59
C VAL K 119 34.24 36.30 39.69
N GLY K 120 33.69 36.14 40.89
CA GLY K 120 32.46 35.38 41.04
C GLY K 120 31.31 36.01 40.29
N ARG K 121 31.17 37.33 40.39
CA ARG K 121 30.09 38.00 39.69
C ARG K 121 30.25 37.91 38.18
N VAL K 122 31.49 38.05 37.69
CA VAL K 122 31.71 38.00 36.24
C VAL K 122 31.47 36.59 35.71
N VAL K 123 31.85 35.55 36.48
CA VAL K 123 31.61 34.21 35.97
C VAL K 123 30.13 33.87 36.06
N ASN K 124 29.40 34.40 37.05
CA ASN K 124 27.96 34.21 37.10
C ASN K 124 27.29 34.88 35.90
N ARG K 125 27.72 36.10 35.58
CA ARG K 125 27.20 36.79 34.40
C ARG K 125 27.53 36.02 33.13
N LEU K 126 28.73 35.42 33.07
CA LEU K 126 29.10 34.60 31.93
C LEU K 126 28.18 33.39 31.81
N ARG K 127 27.89 32.73 32.94
CA ARG K 127 26.95 31.61 32.94
C ARG K 127 25.62 32.02 32.34
N GLU K 128 25.04 33.10 32.88
CA GLU K 128 23.71 33.52 32.43
C GLU K 128 23.72 33.92 30.96
N LYS K 129 24.70 34.74 30.55
CA LYS K 129 24.74 35.22 29.18
C LYS K 129 24.98 34.09 28.18
N TYR K 130 25.92 33.19 28.50
CA TYR K 130 26.21 32.08 27.60
C TYR K 130 25.01 31.15 27.47
N ARG K 131 24.35 30.85 28.58
CA ARG K 131 23.19 29.97 28.52
C ARG K 131 22.04 30.62 27.76
N GLU K 132 21.82 31.92 27.96
CA GLU K 132 20.79 32.62 27.21
C GLU K 132 21.10 32.64 25.71
N ALA K 133 22.38 32.82 25.36
CA ALA K 133 22.75 32.90 23.95
C ALA K 133 22.64 31.54 23.27
N LEU K 134 23.01 30.47 23.98
CA LEU K 134 23.16 29.15 23.35
C LEU K 134 21.96 28.24 23.53
N ARG K 135 21.05 28.53 24.48
CA ARG K 135 20.00 27.58 24.79
C ARG K 135 18.65 28.26 25.02
N ALA K 136 18.40 29.37 24.32
CA ALA K 136 17.11 30.05 24.38
C ALA K 136 16.58 30.24 22.97
N GLY K 137 15.35 29.78 22.73
CA GLY K 137 14.77 29.87 21.41
C GLY K 137 15.35 28.91 20.39
N ILE K 138 15.92 27.80 20.86
CA ILE K 138 16.53 26.81 19.98
C ILE K 138 16.23 25.42 20.54
N ILE K 139 16.43 24.41 19.71
CA ILE K 139 16.35 23.02 20.13
C ILE K 139 17.73 22.64 20.65
N ASP K 140 17.83 22.39 21.95
CA ASP K 140 19.12 22.19 22.62
C ASP K 140 19.38 20.74 23.00
N SER K 141 18.45 20.11 23.72
CA SER K 141 18.65 18.76 24.21
C SER K 141 17.91 17.76 23.32
N LYS K 142 18.17 16.48 23.55
CA LYS K 142 17.50 15.41 22.82
C LYS K 142 16.09 15.12 23.33
N GLU K 143 15.74 15.64 24.51
CA GLU K 143 14.38 15.51 25.01
C GLU K 143 13.38 16.38 24.27
N ASP K 144 13.86 17.39 23.53
CA ASP K 144 13.00 18.22 22.68
C ASP K 144 12.78 17.61 21.31
N VAL K 145 13.77 16.89 20.77
CA VAL K 145 13.56 16.16 19.53
C VAL K 145 12.57 15.02 19.75
N ASP K 146 12.52 14.47 20.96
CA ASP K 146 11.59 13.41 21.29
C ASP K 146 10.13 13.85 21.29
N VAL K 147 9.87 15.15 21.25
CA VAL K 147 8.52 15.68 21.16
C VAL K 147 8.11 15.94 19.72
N LEU K 148 9.00 16.56 18.93
CA LEU K 148 8.72 16.74 17.51
C LEU K 148 8.61 15.39 16.81
N LEU K 149 9.46 14.44 17.16
CA LEU K 149 9.40 13.13 16.52
C LEU K 149 8.17 12.35 16.95
N LEU K 150 7.74 12.50 18.20
CA LEU K 150 6.54 11.83 18.67
C LEU K 150 5.26 12.49 18.18
N SER K 151 5.29 13.76 17.82
CA SER K 151 4.12 14.43 17.26
C SER K 151 4.06 14.38 15.74
N TYR K 152 5.20 14.18 15.08
CA TYR K 152 5.21 14.08 13.63
C TYR K 152 4.57 12.78 13.16
N GLU K 153 4.94 11.66 13.79
CA GLU K 153 4.38 10.37 13.39
C GLU K 153 2.96 10.18 13.90
N LEU K 154 2.65 10.71 15.09
CA LEU K 154 1.31 10.58 15.64
C LEU K 154 0.33 11.59 15.08
N ASP K 155 0.81 12.65 14.45
CA ASP K 155 -0.03 13.76 13.99
C ASP K 155 -0.92 14.26 15.13
N ALA K 156 -0.26 14.73 16.18
CA ALA K 156 -0.91 15.11 17.43
C ALA K 156 -0.79 16.61 17.66
N ILE K 157 -1.26 17.05 18.82
CA ILE K 157 -1.22 18.46 19.22
C ILE K 157 -0.09 18.63 20.21
N LEU K 158 0.90 19.44 19.84
CA LEU K 158 2.04 19.69 20.72
C LEU K 158 1.69 20.72 21.78
N VAL K 159 2.09 20.43 23.01
CA VAL K 159 1.89 21.34 24.14
C VAL K 159 3.23 21.54 24.83
N SER K 160 3.71 22.78 24.86
CA SER K 160 4.96 23.10 25.53
C SER K 160 5.01 24.59 25.81
N GLY K 161 5.67 24.95 26.91
CA GLY K 161 5.92 26.31 27.27
C GLY K 161 7.22 26.88 26.74
N ASP K 162 7.93 26.15 25.88
CA ASP K 162 9.21 26.57 25.33
C ASP K 162 9.00 27.09 23.92
N GLU K 163 9.41 28.34 23.68
CA GLU K 163 9.23 28.93 22.36
C GLU K 163 10.21 28.38 21.33
N GLY K 164 11.35 27.86 21.77
CA GLY K 164 12.26 27.20 20.85
C GLY K 164 11.67 25.93 20.27
N LEU K 165 10.94 25.17 21.10
CA LEU K 165 10.25 23.99 20.61
C LEU K 165 9.19 24.35 19.58
N ARG K 166 8.43 25.42 19.85
CA ARG K 166 7.33 25.79 18.95
C ARG K 166 7.84 26.23 17.58
N LYS K 167 8.94 27.00 17.57
CA LYS K 167 9.42 27.54 16.30
C LYS K 167 9.81 26.45 15.33
N TRP K 168 10.54 25.44 15.80
CA TRP K 168 10.94 24.32 14.93
C TRP K 168 9.82 23.33 14.70
N ALA K 169 8.78 23.33 15.55
CA ALA K 169 7.63 22.47 15.32
C ALA K 169 6.83 22.94 14.12
N ASP K 170 6.74 24.27 13.91
CA ASP K 170 5.98 24.79 12.79
C ASP K 170 6.66 24.52 11.46
N ARG K 171 7.99 24.42 11.43
CA ARG K 171 8.72 24.16 10.20
C ARG K 171 8.51 22.74 9.68
N VAL K 172 8.02 21.83 10.53
CA VAL K 172 7.72 20.47 10.11
C VAL K 172 6.23 20.26 9.82
N GLY K 173 5.34 20.83 10.63
CA GLY K 173 3.92 20.68 10.41
C GLY K 173 3.13 20.13 11.57
N ILE K 174 3.65 20.22 12.79
CA ILE K 174 2.93 19.73 13.96
C ILE K 174 1.87 20.77 14.36
N LYS K 175 0.70 20.27 14.77
CA LYS K 175 -0.37 21.13 15.25
C LYS K 175 -0.10 21.55 16.69
N LEU K 176 -0.40 22.81 17.01
CA LEU K 176 -0.07 23.37 18.31
C LEU K 176 -1.28 24.11 18.89
N ILE K 177 -1.32 24.17 20.22
CA ILE K 177 -2.25 25.01 20.95
C ILE K 177 -1.46 25.75 22.02
N ASP K 178 -1.97 26.91 22.42
CA ASP K 178 -1.32 27.67 23.47
C ASP K 178 -1.50 26.97 24.82
N PRO K 179 -0.43 26.81 25.59
CA PRO K 179 -0.55 26.12 26.89
C PRO K 179 -1.55 26.75 27.84
N LYS K 180 -1.77 28.07 27.73
CA LYS K 180 -2.73 28.73 28.61
C LYS K 180 -4.17 28.34 28.30
N ASN K 181 -4.44 27.84 27.10
CA ASN K 181 -5.79 27.44 26.70
C ASN K 181 -6.09 25.98 26.99
N LEU K 182 -5.10 25.21 27.45
CA LEU K 182 -5.26 23.76 27.57
C LEU K 182 -6.33 23.38 28.59
N ARG K 183 -6.38 24.08 29.72
CA ARG K 183 -7.36 23.72 30.75
C ARG K 183 -8.79 23.84 30.21
N TYR K 184 -9.11 24.97 29.59
CA TYR K 184 -10.44 25.15 29.03
C TYR K 184 -10.69 24.20 27.87
N ILE K 185 -9.66 23.95 27.04
CA ILE K 185 -9.82 23.05 25.90
C ILE K 185 -10.20 21.65 26.37
N MET K 186 -9.49 21.14 27.38
CA MET K 186 -9.85 19.82 27.90
C MET K 186 -11.18 19.85 28.64
N GLU K 187 -11.49 20.95 29.34
CA GLU K 187 -12.75 21.03 30.08
C GLU K 187 -13.97 21.13 29.17
N ASN K 188 -13.79 21.50 27.91
CA ASN K 188 -14.90 21.58 26.97
C ASN K 188 -14.85 20.54 25.85
N LEU K 189 -13.68 19.97 25.56
CA LEU K 189 -13.57 18.94 24.53
C LEU K 189 -13.58 17.56 25.17
N MET L 1 -31.54 -10.40 17.47
CA MET L 1 -30.10 -10.45 17.22
C MET L 1 -29.78 -11.42 16.08
N ASP L 2 -30.10 -12.70 16.29
CA ASP L 2 -29.87 -13.70 15.26
C ASP L 2 -30.75 -13.44 14.04
N THR L 3 -30.19 -13.68 12.86
CA THR L 3 -30.88 -13.42 11.60
C THR L 3 -30.96 -14.71 10.79
N PHE L 4 -32.12 -14.97 10.22
CA PHE L 4 -32.36 -16.14 9.38
C PHE L 4 -32.79 -15.69 7.99
N VAL L 5 -32.19 -16.29 6.97
CA VAL L 5 -32.56 -16.06 5.59
C VAL L 5 -33.33 -17.29 5.11
N LEU L 6 -34.63 -17.11 4.86
CA LEU L 6 -35.52 -18.19 4.50
C LEU L 6 -35.54 -18.42 2.99
N ASP L 7 -36.04 -19.60 2.60
CA ASP L 7 -36.17 -19.97 1.21
C ASP L 7 -37.56 -20.52 0.97
N THR L 8 -37.86 -20.79 -0.32
CA THR L 8 -39.17 -21.34 -0.66
C THR L 8 -39.33 -22.78 -0.20
N SER L 9 -38.23 -23.54 -0.16
CA SER L 9 -38.31 -24.95 0.22
C SER L 9 -38.74 -25.14 1.66
N VAL L 10 -38.70 -24.09 2.49
CA VAL L 10 -39.19 -24.19 3.85
C VAL L 10 -40.70 -24.42 3.86
N PHE L 11 -41.42 -23.72 2.97
CA PHE L 11 -42.87 -23.81 2.91
C PHE L 11 -43.36 -24.62 1.71
N THR L 12 -42.47 -25.27 0.98
CA THR L 12 -42.84 -26.08 -0.18
C THR L 12 -42.58 -27.56 0.02
N ASN L 13 -41.40 -27.94 0.48
CA ASN L 13 -41.06 -29.33 0.69
C ASN L 13 -41.85 -29.87 1.88
N PRO L 14 -42.67 -30.91 1.71
CA PRO L 14 -43.42 -31.46 2.86
C PRO L 14 -42.52 -31.92 3.99
N ASP L 15 -41.37 -32.51 3.66
CA ASP L 15 -40.46 -32.99 4.69
C ASP L 15 -39.91 -31.84 5.54
N VAL L 16 -40.00 -30.61 5.07
CA VAL L 16 -39.52 -29.45 5.81
C VAL L 16 -40.64 -28.79 6.61
N TYR L 17 -41.81 -28.60 6.02
CA TYR L 17 -42.89 -27.90 6.71
C TYR L 17 -43.82 -28.84 7.48
N HIS L 18 -43.52 -30.14 7.52
CA HIS L 18 -44.31 -31.04 8.34
C HIS L 18 -44.14 -30.79 9.84
N GLN L 19 -43.14 -30.00 10.24
CA GLN L 19 -42.98 -29.68 11.66
C GLN L 19 -44.17 -28.86 12.17
N PHE L 20 -44.65 -27.90 11.38
CA PHE L 20 -45.71 -27.02 11.84
C PHE L 20 -47.08 -27.69 11.73
N GLU L 21 -47.48 -28.05 10.50
CA GLU L 21 -48.77 -28.68 10.27
C GLU L 21 -48.65 -29.63 9.08
N GLU L 22 -49.72 -30.35 8.80
CA GLU L 22 -49.77 -31.32 7.72
C GLU L 22 -50.31 -30.75 6.43
N ASP L 23 -50.69 -29.48 6.40
CA ASP L 23 -51.22 -28.83 5.21
C ASP L 23 -50.33 -27.65 4.84
N GLN L 24 -50.17 -27.44 3.53
CA GLN L 24 -49.32 -26.34 3.05
C GLN L 24 -49.86 -24.98 3.46
N LEU L 25 -51.17 -24.85 3.67
CA LEU L 25 -51.76 -23.60 4.12
C LEU L 25 -51.90 -23.51 5.63
N GLY L 26 -51.84 -24.64 6.34
CA GLY L 26 -51.86 -24.65 7.78
C GLY L 26 -50.50 -24.58 8.44
N ALA L 27 -49.43 -24.88 7.68
CA ALA L 27 -48.07 -24.78 8.20
C ALA L 27 -47.52 -23.37 8.09
N ILE L 28 -47.86 -22.66 7.00
CA ILE L 28 -47.43 -21.27 6.85
C ILE L 28 -48.03 -20.40 7.94
N GLU L 29 -49.33 -20.60 8.22
CA GLU L 29 -49.97 -19.84 9.29
C GLU L 29 -49.34 -20.16 10.64
N ASN L 30 -49.03 -21.44 10.88
CA ASN L 30 -48.40 -21.81 12.14
C ASN L 30 -47.03 -21.16 12.28
N PHE L 31 -46.24 -21.15 11.20
CA PHE L 31 -44.94 -20.48 11.25
C PHE L 31 -45.08 -19.00 11.50
N ILE L 32 -46.05 -18.36 10.83
CA ILE L 32 -46.26 -16.93 11.00
C ILE L 32 -46.64 -16.61 12.44
N SER L 33 -47.53 -17.41 13.02
CA SER L 33 -47.93 -17.19 14.41
C SER L 33 -46.77 -17.45 15.38
N LEU L 34 -45.95 -18.46 15.11
CA LEU L 34 -44.83 -18.76 15.97
C LEU L 34 -43.71 -17.73 15.86
N ALA L 35 -43.46 -17.22 14.65
CA ALA L 35 -42.41 -16.23 14.44
C ALA L 35 -42.72 -14.89 15.08
N SER L 36 -43.98 -14.65 15.48
CA SER L 36 -44.33 -13.39 16.14
C SER L 36 -43.59 -13.25 17.47
N HIS L 37 -43.58 -14.32 18.27
CA HIS L 37 -42.89 -14.33 19.56
C HIS L 37 -41.54 -15.03 19.38
N THR L 38 -40.59 -14.30 18.79
CA THR L 38 -39.26 -14.84 18.54
C THR L 38 -38.27 -13.69 18.41
N ASN L 39 -37.18 -13.78 19.16
CA ASN L 39 -36.15 -12.74 19.14
C ASN L 39 -35.15 -13.03 18.02
N ALA L 40 -35.66 -12.91 16.79
CA ALA L 40 -34.84 -13.14 15.61
C ALA L 40 -35.42 -12.34 14.45
N ASN L 41 -34.60 -12.16 13.41
CA ASN L 41 -34.98 -11.43 12.21
C ASN L 41 -35.05 -12.40 11.04
N PHE L 42 -36.14 -12.33 10.27
CA PHE L 42 -36.36 -13.21 9.14
C PHE L 42 -36.32 -12.40 7.85
N PHE L 43 -35.48 -12.82 6.92
CA PHE L 43 -35.27 -12.12 5.66
C PHE L 43 -35.62 -13.03 4.49
N MET L 44 -36.15 -12.43 3.43
CA MET L 44 -36.62 -13.17 2.27
C MET L 44 -36.29 -12.39 1.00
N PRO L 45 -35.53 -12.97 0.07
CA PRO L 45 -35.20 -12.25 -1.16
C PRO L 45 -36.46 -11.92 -1.96
N THR L 46 -36.38 -10.79 -2.69
CA THR L 46 -37.55 -10.32 -3.42
C THR L 46 -37.97 -11.32 -4.50
N SER L 47 -37.01 -11.84 -5.26
CA SER L 47 -37.33 -12.84 -6.28
C SER L 47 -37.89 -14.11 -5.64
N VAL L 48 -37.31 -14.53 -4.52
CA VAL L 48 -37.79 -15.72 -3.83
C VAL L 48 -39.23 -15.51 -3.34
N TYR L 49 -39.52 -14.32 -2.82
CA TYR L 49 -40.88 -14.02 -2.39
C TYR L 49 -41.85 -14.05 -3.57
N TYR L 50 -41.43 -13.52 -4.73
CA TYR L 50 -42.29 -13.54 -5.90
C TYR L 50 -42.59 -14.96 -6.36
N GLU L 51 -41.55 -15.81 -6.41
CA GLU L 51 -41.78 -17.20 -6.81
C GLU L 51 -42.61 -17.94 -5.76
N PHE L 52 -42.47 -17.59 -4.49
CA PHE L 52 -43.27 -18.22 -3.45
C PHE L 52 -44.74 -17.84 -3.59
N THR L 53 -45.02 -16.58 -3.90
CA THR L 53 -46.39 -16.16 -4.12
C THR L 53 -46.97 -16.75 -5.40
N LYS L 54 -46.16 -16.88 -6.45
CA LYS L 54 -46.64 -17.45 -7.70
C LYS L 54 -46.95 -18.95 -7.55
N MET L 55 -46.02 -19.70 -6.96
CA MET L 55 -46.22 -21.14 -6.81
C MET L 55 -47.34 -21.45 -5.82
N VAL L 56 -47.40 -20.72 -4.71
CA VAL L 56 -48.39 -20.94 -3.68
C VAL L 56 -49.25 -19.69 -3.56
N SER L 57 -50.53 -19.80 -3.93
CA SER L 57 -51.49 -18.72 -3.78
C SER L 57 -52.09 -18.83 -2.39
N LEU L 58 -51.60 -18.01 -1.46
CA LEU L 58 -52.00 -18.15 -0.05
C LEU L 58 -53.38 -17.53 0.20
N GLY L 59 -53.49 -16.22 0.04
CA GLY L 59 -54.74 -15.53 0.28
C GLY L 59 -54.90 -15.19 1.75
N ASP L 60 -54.99 -13.90 2.07
CA ASP L 60 -55.22 -13.41 3.42
C ASP L 60 -54.04 -13.73 4.34
N LEU L 61 -53.04 -14.43 3.79
CA LEU L 61 -51.85 -14.80 4.55
C LEU L 61 -50.65 -13.91 4.24
N ALA L 62 -50.55 -13.41 3.01
CA ALA L 62 -49.51 -12.44 2.69
C ALA L 62 -49.56 -11.21 3.58
N PRO L 63 -50.72 -10.64 3.94
CA PRO L 63 -50.72 -9.53 4.90
C PRO L 63 -50.03 -9.87 6.22
N LYS L 64 -50.19 -11.10 6.72
CA LYS L 64 -49.52 -11.48 7.95
C LYS L 64 -48.08 -11.91 7.71
N PHE L 65 -47.77 -12.38 6.50
CA PHE L 65 -46.42 -12.83 6.20
C PHE L 65 -45.46 -11.65 6.07
N GLU L 66 -45.88 -10.60 5.37
CA GLU L 66 -45.01 -9.44 5.17
C GLU L 66 -44.76 -8.67 6.46
N LEU L 67 -45.61 -8.87 7.47
CA LEU L 67 -45.44 -8.14 8.74
C LEU L 67 -44.22 -8.64 9.51
N VAL L 68 -43.98 -9.95 9.48
CA VAL L 68 -42.91 -10.53 10.28
C VAL L 68 -41.63 -10.82 9.49
N VAL L 69 -41.71 -10.91 8.17
CA VAL L 69 -40.55 -11.21 7.32
C VAL L 69 -40.23 -9.98 6.49
N ARG L 70 -38.95 -9.65 6.40
CA ARG L 70 -38.50 -8.50 5.63
C ARG L 70 -38.10 -8.95 4.23
N ILE L 71 -38.72 -8.35 3.22
CA ILE L 71 -38.45 -8.68 1.82
C ILE L 71 -37.49 -7.62 1.28
N ARG L 72 -36.32 -8.07 0.83
CA ARG L 72 -35.29 -7.14 0.36
C ARG L 72 -34.34 -7.89 -0.55
N SER L 73 -34.07 -7.31 -1.72
CA SER L 73 -33.12 -7.88 -2.65
C SER L 73 -31.68 -7.61 -2.19
N PRO L 74 -30.75 -8.51 -2.47
CA PRO L 74 -29.36 -8.28 -2.09
C PRO L 74 -28.75 -7.11 -2.86
N ARG L 75 -27.80 -6.44 -2.22
CA ARG L 75 -27.10 -5.30 -2.81
C ARG L 75 -25.91 -5.81 -3.64
N LYS L 76 -26.24 -6.40 -4.78
CA LYS L 76 -25.23 -7.05 -5.62
C LYS L 76 -24.22 -6.08 -6.20
N TRP L 77 -24.56 -4.79 -6.30
CA TRP L 77 -23.63 -3.83 -6.88
C TRP L 77 -22.40 -3.60 -6.01
N GLY L 78 -22.47 -3.96 -4.73
CA GLY L 78 -21.34 -3.79 -3.82
C GLY L 78 -20.87 -5.09 -3.20
N LEU L 79 -20.86 -6.16 -3.99
CA LEU L 79 -20.42 -7.46 -3.52
C LEU L 79 -19.43 -8.06 -4.50
N MET L 80 -18.51 -8.86 -3.97
CA MET L 80 -17.50 -9.55 -4.78
C MET L 80 -17.46 -11.02 -4.40
N VAL L 81 -17.14 -11.86 -5.38
CA VAL L 81 -17.11 -13.30 -5.18
C VAL L 81 -15.78 -13.84 -5.69
N PRO L 82 -15.16 -14.80 -5.01
CA PRO L 82 -13.89 -15.36 -5.49
C PRO L 82 -14.06 -16.09 -6.81
N ALA L 83 -12.99 -16.08 -7.60
CA ALA L 83 -12.99 -16.75 -8.90
C ALA L 83 -13.04 -18.27 -8.77
N GLU L 84 -12.66 -18.81 -7.62
CA GLU L 84 -12.72 -20.27 -7.42
C GLU L 84 -14.15 -20.77 -7.52
N PHE L 85 -15.11 -19.99 -7.00
CA PHE L 85 -16.52 -20.34 -7.12
C PHE L 85 -16.91 -20.47 -8.59
N LEU L 86 -16.52 -19.50 -9.41
CA LEU L 86 -16.83 -19.54 -10.83
C LEU L 86 -16.19 -20.73 -11.51
N TYR L 87 -14.93 -21.01 -11.18
CA TYR L 87 -14.22 -22.15 -11.75
C TYR L 87 -14.95 -23.47 -11.45
N GLU L 88 -15.25 -23.69 -10.17
CA GLU L 88 -15.94 -24.91 -9.76
C GLU L 88 -17.30 -25.03 -10.43
N PHE L 89 -18.08 -23.94 -10.41
CA PHE L 89 -19.41 -23.97 -11.00
C PHE L 89 -19.35 -24.27 -12.49
N ILE L 90 -18.41 -23.67 -13.21
CA ILE L 90 -18.34 -23.87 -14.65
C ILE L 90 -17.94 -25.31 -14.97
N GLU L 91 -16.96 -25.86 -14.26
CA GLU L 91 -16.58 -27.24 -14.57
C GLU L 91 -17.70 -28.22 -14.22
N GLU L 92 -18.39 -28.00 -13.10
CA GLU L 92 -19.51 -28.86 -12.75
C GLU L 92 -20.63 -28.75 -13.78
N VAL L 93 -20.90 -27.54 -14.26
CA VAL L 93 -21.94 -27.34 -15.26
C VAL L 93 -21.59 -28.07 -16.54
N ARG L 94 -20.32 -28.01 -16.96
CA ARG L 94 -19.92 -28.72 -18.17
C ARG L 94 -20.07 -30.23 -18.00
N TYR L 95 -19.68 -30.75 -16.83
CA TYR L 95 -19.85 -32.19 -16.59
C TYR L 95 -21.32 -32.59 -16.66
N ARG L 96 -22.20 -31.80 -16.04
CA ARG L 96 -23.62 -32.11 -16.07
C ARG L 96 -24.19 -31.97 -17.48
N ILE L 97 -23.67 -31.03 -18.27
CA ILE L 97 -24.12 -30.88 -19.65
C ILE L 97 -23.75 -32.11 -20.47
N ASN L 98 -22.52 -32.62 -20.28
CA ASN L 98 -22.13 -33.85 -20.97
C ASN L 98 -23.01 -35.02 -20.57
N LYS L 99 -23.30 -35.14 -19.27
CA LYS L 99 -24.18 -36.20 -18.81
C LYS L 99 -25.57 -36.08 -19.43
N GLY L 100 -26.10 -34.85 -19.50
CA GLY L 100 -27.39 -34.64 -20.12
C GLY L 100 -27.40 -34.99 -21.60
N LEU L 101 -26.32 -34.67 -22.31
CA LEU L 101 -26.23 -35.05 -23.71
C LEU L 101 -26.23 -36.56 -23.88
N ARG L 102 -25.48 -37.27 -23.04
CA ARG L 102 -25.48 -38.73 -23.10
C ARG L 102 -26.86 -39.30 -22.81
N ILE L 103 -27.56 -38.76 -21.81
CA ILE L 103 -28.90 -39.23 -21.49
C ILE L 103 -29.84 -38.98 -22.66
N ALA L 104 -29.75 -37.80 -23.28
CA ALA L 104 -30.61 -37.47 -24.41
C ALA L 104 -30.37 -38.41 -25.59
N GLU L 105 -29.10 -38.69 -25.91
CA GLU L 105 -28.83 -39.58 -27.03
C GLU L 105 -29.31 -41.00 -26.73
N GLU L 106 -29.14 -41.46 -25.48
CA GLU L 106 -29.65 -42.79 -25.12
C GLU L 106 -31.16 -42.86 -25.26
N HIS L 107 -31.87 -41.81 -24.82
CA HIS L 107 -33.32 -41.80 -24.93
C HIS L 107 -33.77 -41.73 -26.38
N THR L 108 -33.06 -40.98 -27.22
CA THR L 108 -33.39 -40.93 -28.64
C THR L 108 -33.25 -42.31 -29.28
N LYS L 109 -32.15 -43.00 -28.97
CA LYS L 109 -31.98 -44.35 -29.52
C LYS L 109 -33.06 -45.30 -29.02
N GLU L 110 -33.38 -45.23 -27.73
CA GLU L 110 -34.39 -46.12 -27.15
C GLU L 110 -35.76 -45.86 -27.79
N ALA L 111 -36.12 -44.59 -28.00
CA ALA L 111 -37.39 -44.28 -28.65
C ALA L 111 -37.38 -44.68 -30.12
N GLY L 112 -36.23 -44.58 -30.79
CA GLY L 112 -36.15 -45.01 -32.17
C GLY L 112 -36.31 -46.50 -32.34
N LYS L 113 -35.80 -47.28 -31.39
CA LYS L 113 -35.93 -48.74 -31.44
C LYS L 113 -37.11 -49.24 -30.62
N LEU L 114 -38.18 -48.45 -30.54
CA LEU L 114 -39.37 -48.85 -29.80
C LEU L 114 -40.67 -48.45 -30.50
N ALA L 115 -40.60 -47.83 -31.68
CA ALA L 115 -41.75 -47.45 -32.48
C ALA L 115 -42.67 -46.45 -31.77
N GLU L 116 -43.82 -46.17 -32.38
CA GLU L 116 -44.73 -45.14 -31.87
C GLU L 116 -45.33 -45.52 -30.51
N GLU L 117 -45.37 -46.81 -30.18
CA GLU L 117 -46.02 -47.29 -28.96
C GLU L 117 -45.55 -46.53 -27.74
N GLU L 118 -46.49 -45.86 -27.08
CA GLU L 118 -46.29 -45.09 -25.84
C GLU L 118 -44.96 -44.33 -25.84
N VAL L 119 -44.80 -43.47 -26.85
CA VAL L 119 -43.67 -42.56 -26.87
C VAL L 119 -43.74 -41.54 -25.74
N GLY L 120 -44.95 -41.28 -25.22
CA GLY L 120 -45.08 -40.39 -24.09
C GLY L 120 -44.36 -40.89 -22.85
N ARG L 121 -44.33 -42.20 -22.65
CA ARG L 121 -43.56 -42.76 -21.54
C ARG L 121 -42.08 -42.47 -21.69
N VAL L 122 -41.55 -42.61 -22.91
CA VAL L 122 -40.15 -42.29 -23.15
C VAL L 122 -39.89 -40.80 -22.93
N VAL L 123 -40.81 -39.96 -23.36
CA VAL L 123 -40.65 -38.51 -23.16
C VAL L 123 -40.63 -38.17 -21.68
N ASN L 124 -41.54 -38.79 -20.90
CA ASN L 124 -41.57 -38.54 -19.46
C ASN L 124 -40.30 -39.05 -18.78
N ARG L 125 -39.80 -40.21 -19.22
CA ARG L 125 -38.55 -40.72 -18.66
C ARG L 125 -37.39 -39.78 -18.97
N LEU L 126 -37.35 -39.22 -20.19
CA LEU L 126 -36.33 -38.24 -20.52
C LEU L 126 -36.46 -36.99 -19.64
N ARG L 127 -37.68 -36.52 -19.43
CA ARG L 127 -37.89 -35.34 -18.60
C ARG L 127 -37.41 -35.58 -17.17
N GLU L 128 -37.71 -36.76 -16.62
CA GLU L 128 -37.27 -37.05 -15.26
C GLU L 128 -35.76 -37.26 -15.19
N LYS L 129 -35.16 -37.86 -16.23
CA LYS L 129 -33.72 -38.10 -16.20
C LYS L 129 -32.94 -36.82 -16.47
N TYR L 130 -33.45 -35.96 -17.35
CA TYR L 130 -32.75 -34.72 -17.68
C TYR L 130 -32.76 -33.76 -16.50
N ARG L 131 -33.88 -33.71 -15.76
CA ARG L 131 -33.98 -32.79 -14.63
C ARG L 131 -32.96 -33.12 -13.55
N GLU L 132 -32.79 -34.41 -13.23
CA GLU L 132 -31.86 -34.79 -12.17
C GLU L 132 -30.41 -34.63 -12.57
N ALA L 133 -30.10 -34.76 -13.86
CA ALA L 133 -28.72 -34.66 -14.33
C ALA L 133 -28.25 -33.21 -14.47
N LEU L 134 -29.16 -32.23 -14.41
CA LEU L 134 -28.79 -30.84 -14.61
C LEU L 134 -29.42 -29.88 -13.60
N ARG L 135 -30.15 -30.38 -12.62
CA ARG L 135 -30.79 -29.50 -11.64
C ARG L 135 -30.75 -30.01 -10.21
N ALA L 136 -30.09 -31.14 -9.95
CA ALA L 136 -30.05 -31.74 -8.62
C ALA L 136 -28.64 -31.61 -8.06
N GLY L 137 -28.52 -31.02 -6.89
CA GLY L 137 -27.23 -30.84 -6.23
C GLY L 137 -26.48 -29.58 -6.62
N ILE L 138 -27.04 -28.75 -7.50
CA ILE L 138 -26.38 -27.54 -7.96
C ILE L 138 -27.39 -26.39 -7.92
N ILE L 139 -26.86 -25.17 -7.93
CA ILE L 139 -27.69 -23.97 -8.00
C ILE L 139 -28.00 -23.69 -9.47
N ASP L 140 -29.29 -23.48 -9.76
CA ASP L 140 -29.76 -23.35 -11.14
C ASP L 140 -30.34 -21.99 -11.47
N SER L 141 -31.04 -21.35 -10.53
CA SER L 141 -31.72 -20.09 -10.80
C SER L 141 -31.09 -18.96 -10.00
N LYS L 142 -31.34 -17.73 -10.46
CA LYS L 142 -30.86 -16.54 -9.76
C LYS L 142 -31.56 -16.34 -8.42
N GLU L 143 -32.76 -16.89 -8.26
CA GLU L 143 -33.49 -16.74 -7.01
C GLU L 143 -32.79 -17.47 -5.87
N ASP L 144 -32.19 -18.63 -6.15
CA ASP L 144 -31.36 -19.29 -5.14
C ASP L 144 -30.08 -18.50 -4.89
N VAL L 145 -29.53 -17.88 -5.93
CA VAL L 145 -28.34 -17.05 -5.78
C VAL L 145 -28.63 -15.83 -4.93
N ASP L 146 -29.86 -15.31 -5.01
CA ASP L 146 -30.24 -14.18 -4.17
C ASP L 146 -30.14 -14.54 -2.69
N VAL L 147 -30.60 -15.74 -2.32
CA VAL L 147 -30.46 -16.19 -0.94
C VAL L 147 -28.99 -16.31 -0.55
N LEU L 148 -28.18 -16.85 -1.46
CA LEU L 148 -26.74 -16.96 -1.21
C LEU L 148 -26.13 -15.60 -0.89
N LEU L 149 -26.38 -14.62 -1.75
CA LEU L 149 -25.78 -13.31 -1.57
C LEU L 149 -26.32 -12.59 -0.34
N LEU L 150 -27.63 -12.74 -0.07
CA LEU L 150 -28.21 -12.11 1.12
C LEU L 150 -27.61 -12.69 2.39
N SER L 151 -27.46 -14.02 2.46
CA SER L 151 -26.84 -14.62 3.64
C SER L 151 -25.35 -14.27 3.72
N TYR L 152 -24.70 -14.12 2.57
CA TYR L 152 -23.29 -13.70 2.56
C TYR L 152 -23.13 -12.31 3.15
N GLU L 153 -23.94 -11.35 2.70
CA GLU L 153 -23.78 -9.95 3.07
C GLU L 153 -24.50 -9.60 4.36
N LEU L 154 -25.31 -10.50 4.91
CA LEU L 154 -26.07 -10.20 6.11
C LEU L 154 -25.56 -10.88 7.38
N ASP L 155 -24.56 -11.75 7.27
CA ASP L 155 -24.03 -12.49 8.42
C ASP L 155 -25.15 -13.25 9.13
N ALA L 156 -25.97 -13.94 8.34
CA ALA L 156 -27.15 -14.63 8.82
C ALA L 156 -27.03 -16.13 8.57
N ILE L 157 -28.01 -16.87 9.07
CA ILE L 157 -28.06 -18.32 8.92
C ILE L 157 -29.05 -18.65 7.80
N LEU L 158 -28.58 -19.41 6.82
CA LEU L 158 -29.42 -19.82 5.70
C LEU L 158 -30.29 -21.00 6.10
N VAL L 159 -31.59 -20.90 5.85
CA VAL L 159 -32.55 -21.97 6.17
C VAL L 159 -33.23 -22.33 4.86
N SER L 160 -32.71 -23.35 4.18
CA SER L 160 -33.25 -23.78 2.89
C SER L 160 -33.29 -25.29 2.83
N GLY L 161 -34.37 -25.83 2.26
CA GLY L 161 -34.48 -27.27 2.07
C GLY L 161 -33.76 -27.79 0.85
N ASP L 162 -33.28 -26.91 -0.04
CA ASP L 162 -32.55 -27.32 -1.22
C ASP L 162 -31.20 -27.90 -0.79
N GLU L 163 -31.01 -29.20 -1.03
CA GLU L 163 -29.76 -29.84 -0.64
C GLU L 163 -28.58 -29.33 -1.46
N GLY L 164 -28.81 -28.99 -2.73
CA GLY L 164 -27.74 -28.47 -3.56
C GLY L 164 -27.37 -27.04 -3.26
N LEU L 165 -28.29 -26.25 -2.72
CA LEU L 165 -27.97 -24.88 -2.33
C LEU L 165 -27.13 -24.84 -1.06
N ARG L 166 -27.45 -25.70 -0.09
CA ARG L 166 -26.70 -25.74 1.16
C ARG L 166 -25.26 -26.21 0.96
N LYS L 167 -25.00 -27.02 -0.07
CA LYS L 167 -23.64 -27.45 -0.35
C LYS L 167 -22.78 -26.29 -0.83
N TRP L 168 -23.35 -25.40 -1.66
CA TRP L 168 -22.62 -24.24 -2.14
C TRP L 168 -22.59 -23.11 -1.12
N ALA L 169 -23.58 -23.05 -0.21
CA ALA L 169 -23.55 -22.07 0.87
C ALA L 169 -22.43 -22.34 1.87
N ASP L 170 -22.18 -23.60 2.20
CA ASP L 170 -21.03 -23.99 3.00
C ASP L 170 -19.71 -23.67 2.32
N ARG L 171 -19.69 -23.63 0.99
CA ARG L 171 -18.43 -23.58 0.27
C ARG L 171 -17.76 -22.21 0.34
N VAL L 172 -18.44 -21.18 0.84
CA VAL L 172 -17.76 -19.90 1.00
C VAL L 172 -17.69 -19.45 2.46
N GLY L 173 -18.82 -19.06 3.06
CA GLY L 173 -18.78 -18.67 4.45
C GLY L 173 -20.04 -18.82 5.29
N ILE L 174 -21.09 -19.41 4.72
CA ILE L 174 -22.43 -19.25 5.27
C ILE L 174 -22.74 -20.34 6.29
N LYS L 175 -23.31 -19.92 7.42
CA LYS L 175 -23.74 -20.84 8.45
C LYS L 175 -25.01 -21.57 8.01
N LEU L 176 -25.08 -22.87 8.31
CA LEU L 176 -26.21 -23.69 7.92
C LEU L 176 -26.84 -24.35 9.14
N ILE L 177 -28.17 -24.44 9.13
CA ILE L 177 -28.94 -25.08 10.18
C ILE L 177 -29.90 -26.06 9.52
N ASP L 178 -30.12 -27.19 10.20
CA ASP L 178 -30.97 -28.25 9.65
C ASP L 178 -32.39 -27.73 9.44
N PRO L 179 -32.93 -27.81 8.22
CA PRO L 179 -34.27 -27.25 7.97
C PRO L 179 -35.37 -27.86 8.81
N LYS L 180 -35.26 -29.15 9.15
CA LYS L 180 -36.29 -29.83 9.93
C LYS L 180 -36.28 -29.42 11.40
N ASN L 181 -35.23 -28.72 11.85
CA ASN L 181 -35.11 -28.31 13.24
C ASN L 181 -35.43 -26.83 13.44
N LEU L 182 -36.02 -26.17 12.43
CA LEU L 182 -36.29 -24.74 12.54
C LEU L 182 -37.29 -24.42 13.63
N ARG L 183 -38.34 -25.25 13.76
CA ARG L 183 -39.40 -24.97 14.73
C ARG L 183 -38.87 -24.98 16.16
N TYR L 184 -38.05 -25.97 16.51
CA TYR L 184 -37.51 -26.03 17.86
C TYR L 184 -36.60 -24.86 18.16
N ILE L 185 -35.75 -24.49 17.20
CA ILE L 185 -34.85 -23.36 17.39
C ILE L 185 -35.64 -22.07 17.58
N MET L 186 -36.69 -21.87 16.77
CA MET L 186 -37.50 -20.67 16.91
C MET L 186 -38.26 -20.65 18.23
N GLU L 187 -38.75 -21.80 18.68
CA GLU L 187 -39.51 -21.84 19.92
C GLU L 187 -38.61 -21.62 21.14
N ASN L 188 -37.38 -22.11 21.10
CA ASN L 188 -36.47 -21.97 22.23
C ASN L 188 -35.62 -20.70 22.18
N LEU L 189 -35.84 -19.84 21.20
CA LEU L 189 -35.12 -18.58 21.12
C LEU L 189 -36.00 -17.41 21.51
N MET M 1 6.49 -2.60 -23.29
CA MET M 1 6.26 -4.02 -23.53
C MET M 1 4.78 -4.35 -23.52
N ASP M 2 4.36 -5.14 -24.51
CA ASP M 2 2.97 -5.56 -24.64
C ASP M 2 2.85 -7.06 -24.42
N THR M 3 1.79 -7.48 -23.73
CA THR M 3 1.56 -8.86 -23.38
C THR M 3 0.33 -9.38 -24.12
N PHE M 4 0.43 -10.62 -24.61
CA PHE M 4 -0.64 -11.26 -25.37
C PHE M 4 -1.02 -12.57 -24.71
N VAL M 5 -2.32 -12.85 -24.64
CA VAL M 5 -2.84 -14.09 -24.09
C VAL M 5 -3.34 -14.92 -25.26
N LEU M 6 -2.54 -15.89 -25.68
CA LEU M 6 -2.91 -16.75 -26.80
C LEU M 6 -3.96 -17.77 -26.37
N ASP M 7 -4.79 -18.15 -27.32
CA ASP M 7 -5.85 -19.14 -27.10
C ASP M 7 -5.69 -20.28 -28.12
N THR M 8 -6.40 -21.38 -27.87
CA THR M 8 -6.35 -22.52 -28.77
C THR M 8 -6.98 -22.20 -30.13
N SER M 9 -7.85 -21.20 -30.19
CA SER M 9 -8.64 -20.96 -31.40
C SER M 9 -7.80 -20.44 -32.55
N VAL M 10 -6.74 -19.69 -32.27
CA VAL M 10 -5.97 -19.08 -33.34
C VAL M 10 -5.24 -20.13 -34.17
N PHE M 11 -4.74 -21.18 -33.52
CA PHE M 11 -3.99 -22.22 -34.19
C PHE M 11 -4.85 -23.35 -34.73
N THR M 12 -6.16 -23.32 -34.48
CA THR M 12 -7.05 -24.38 -34.94
C THR M 12 -8.10 -23.90 -35.93
N ASN M 13 -8.69 -22.72 -35.72
CA ASN M 13 -9.69 -22.20 -36.65
C ASN M 13 -9.01 -21.87 -37.98
N PRO M 14 -9.53 -22.37 -39.10
CA PRO M 14 -8.88 -22.12 -40.39
C PRO M 14 -8.94 -20.68 -40.85
N ASP M 15 -9.94 -19.91 -40.41
CA ASP M 15 -10.08 -18.52 -40.83
C ASP M 15 -9.22 -17.56 -40.03
N VAL M 16 -8.58 -18.03 -38.96
CA VAL M 16 -7.75 -17.17 -38.12
C VAL M 16 -6.28 -17.37 -38.48
N TYR M 17 -5.90 -18.62 -38.73
CA TYR M 17 -4.51 -18.96 -39.04
C TYR M 17 -4.15 -18.77 -40.50
N HIS M 18 -5.11 -18.43 -41.36
CA HIS M 18 -4.80 -18.18 -42.77
C HIS M 18 -3.86 -17.00 -42.95
N GLN M 19 -3.74 -16.12 -41.95
CA GLN M 19 -2.78 -15.03 -42.04
C GLN M 19 -1.35 -15.55 -42.15
N PHE M 20 -1.03 -16.59 -41.38
CA PHE M 20 0.34 -17.08 -41.30
C PHE M 20 0.68 -17.98 -42.48
N GLU M 21 -0.18 -18.97 -42.74
CA GLU M 21 0.04 -19.91 -43.84
C GLU M 21 -1.29 -20.60 -44.16
N GLU M 22 -1.24 -21.49 -45.15
CA GLU M 22 -2.44 -22.20 -45.58
C GLU M 22 -2.67 -23.49 -44.80
N ASP M 23 -1.63 -24.27 -44.57
CA ASP M 23 -1.73 -25.48 -43.78
C ASP M 23 -1.49 -25.18 -42.30
N GLN M 24 -1.96 -26.09 -41.45
CA GLN M 24 -1.88 -25.86 -40.01
C GLN M 24 -0.43 -25.83 -39.51
N LEU M 25 0.43 -26.70 -40.03
CA LEU M 25 1.79 -26.81 -39.52
C LEU M 25 2.62 -25.58 -39.89
N GLY M 26 2.46 -25.07 -41.11
CA GLY M 26 3.23 -23.90 -41.53
C GLY M 26 2.86 -22.65 -40.74
N ALA M 27 1.59 -22.51 -40.36
CA ALA M 27 1.19 -21.38 -39.55
C ALA M 27 1.93 -21.35 -38.23
N ILE M 28 2.08 -22.52 -37.59
CA ILE M 28 2.74 -22.59 -36.29
C ILE M 28 4.19 -22.12 -36.40
N GLU M 29 4.93 -22.63 -37.38
CA GLU M 29 6.34 -22.27 -37.50
C GLU M 29 6.51 -20.82 -37.91
N ASN M 30 5.67 -20.33 -38.83
CA ASN M 30 5.78 -18.94 -39.25
C ASN M 30 5.48 -17.99 -38.08
N PHE M 31 4.44 -18.31 -37.29
CA PHE M 31 4.12 -17.51 -36.12
C PHE M 31 5.24 -17.58 -35.08
N ILE M 32 5.87 -18.75 -34.93
CA ILE M 32 6.96 -18.89 -33.98
C ILE M 32 8.12 -17.99 -34.37
N SER M 33 8.46 -17.99 -35.67
CA SER M 33 9.54 -17.11 -36.15
C SER M 33 9.17 -15.64 -35.94
N LEU M 34 7.94 -15.27 -36.27
CA LEU M 34 7.51 -13.88 -36.13
C LEU M 34 7.56 -13.44 -34.67
N ALA M 35 7.10 -14.31 -33.76
CA ALA M 35 7.15 -13.98 -32.34
C ALA M 35 8.58 -13.92 -31.82
N SER M 36 9.47 -14.77 -32.35
CA SER M 36 10.88 -14.66 -32.00
C SER M 36 11.47 -13.33 -32.46
N HIS M 37 10.96 -12.79 -33.57
CA HIS M 37 11.40 -11.49 -34.04
C HIS M 37 10.55 -10.33 -33.52
N THR M 38 9.58 -10.60 -32.65
CA THR M 38 8.69 -9.58 -32.11
C THR M 38 9.09 -9.25 -30.67
N ASN M 39 9.01 -7.96 -30.33
CA ASN M 39 9.37 -7.50 -28.98
C ASN M 39 8.13 -7.40 -28.08
N ALA M 40 7.53 -8.55 -27.84
CA ALA M 40 6.35 -8.64 -26.99
C ALA M 40 6.37 -9.96 -26.24
N ASN M 41 5.59 -10.02 -25.17
CA ASN M 41 5.46 -11.23 -24.35
C ASN M 41 4.23 -12.01 -24.79
N PHE M 42 4.38 -13.31 -24.95
CA PHE M 42 3.30 -14.21 -25.34
C PHE M 42 3.11 -15.24 -24.23
N PHE M 43 1.99 -15.14 -23.52
CA PHE M 43 1.69 -16.04 -22.41
C PHE M 43 0.47 -16.88 -22.76
N MET M 44 0.56 -18.18 -22.46
CA MET M 44 -0.48 -19.13 -22.83
C MET M 44 -0.85 -19.95 -21.60
N PRO M 45 -2.14 -20.06 -21.25
CA PRO M 45 -2.51 -20.79 -20.04
C PRO M 45 -2.15 -22.26 -20.14
N THR M 46 -1.89 -22.87 -18.98
CA THR M 46 -1.45 -24.26 -18.94
C THR M 46 -2.58 -25.23 -19.30
N SER M 47 -3.84 -24.88 -19.00
CA SER M 47 -4.93 -25.79 -19.29
C SER M 47 -5.18 -25.89 -20.78
N VAL M 48 -5.16 -24.76 -21.49
CA VAL M 48 -5.30 -24.79 -22.95
C VAL M 48 -4.04 -25.25 -23.66
N TYR M 49 -2.89 -25.24 -22.99
CA TYR M 49 -1.69 -25.81 -23.61
C TYR M 49 -1.70 -27.33 -23.53
N TYR M 50 -2.24 -27.90 -22.46
CA TYR M 50 -2.44 -29.34 -22.39
C TYR M 50 -3.54 -29.82 -23.33
N GLU M 51 -4.39 -28.92 -23.82
CA GLU M 51 -5.40 -29.24 -24.80
C GLU M 51 -4.99 -28.92 -26.23
N PHE M 52 -4.22 -27.84 -26.44
CA PHE M 52 -3.77 -27.52 -27.78
C PHE M 52 -2.77 -28.55 -28.30
N THR M 53 -2.05 -29.20 -27.41
CA THR M 53 -1.03 -30.17 -27.82
C THR M 53 -1.60 -31.54 -28.17
N LYS M 54 -2.85 -31.82 -27.82
CA LYS M 54 -3.41 -33.14 -28.10
C LYS M 54 -4.21 -33.20 -29.39
N MET M 55 -4.74 -32.08 -29.87
CA MET M 55 -5.41 -32.05 -31.17
C MET M 55 -4.48 -31.63 -32.30
N VAL M 56 -3.21 -31.40 -32.01
CA VAL M 56 -2.21 -31.09 -33.02
C VAL M 56 -1.05 -32.05 -32.85
N SER M 57 -0.34 -32.31 -33.95
CA SER M 57 0.73 -33.30 -34.00
C SER M 57 2.09 -32.66 -34.18
N LEU M 58 2.34 -31.56 -33.47
CA LEU M 58 3.62 -30.88 -33.50
C LEU M 58 4.57 -31.56 -32.53
N GLY M 59 5.58 -32.26 -33.08
CA GLY M 59 6.57 -32.90 -32.24
C GLY M 59 7.85 -32.11 -32.15
N ASP M 60 8.35 -31.64 -33.31
CA ASP M 60 9.57 -30.84 -33.34
C ASP M 60 9.30 -29.37 -33.05
N LEU M 61 8.04 -28.93 -33.14
CA LEU M 61 7.71 -27.53 -32.91
C LEU M 61 7.45 -27.22 -31.44
N ALA M 62 7.35 -28.23 -30.58
CA ALA M 62 7.17 -27.98 -29.16
C ALA M 62 8.33 -27.22 -28.53
N PRO M 63 9.60 -27.56 -28.79
CA PRO M 63 10.69 -26.74 -28.23
C PRO M 63 10.63 -25.29 -28.67
N LYS M 64 10.36 -25.04 -29.95
CA LYS M 64 10.27 -23.66 -30.43
C LYS M 64 9.11 -22.93 -29.79
N PHE M 65 7.96 -23.60 -29.65
CA PHE M 65 6.80 -22.96 -29.04
C PHE M 65 7.08 -22.62 -27.58
N GLU M 66 7.72 -23.53 -26.85
CA GLU M 66 8.08 -23.24 -25.46
C GLU M 66 9.13 -22.14 -25.37
N LEU M 67 9.99 -22.02 -26.39
CA LEU M 67 10.99 -20.96 -26.40
C LEU M 67 10.34 -19.59 -26.62
N VAL M 68 9.39 -19.50 -27.55
CA VAL M 68 8.79 -18.21 -27.88
C VAL M 68 7.58 -17.86 -27.03
N VAL M 69 6.99 -18.84 -26.34
CA VAL M 69 5.79 -18.62 -25.53
C VAL M 69 6.03 -19.17 -24.13
N ARG M 70 5.66 -18.38 -23.12
CA ARG M 70 5.76 -18.79 -21.74
C ARG M 70 4.41 -19.38 -21.30
N ILE M 71 4.46 -20.56 -20.69
CA ILE M 71 3.26 -21.28 -20.27
C ILE M 71 3.16 -21.20 -18.75
N ARG M 72 2.05 -20.65 -18.26
CA ARG M 72 1.84 -20.51 -16.84
C ARG M 72 0.35 -20.53 -16.53
N SER M 73 0.01 -21.12 -15.40
CA SER M 73 -1.37 -21.13 -14.93
C SER M 73 -1.72 -19.84 -14.23
N PRO M 74 -3.01 -19.48 -14.18
CA PRO M 74 -3.41 -18.27 -13.45
C PRO M 74 -3.16 -18.36 -11.96
N ARG M 75 -3.52 -17.30 -11.24
CA ARG M 75 -3.25 -17.20 -9.81
C ARG M 75 -4.56 -16.92 -9.07
N LYS M 76 -5.58 -17.72 -9.34
CA LYS M 76 -6.96 -17.41 -9.00
C LYS M 76 -7.23 -17.56 -7.50
N TRP M 77 -6.49 -16.80 -6.71
CA TRP M 77 -6.82 -16.60 -5.30
C TRP M 77 -6.73 -15.15 -4.84
N GLY M 78 -6.08 -14.29 -5.60
CA GLY M 78 -6.08 -12.86 -5.31
C GLY M 78 -7.01 -12.11 -6.23
N LEU M 79 -7.91 -12.84 -6.90
CA LEU M 79 -8.83 -12.27 -7.86
C LEU M 79 -10.25 -12.32 -7.32
N MET M 80 -11.04 -11.31 -7.64
CA MET M 80 -12.43 -11.22 -7.19
C MET M 80 -13.28 -10.73 -8.36
N VAL M 81 -14.09 -11.62 -8.93
CA VAL M 81 -14.97 -11.26 -10.03
C VAL M 81 -16.25 -10.66 -9.47
N PRO M 82 -16.93 -9.78 -10.20
CA PRO M 82 -18.17 -9.19 -9.70
C PRO M 82 -19.31 -10.21 -9.66
N ALA M 83 -20.28 -9.93 -8.79
CA ALA M 83 -21.43 -10.83 -8.65
C ALA M 83 -22.32 -10.79 -9.89
N GLU M 84 -22.37 -9.66 -10.59
CA GLU M 84 -23.20 -9.56 -11.79
C GLU M 84 -22.73 -10.53 -12.87
N PHE M 85 -21.42 -10.79 -12.93
CA PHE M 85 -20.90 -11.77 -13.87
C PHE M 85 -21.52 -13.14 -13.62
N LEU M 86 -21.51 -13.57 -12.36
CA LEU M 86 -22.12 -14.86 -11.99
C LEU M 86 -23.62 -14.85 -12.27
N TYR M 87 -24.29 -13.73 -11.99
CA TYR M 87 -25.72 -13.62 -12.25
C TYR M 87 -26.03 -13.85 -13.72
N GLU M 88 -25.35 -13.12 -14.61
CA GLU M 88 -25.61 -13.24 -16.03
C GLU M 88 -25.25 -14.63 -16.55
N PHE M 89 -24.13 -15.19 -16.07
CA PHE M 89 -23.76 -16.54 -16.50
C PHE M 89 -24.82 -17.56 -16.09
N ILE M 90 -25.31 -17.47 -14.85
CA ILE M 90 -26.28 -18.45 -14.37
C ILE M 90 -27.58 -18.33 -15.15
N GLU M 91 -28.03 -17.10 -15.42
CA GLU M 91 -29.25 -16.93 -16.22
C GLU M 91 -29.08 -17.49 -17.62
N GLU M 92 -27.95 -17.19 -18.27
CA GLU M 92 -27.74 -17.68 -19.63
C GLU M 92 -27.66 -19.20 -19.67
N VAL M 93 -26.96 -19.80 -18.70
CA VAL M 93 -26.80 -21.25 -18.72
C VAL M 93 -28.13 -21.93 -18.41
N ARG M 94 -28.96 -21.34 -17.56
CA ARG M 94 -30.29 -21.91 -17.32
C ARG M 94 -31.15 -21.84 -18.57
N TYR M 95 -31.11 -20.70 -19.28
CA TYR M 95 -31.87 -20.58 -20.52
C TYR M 95 -31.42 -21.62 -21.54
N ARG M 96 -30.10 -21.80 -21.68
CA ARG M 96 -29.60 -22.78 -22.64
C ARG M 96 -29.93 -24.21 -22.20
N ILE M 97 -29.97 -24.47 -20.89
CA ILE M 97 -30.37 -25.80 -20.41
C ILE M 97 -31.81 -26.09 -20.81
N ASN M 98 -32.69 -25.11 -20.62
CA ASN M 98 -34.09 -25.29 -21.03
C ASN M 98 -34.20 -25.50 -22.54
N LYS M 99 -33.45 -24.72 -23.31
CA LYS M 99 -33.47 -24.87 -24.76
C LYS M 99 -32.99 -26.26 -25.18
N GLY M 100 -31.93 -26.75 -24.53
CA GLY M 100 -31.44 -28.08 -24.84
C GLY M 100 -32.43 -29.17 -24.48
N LEU M 101 -33.13 -29.01 -23.36
CA LEU M 101 -34.15 -29.98 -22.99
C LEU M 101 -35.27 -30.02 -24.04
N ARG M 102 -35.72 -28.85 -24.49
CA ARG M 102 -36.76 -28.82 -25.51
C ARG M 102 -36.27 -29.44 -26.82
N ILE M 103 -35.02 -29.14 -27.20
CA ILE M 103 -34.45 -29.71 -28.42
C ILE M 103 -34.39 -31.22 -28.32
N ALA M 104 -33.97 -31.75 -27.17
CA ALA M 104 -33.89 -33.19 -26.98
C ALA M 104 -35.27 -33.83 -27.07
N GLU M 105 -36.28 -33.20 -26.47
CA GLU M 105 -37.63 -33.77 -26.55
C GLU M 105 -38.13 -33.79 -27.99
N GLU M 106 -37.92 -32.70 -28.73
CA GLU M 106 -38.35 -32.67 -30.12
C GLU M 106 -37.61 -33.72 -30.95
N HIS M 107 -36.32 -33.91 -30.68
CA HIS M 107 -35.57 -34.92 -31.42
C HIS M 107 -36.03 -36.33 -31.09
N THR M 108 -36.38 -36.60 -29.83
CA THR M 108 -36.93 -37.90 -29.48
C THR M 108 -38.24 -38.13 -30.21
N LYS M 109 -39.12 -37.13 -30.25
CA LYS M 109 -40.38 -37.30 -30.97
C LYS M 109 -40.15 -37.53 -32.46
N GLU M 110 -39.22 -36.79 -33.07
CA GLU M 110 -38.94 -36.95 -34.49
C GLU M 110 -38.36 -38.33 -34.79
N ALA M 111 -37.45 -38.80 -33.93
CA ALA M 111 -36.88 -40.14 -34.11
C ALA M 111 -37.96 -41.22 -33.96
N GLY M 112 -38.85 -41.04 -32.99
CA GLY M 112 -39.95 -41.99 -32.84
C GLY M 112 -40.87 -42.01 -34.04
N LYS M 113 -41.07 -40.85 -34.67
CA LYS M 113 -41.92 -40.78 -35.85
C LYS M 113 -41.32 -41.50 -37.06
N LEU M 114 -40.03 -41.79 -37.03
CA LEU M 114 -39.38 -42.49 -38.13
C LEU M 114 -39.49 -44.00 -37.93
N ALA M 115 -38.81 -44.77 -38.77
CA ALA M 115 -38.83 -46.22 -38.68
C ALA M 115 -37.84 -46.70 -37.63
N GLU M 116 -37.75 -48.02 -37.45
CA GLU M 116 -36.79 -48.59 -36.51
C GLU M 116 -35.36 -48.29 -36.93
N GLU M 117 -35.07 -48.39 -38.23
CA GLU M 117 -33.77 -48.02 -38.76
C GLU M 117 -33.78 -46.55 -39.14
N GLU M 118 -32.72 -46.09 -39.79
CA GLU M 118 -32.56 -44.69 -40.18
C GLU M 118 -32.63 -43.78 -38.96
N VAL M 119 -31.65 -43.96 -38.08
CA VAL M 119 -31.56 -43.18 -36.84
C VAL M 119 -30.25 -42.43 -36.72
N GLY M 120 -29.24 -42.76 -37.52
CA GLY M 120 -27.98 -42.03 -37.47
C GLY M 120 -28.12 -40.59 -37.89
N ARG M 121 -29.01 -40.31 -38.85
CA ARG M 121 -29.28 -38.93 -39.23
C ARG M 121 -29.85 -38.14 -38.05
N VAL M 122 -30.78 -38.74 -37.32
CA VAL M 122 -31.36 -38.08 -36.15
C VAL M 122 -30.29 -37.90 -35.08
N VAL M 123 -29.39 -38.88 -34.92
CA VAL M 123 -28.34 -38.79 -33.92
C VAL M 123 -27.41 -37.61 -34.25
N ASN M 124 -27.00 -37.51 -35.52
CA ASN M 124 -26.14 -36.40 -35.92
C ASN M 124 -26.83 -35.06 -35.77
N ARG M 125 -28.11 -34.99 -36.12
CA ARG M 125 -28.86 -33.75 -35.94
C ARG M 125 -28.93 -33.37 -34.47
N LEU M 126 -29.17 -34.34 -33.59
CA LEU M 126 -29.20 -34.06 -32.15
C LEU M 126 -27.84 -33.56 -31.67
N ARG M 127 -26.76 -34.19 -32.12
CA ARG M 127 -25.42 -33.74 -31.75
C ARG M 127 -25.21 -32.29 -32.14
N GLU M 128 -25.50 -31.96 -33.41
CA GLU M 128 -25.27 -30.60 -33.89
C GLU M 128 -26.13 -29.60 -33.14
N LYS M 129 -27.41 -29.91 -32.95
CA LYS M 129 -28.31 -28.97 -32.29
C LYS M 129 -27.91 -28.75 -30.84
N TYR M 130 -27.58 -29.84 -30.11
CA TYR M 130 -27.19 -29.69 -28.72
C TYR M 130 -25.89 -28.89 -28.60
N ARG M 131 -24.91 -29.19 -29.45
CA ARG M 131 -23.64 -28.46 -29.40
C ARG M 131 -23.84 -26.98 -29.69
N GLU M 132 -24.61 -26.66 -30.72
CA GLU M 132 -24.83 -25.25 -31.07
C GLU M 132 -25.65 -24.54 -30.01
N ALA M 133 -26.59 -25.24 -29.36
CA ALA M 133 -27.45 -24.60 -28.38
C ALA M 133 -26.75 -24.38 -27.05
N LEU M 134 -25.81 -25.25 -26.67
CA LEU M 134 -25.21 -25.18 -25.34
C LEU M 134 -23.75 -24.77 -25.33
N ARG M 135 -23.10 -24.62 -26.49
CA ARG M 135 -21.68 -24.30 -26.50
C ARG M 135 -21.33 -23.26 -27.56
N ALA M 136 -22.22 -22.32 -27.84
CA ALA M 136 -21.97 -21.27 -28.82
C ALA M 136 -22.46 -19.94 -28.24
N GLY M 137 -21.54 -19.00 -28.07
CA GLY M 137 -21.87 -17.71 -27.50
C GLY M 137 -21.80 -17.62 -25.99
N ILE M 138 -21.37 -18.68 -25.31
CA ILE M 138 -21.24 -18.69 -23.87
C ILE M 138 -19.88 -19.26 -23.48
N ILE M 139 -19.51 -19.05 -22.22
CA ILE M 139 -18.32 -19.70 -21.66
C ILE M 139 -18.72 -21.12 -21.27
N ASP M 140 -18.08 -22.10 -21.91
CA ASP M 140 -18.42 -23.51 -21.73
C ASP M 140 -17.48 -24.21 -20.76
N SER M 141 -16.19 -24.23 -21.07
CA SER M 141 -15.23 -25.04 -20.34
C SER M 141 -14.44 -24.21 -19.33
N LYS M 142 -13.94 -24.91 -18.30
CA LYS M 142 -13.07 -24.28 -17.31
C LYS M 142 -11.69 -23.97 -17.87
N GLU M 143 -11.32 -24.57 -19.00
CA GLU M 143 -10.06 -24.25 -19.65
C GLU M 143 -10.11 -22.90 -20.36
N ASP M 144 -11.30 -22.50 -20.82
CA ASP M 144 -11.49 -21.19 -21.44
C ASP M 144 -11.81 -20.12 -20.41
N VAL M 145 -11.84 -20.46 -19.13
CA VAL M 145 -11.93 -19.47 -18.06
C VAL M 145 -10.55 -18.99 -17.64
N ASP M 146 -9.50 -19.78 -17.91
CA ASP M 146 -8.14 -19.36 -17.56
C ASP M 146 -7.71 -18.12 -18.33
N VAL M 147 -8.11 -18.00 -19.60
CA VAL M 147 -7.76 -16.82 -20.37
C VAL M 147 -8.42 -15.58 -19.78
N LEU M 148 -9.64 -15.72 -19.25
CA LEU M 148 -10.27 -14.61 -18.54
C LEU M 148 -9.45 -14.18 -17.33
N LEU M 149 -8.91 -15.15 -16.59
CA LEU M 149 -8.19 -14.88 -15.36
C LEU M 149 -6.69 -14.76 -15.58
N LEU M 150 -6.21 -14.91 -16.82
CA LEU M 150 -4.83 -14.60 -17.16
C LEU M 150 -4.69 -13.27 -17.89
N SER M 151 -5.74 -12.82 -18.59
CA SER M 151 -5.76 -11.53 -19.25
C SER M 151 -6.34 -10.43 -18.37
N TYR M 152 -6.80 -10.76 -17.17
CA TYR M 152 -7.34 -9.78 -16.23
C TYR M 152 -6.38 -9.44 -15.10
N GLU M 153 -5.60 -10.41 -14.62
CA GLU M 153 -4.58 -10.16 -13.62
C GLU M 153 -3.26 -9.70 -14.22
N LEU M 154 -3.10 -9.81 -15.54
CA LEU M 154 -1.90 -9.36 -16.23
C LEU M 154 -2.11 -8.12 -17.07
N ASP M 155 -3.36 -7.71 -17.27
CA ASP M 155 -3.72 -6.55 -18.10
C ASP M 155 -3.12 -6.69 -19.50
N ALA M 156 -3.36 -7.85 -20.11
CA ALA M 156 -2.80 -8.20 -21.40
C ALA M 156 -3.87 -8.16 -22.49
N ILE M 157 -3.44 -8.38 -23.72
CA ILE M 157 -4.32 -8.40 -24.88
C ILE M 157 -4.80 -9.83 -25.10
N LEU M 158 -6.11 -10.01 -25.16
CA LEU M 158 -6.70 -11.32 -25.38
C LEU M 158 -6.87 -11.57 -26.88
N VAL M 159 -6.33 -12.69 -27.35
CA VAL M 159 -6.42 -13.09 -28.75
C VAL M 159 -7.11 -14.46 -28.81
N SER M 160 -8.24 -14.52 -29.52
CA SER M 160 -9.03 -15.76 -29.57
C SER M 160 -10.07 -15.68 -30.68
N GLY M 161 -10.13 -16.73 -31.50
CA GLY M 161 -11.14 -16.79 -32.55
C GLY M 161 -12.55 -17.03 -32.03
N ASP M 162 -12.68 -17.39 -30.75
CA ASP M 162 -13.98 -17.58 -30.15
C ASP M 162 -14.73 -16.26 -30.05
N GLU M 163 -16.04 -16.33 -29.79
CA GLU M 163 -16.89 -15.16 -29.65
C GLU M 163 -17.48 -14.99 -28.25
N GLY M 164 -17.88 -16.09 -27.62
CA GLY M 164 -18.28 -16.02 -26.22
C GLY M 164 -17.14 -15.56 -25.33
N LEU M 165 -15.91 -15.95 -25.68
CA LEU M 165 -14.74 -15.44 -25.00
C LEU M 165 -14.68 -13.92 -25.07
N ARG M 166 -14.86 -13.35 -26.26
CA ARG M 166 -14.82 -11.90 -26.40
C ARG M 166 -15.95 -11.25 -25.62
N LYS M 167 -17.15 -11.81 -25.69
CA LYS M 167 -18.29 -11.23 -25.00
C LYS M 167 -18.06 -11.19 -23.48
N TRP M 168 -17.66 -12.33 -22.91
CA TRP M 168 -17.49 -12.40 -21.46
C TRP M 168 -16.17 -11.81 -20.98
N ALA M 169 -15.25 -11.49 -21.89
CA ALA M 169 -14.09 -10.70 -21.52
C ALA M 169 -14.41 -9.20 -21.55
N ASP M 170 -15.25 -8.79 -22.50
CA ASP M 170 -15.72 -7.41 -22.55
C ASP M 170 -16.64 -7.10 -21.38
N ARG M 171 -17.44 -8.07 -20.94
CA ARG M 171 -18.34 -7.85 -19.82
C ARG M 171 -17.60 -7.63 -18.50
N VAL M 172 -16.30 -7.92 -18.44
CA VAL M 172 -15.52 -7.77 -17.23
C VAL M 172 -14.41 -6.73 -17.37
N GLY M 173 -14.27 -6.12 -18.56
CA GLY M 173 -13.25 -5.10 -18.76
C GLY M 173 -11.86 -5.65 -19.06
N ILE M 174 -11.74 -6.35 -20.19
CA ILE M 174 -10.47 -6.87 -20.67
C ILE M 174 -10.26 -6.37 -22.09
N LYS M 175 -9.05 -5.90 -22.38
CA LYS M 175 -8.74 -5.43 -23.73
C LYS M 175 -8.80 -6.59 -24.71
N LEU M 176 -9.40 -6.33 -25.88
CA LEU M 176 -9.62 -7.36 -26.90
C LEU M 176 -9.28 -6.79 -28.27
N ILE M 177 -8.64 -7.59 -29.11
CA ILE M 177 -8.33 -7.21 -30.48
C ILE M 177 -9.00 -8.20 -31.42
N ASP M 178 -8.87 -7.94 -32.72
CA ASP M 178 -9.39 -8.84 -33.73
C ASP M 178 -8.30 -9.83 -34.14
N PRO M 179 -8.50 -11.13 -33.96
CA PRO M 179 -7.44 -12.10 -34.29
C PRO M 179 -7.03 -12.09 -35.75
N LYS M 180 -7.89 -11.65 -36.67
CA LYS M 180 -7.50 -11.56 -38.06
C LYS M 180 -6.40 -10.52 -38.26
N ASN M 181 -6.37 -9.49 -37.42
CA ASN M 181 -5.31 -8.48 -37.45
C ASN M 181 -4.27 -8.80 -36.38
N LEU M 182 -3.60 -9.94 -36.57
CA LEU M 182 -2.57 -10.39 -35.64
C LEU M 182 -1.20 -10.47 -36.30
N ARG M 183 -1.12 -10.96 -37.54
CA ARG M 183 0.16 -10.96 -38.25
C ARG M 183 0.65 -9.55 -38.49
N TYR M 184 -0.25 -8.63 -38.82
CA TYR M 184 0.15 -7.24 -39.08
C TYR M 184 0.68 -6.59 -37.82
N ILE M 185 -0.03 -6.73 -36.70
CA ILE M 185 0.40 -6.12 -35.45
C ILE M 185 1.74 -6.69 -35.00
N MET M 186 1.89 -8.01 -35.10
CA MET M 186 3.14 -8.64 -34.69
C MET M 186 4.29 -8.23 -35.60
N GLU M 187 4.02 -8.06 -36.90
CA GLU M 187 5.06 -7.62 -37.82
C GLU M 187 5.46 -6.17 -37.58
N ASN M 188 4.51 -5.34 -37.17
CA ASN M 188 4.76 -3.91 -36.95
C ASN M 188 4.93 -3.58 -35.48
N LEU M 189 5.58 -4.45 -34.72
CA LEU M 189 5.83 -4.20 -33.30
C LEU M 189 7.26 -4.58 -32.93
N ASP N 2 29.99 16.70 -22.82
CA ASP N 2 29.60 17.96 -22.21
C ASP N 2 28.79 18.81 -23.17
N THR N 3 27.62 19.26 -22.71
CA THR N 3 26.74 20.11 -23.52
C THR N 3 26.45 21.38 -22.74
N PHE N 4 25.97 22.40 -23.46
CA PHE N 4 25.74 23.72 -22.89
C PHE N 4 24.36 24.23 -23.28
N VAL N 5 23.84 25.14 -22.44
CA VAL N 5 22.52 25.72 -22.62
C VAL N 5 22.65 27.22 -22.80
N LEU N 6 23.73 27.65 -23.47
CA LEU N 6 24.06 29.07 -23.64
C LEU N 6 22.83 29.94 -23.86
N ASP N 7 22.76 31.04 -23.12
CA ASP N 7 21.64 31.97 -23.15
C ASP N 7 21.95 33.08 -24.15
N THR N 8 21.07 34.09 -24.20
CA THR N 8 21.27 35.23 -25.08
C THR N 8 22.14 36.31 -24.46
N SER N 9 22.23 36.36 -23.13
CA SER N 9 23.02 37.39 -22.47
C SER N 9 24.51 37.28 -22.77
N VAL N 10 24.96 36.13 -23.27
CA VAL N 10 26.37 35.96 -23.60
C VAL N 10 26.78 36.88 -24.73
N PHE N 11 25.86 37.16 -25.66
CA PHE N 11 26.17 37.97 -26.83
C PHE N 11 25.60 39.37 -26.78
N THR N 12 24.82 39.70 -25.75
CA THR N 12 24.26 41.03 -25.58
C THR N 12 24.72 41.68 -24.27
N ASN N 13 25.99 41.47 -23.92
CA ASN N 13 26.57 42.09 -22.74
C ASN N 13 28.05 42.31 -22.96
N PRO N 14 28.53 43.56 -22.96
CA PRO N 14 29.94 43.82 -23.28
C PRO N 14 30.91 43.09 -22.37
N ASP N 15 30.54 42.87 -21.10
CA ASP N 15 31.42 42.17 -20.18
C ASP N 15 31.58 40.69 -20.52
N VAL N 16 30.77 40.14 -21.44
CA VAL N 16 30.77 38.70 -21.68
C VAL N 16 31.23 38.35 -23.09
N TYR N 17 30.95 39.20 -24.07
CA TYR N 17 31.22 38.86 -25.46
C TYR N 17 32.51 39.47 -26.00
N HIS N 18 33.28 40.16 -25.17
CA HIS N 18 34.53 40.77 -25.62
C HIS N 18 35.68 39.77 -25.72
N GLN N 19 35.41 38.47 -25.52
CA GLN N 19 36.47 37.46 -25.63
C GLN N 19 36.91 37.26 -27.08
N PHE N 20 36.09 37.65 -28.04
CA PHE N 20 36.41 37.47 -29.46
C PHE N 20 36.69 38.80 -30.15
N GLU N 21 35.75 39.75 -30.08
CA GLU N 21 35.91 41.05 -30.72
C GLU N 21 35.16 42.09 -29.89
N GLU N 22 35.36 43.36 -30.20
CA GLU N 22 34.75 44.46 -29.48
C GLU N 22 33.39 44.86 -30.03
N ASP N 23 32.91 44.19 -31.09
CA ASP N 23 31.62 44.48 -31.68
C ASP N 23 30.70 43.27 -31.57
N GLN N 24 29.40 43.53 -31.61
CA GLN N 24 28.39 42.48 -31.56
C GLN N 24 28.25 41.73 -32.88
N LEU N 25 28.94 42.18 -33.94
CA LEU N 25 28.88 41.54 -35.24
C LEU N 25 30.13 40.73 -35.57
N GLY N 26 31.25 41.03 -34.95
CA GLY N 26 32.47 40.27 -35.18
C GLY N 26 32.66 39.17 -34.15
N ALA N 27 32.27 39.45 -32.91
CA ALA N 27 32.38 38.44 -31.86
C ALA N 27 31.47 37.25 -32.14
N ILE N 28 30.26 37.50 -32.63
CA ILE N 28 29.34 36.41 -32.95
C ILE N 28 29.90 35.57 -34.09
N GLU N 29 30.42 36.22 -35.13
CA GLU N 29 31.01 35.49 -36.25
C GLU N 29 32.20 34.65 -35.80
N ASN N 30 33.04 35.20 -34.92
CA ASN N 30 34.16 34.44 -34.39
C ASN N 30 33.67 33.27 -33.54
N PHE N 31 32.56 33.45 -32.82
CA PHE N 31 31.99 32.36 -32.05
C PHE N 31 31.52 31.24 -32.97
N ILE N 32 30.89 31.59 -34.10
CA ILE N 32 30.56 30.58 -35.09
C ILE N 32 31.83 29.97 -35.67
N SER N 33 32.88 30.77 -35.84
CA SER N 33 34.14 30.28 -36.38
C SER N 33 34.86 29.33 -35.42
N LEU N 34 34.41 29.21 -34.18
CA LEU N 34 35.00 28.29 -33.21
C LEU N 34 34.10 27.12 -32.84
N ALA N 35 32.81 27.18 -33.16
CA ALA N 35 31.89 26.09 -32.82
C ALA N 35 31.92 24.96 -33.84
N SER N 36 32.66 25.09 -34.94
CA SER N 36 32.76 24.04 -35.94
C SER N 36 33.84 23.02 -35.61
N HIS N 37 34.64 23.26 -34.56
CA HIS N 37 35.58 22.26 -34.07
C HIS N 37 35.34 21.87 -32.63
N THR N 38 34.47 22.58 -31.91
CA THR N 38 34.24 22.29 -30.50
C THR N 38 33.59 20.92 -30.32
N ASN N 39 34.11 20.15 -29.36
CA ASN N 39 33.55 18.84 -29.03
C ASN N 39 32.50 18.96 -27.94
N ALA N 40 31.48 19.76 -28.22
CA ALA N 40 30.41 19.99 -27.26
C ALA N 40 29.12 20.30 -28.01
N ASN N 41 28.00 20.10 -27.33
CA ASN N 41 26.68 20.39 -27.87
C ASN N 41 26.19 21.71 -27.30
N PHE N 42 25.64 22.57 -28.17
CA PHE N 42 25.22 23.91 -27.80
C PHE N 42 23.72 24.03 -28.04
N PHE N 43 22.95 24.16 -26.97
CA PHE N 43 21.49 24.24 -27.04
C PHE N 43 21.03 25.63 -26.62
N MET N 44 20.06 26.17 -27.36
CA MET N 44 19.41 27.41 -26.97
C MET N 44 17.89 27.24 -27.03
N PRO N 45 17.17 27.69 -26.01
CA PRO N 45 15.71 27.58 -26.05
C PRO N 45 15.11 28.36 -27.21
N THR N 46 14.00 27.83 -27.75
CA THR N 46 13.38 28.44 -28.91
C THR N 46 12.77 29.81 -28.58
N SER N 47 12.34 30.02 -27.34
CA SER N 47 11.83 31.33 -26.95
C SER N 47 12.97 32.34 -26.85
N VAL N 48 14.15 31.90 -26.41
CA VAL N 48 15.31 32.78 -26.32
C VAL N 48 15.73 33.27 -27.70
N TYR N 49 15.55 32.43 -28.73
CA TYR N 49 15.96 32.82 -30.08
C TYR N 49 15.17 34.02 -30.58
N TYR N 50 13.88 34.07 -30.26
CA TYR N 50 13.05 35.19 -30.69
C TYR N 50 13.55 36.51 -30.11
N GLU N 51 13.86 36.51 -28.82
CA GLU N 51 14.38 37.72 -28.18
C GLU N 51 15.78 38.06 -28.67
N PHE N 52 16.59 37.05 -28.95
CA PHE N 52 17.97 37.29 -29.37
C PHE N 52 18.03 37.87 -30.78
N THR N 53 17.27 37.29 -31.71
CA THR N 53 17.34 37.71 -33.10
C THR N 53 16.53 38.98 -33.39
N LYS N 54 15.62 39.37 -32.49
CA LYS N 54 14.84 40.58 -32.73
C LYS N 54 15.64 41.85 -32.44
N MET N 55 16.56 41.80 -31.46
CA MET N 55 17.36 42.97 -31.12
C MET N 55 18.80 42.85 -31.61
N VAL N 56 19.33 41.62 -31.65
CA VAL N 56 20.60 41.37 -32.33
C VAL N 56 20.24 40.89 -33.73
N SER N 57 20.05 41.86 -34.63
CA SER N 57 19.65 41.60 -36.00
C SER N 57 20.90 41.55 -36.88
N LEU N 58 21.03 40.47 -37.65
CA LEU N 58 22.21 40.27 -38.48
C LEU N 58 21.85 39.38 -39.66
N GLY N 59 22.56 39.58 -40.78
CA GLY N 59 22.37 38.79 -41.97
C GLY N 59 23.64 38.03 -42.34
N ASP N 60 23.45 37.04 -43.21
CA ASP N 60 24.49 36.16 -43.75
C ASP N 60 25.11 35.26 -42.69
N LEU N 61 24.69 35.37 -41.43
CA LEU N 61 25.21 34.55 -40.35
C LEU N 61 24.13 33.75 -39.64
N ALA N 62 22.91 34.28 -39.58
CA ALA N 62 21.80 33.55 -38.95
C ALA N 62 21.53 32.19 -39.58
N PRO N 63 21.52 32.02 -40.91
CA PRO N 63 21.46 30.64 -41.44
C PRO N 63 22.61 29.78 -40.99
N LYS N 64 23.81 30.36 -40.85
CA LYS N 64 24.95 29.61 -40.35
C LYS N 64 24.90 29.45 -38.84
N PHE N 65 24.28 30.38 -38.13
CA PHE N 65 24.16 30.28 -36.68
C PHE N 65 23.12 29.24 -36.27
N GLU N 66 22.10 29.02 -37.10
CA GLU N 66 21.03 28.09 -36.77
C GLU N 66 21.47 26.64 -36.79
N LEU N 67 22.62 26.32 -37.38
CA LEU N 67 23.08 24.93 -37.44
C LEU N 67 24.13 24.60 -36.38
N VAL N 68 24.97 25.57 -36.00
CA VAL N 68 25.95 25.33 -34.95
C VAL N 68 25.26 25.19 -33.59
N VAL N 69 24.20 25.96 -33.37
CA VAL N 69 23.42 25.90 -32.14
C VAL N 69 22.08 25.24 -32.47
N ARG N 70 21.75 24.18 -31.73
CA ARG N 70 20.50 23.45 -31.94
C ARG N 70 19.38 24.16 -31.18
N ILE N 71 18.44 24.75 -31.91
CA ILE N 71 17.28 25.37 -31.31
C ILE N 71 16.31 24.29 -30.87
N ARG N 72 15.88 24.34 -29.61
CA ARG N 72 15.03 23.29 -29.05
C ARG N 72 14.07 23.92 -28.05
N SER N 73 12.88 23.32 -27.94
CA SER N 73 11.88 23.78 -26.99
C SER N 73 11.79 22.81 -25.82
N PRO N 74 11.61 23.32 -24.59
CA PRO N 74 11.51 22.43 -23.44
C PRO N 74 10.22 21.62 -23.47
N ARG N 75 10.24 20.51 -22.75
CA ARG N 75 9.11 19.59 -22.64
C ARG N 75 8.35 19.93 -21.36
N LYS N 76 7.31 20.75 -21.48
CA LYS N 76 6.54 21.22 -20.34
C LYS N 76 5.10 20.71 -20.36
N TRP N 77 4.78 19.75 -21.21
CA TRP N 77 3.43 19.20 -21.24
C TRP N 77 3.08 18.53 -19.92
N GLY N 78 3.82 17.47 -19.58
CA GLY N 78 3.68 16.86 -18.28
C GLY N 78 4.94 16.99 -17.45
N LEU N 79 4.90 17.82 -16.41
CA LEU N 79 6.07 18.08 -15.57
C LEU N 79 5.59 18.73 -14.29
N MET N 80 5.99 18.18 -13.15
CA MET N 80 5.65 18.72 -11.85
C MET N 80 6.90 19.32 -11.21
N VAL N 81 6.83 20.61 -10.89
CA VAL N 81 7.95 21.35 -10.31
C VAL N 81 7.75 21.41 -8.80
N PRO N 82 8.80 21.27 -8.00
CA PRO N 82 8.62 21.31 -6.54
C PRO N 82 8.01 22.63 -6.08
N ALA N 83 7.21 22.55 -5.03
CA ALA N 83 6.49 23.69 -4.50
C ALA N 83 7.39 24.66 -3.74
N GLU N 84 8.68 24.33 -3.57
CA GLU N 84 9.62 25.25 -2.96
C GLU N 84 10.14 26.29 -3.94
N PHE N 85 10.08 26.02 -5.24
CA PHE N 85 10.54 26.96 -6.25
C PHE N 85 9.57 28.12 -6.46
N LEU N 86 8.37 28.03 -5.90
CA LEU N 86 7.38 29.11 -6.00
C LEU N 86 7.22 29.91 -4.72
N TYR N 87 7.46 29.28 -3.56
CA TYR N 87 7.35 30.01 -2.30
C TYR N 87 8.38 31.12 -2.21
N GLU N 88 9.61 30.86 -2.66
CA GLU N 88 10.64 31.89 -2.67
C GLU N 88 10.28 33.03 -3.61
N PHE N 89 9.64 32.70 -4.74
CA PHE N 89 9.30 33.72 -5.72
C PHE N 89 8.30 34.73 -5.16
N ILE N 90 7.31 34.25 -4.41
CA ILE N 90 6.31 35.16 -3.85
C ILE N 90 6.96 36.14 -2.89
N GLU N 91 7.87 35.66 -2.02
CA GLU N 91 8.56 36.55 -1.10
C GLU N 91 9.44 37.54 -1.85
N GLU N 92 10.22 37.05 -2.81
CA GLU N 92 11.14 37.91 -3.55
C GLU N 92 10.42 38.87 -4.49
N VAL N 93 9.14 38.63 -4.77
CA VAL N 93 8.35 39.58 -5.56
C VAL N 93 7.68 40.61 -4.65
N ARG N 94 7.11 40.16 -3.53
CA ARG N 94 6.47 41.09 -2.62
C ARG N 94 7.47 42.07 -2.02
N TYR N 95 8.65 41.59 -1.63
CA TYR N 95 9.65 42.47 -1.05
C TYR N 95 10.09 43.54 -2.06
N ARG N 96 10.34 43.14 -3.30
CA ARG N 96 10.73 44.08 -4.33
C ARG N 96 9.61 45.06 -4.68
N ILE N 97 8.36 44.61 -4.72
CA ILE N 97 7.24 45.50 -4.97
C ILE N 97 7.10 46.54 -3.86
N ASN N 98 7.19 46.10 -2.60
CA ASN N 98 7.09 47.04 -1.49
C ASN N 98 8.28 47.99 -1.44
N LYS N 99 9.47 47.55 -1.86
CA LYS N 99 10.61 48.45 -1.94
C LYS N 99 10.48 49.44 -3.09
N GLY N 100 9.90 49.03 -4.21
CA GLY N 100 9.67 49.94 -5.32
C GLY N 100 8.58 50.95 -5.04
N LEU N 101 7.63 50.58 -4.17
CA LEU N 101 6.60 51.53 -3.76
C LEU N 101 7.21 52.73 -3.04
N ARG N 102 8.19 52.48 -2.16
CA ARG N 102 8.87 53.57 -1.47
C ARG N 102 9.59 54.47 -2.47
N ILE N 103 10.26 53.88 -3.46
CA ILE N 103 10.97 54.67 -4.46
C ILE N 103 9.98 55.52 -5.24
N ALA N 104 8.84 54.93 -5.63
CA ALA N 104 7.84 55.69 -6.37
C ALA N 104 7.31 56.85 -5.55
N GLU N 105 7.03 56.61 -4.26
CA GLU N 105 6.51 57.68 -3.41
C GLU N 105 7.52 58.80 -3.26
N GLU N 106 8.78 58.46 -2.94
CA GLU N 106 9.77 59.50 -2.73
C GLU N 106 10.09 60.25 -4.01
N HIS N 107 10.02 59.57 -5.15
CA HIS N 107 10.26 60.23 -6.43
C HIS N 107 9.11 61.12 -6.85
N THR N 108 7.87 60.76 -6.52
CA THR N 108 6.75 61.67 -6.76
C THR N 108 6.81 62.86 -5.82
N LYS N 109 7.29 62.66 -4.59
CA LYS N 109 7.51 63.78 -3.69
C LYS N 109 8.58 64.71 -4.24
N GLU N 110 9.66 64.16 -4.78
CA GLU N 110 10.73 64.97 -5.36
C GLU N 110 10.35 65.23 -6.82
N ALA N 111 9.12 65.68 -7.04
CA ALA N 111 8.68 66.09 -8.36
C ALA N 111 7.86 67.38 -8.36
N GLY N 112 7.22 67.76 -7.27
CA GLY N 112 6.41 68.95 -7.23
C GLY N 112 7.13 70.23 -6.83
N LYS N 113 8.35 70.10 -6.33
CA LYS N 113 9.13 71.27 -5.93
C LYS N 113 9.56 72.10 -7.14
N LEU N 114 9.94 71.43 -8.22
CA LEU N 114 10.33 72.11 -9.45
C LEU N 114 9.18 72.13 -10.43
N ALA N 115 9.11 73.19 -11.23
CA ALA N 115 8.06 73.34 -12.23
C ALA N 115 8.40 72.51 -13.47
N GLU N 116 7.70 72.77 -14.57
CA GLU N 116 7.86 71.97 -15.78
C GLU N 116 9.16 72.29 -16.51
N GLU N 117 10.29 72.10 -15.84
CA GLU N 117 11.61 72.21 -16.47
C GLU N 117 12.54 71.07 -16.12
N GLU N 118 12.33 70.37 -15.00
CA GLU N 118 13.11 69.20 -14.64
C GLU N 118 12.24 67.96 -14.44
N VAL N 119 10.91 68.10 -14.44
CA VAL N 119 10.02 66.95 -14.29
C VAL N 119 10.25 65.94 -15.41
N GLY N 120 10.66 66.41 -16.58
CA GLY N 120 11.01 65.53 -17.67
C GLY N 120 12.35 64.85 -17.55
N ARG N 121 13.11 65.15 -16.50
CA ARG N 121 14.37 64.48 -16.23
C ARG N 121 14.33 63.53 -15.05
N VAL N 122 13.36 63.66 -14.14
CA VAL N 122 13.18 62.68 -13.09
C VAL N 122 12.50 61.42 -13.59
N VAL N 123 11.90 61.46 -14.79
CA VAL N 123 11.30 60.27 -15.36
C VAL N 123 12.36 59.23 -15.70
N ASN N 124 13.49 59.67 -16.26
CA ASN N 124 14.60 58.75 -16.48
C ASN N 124 15.17 58.26 -15.17
N ARG N 125 15.19 59.12 -14.15
CA ARG N 125 15.55 58.68 -12.81
C ARG N 125 14.60 57.59 -12.32
N LEU N 126 13.29 57.75 -12.59
CA LEU N 126 12.33 56.74 -12.19
C LEU N 126 12.55 55.43 -12.95
N ARG N 127 12.88 55.54 -14.24
CA ARG N 127 13.16 54.35 -15.05
C ARG N 127 14.38 53.60 -14.51
N GLU N 128 15.42 54.35 -14.13
CA GLU N 128 16.64 53.72 -13.61
C GLU N 128 16.39 53.09 -12.24
N LYS N 129 15.79 53.85 -11.31
CA LYS N 129 15.61 53.34 -9.95
C LYS N 129 14.47 52.33 -9.83
N TYR N 130 13.60 52.23 -10.82
CA TYR N 130 12.53 51.25 -10.79
C TYR N 130 12.90 49.94 -11.47
N ARG N 131 13.58 50.00 -12.61
CA ARG N 131 14.05 48.76 -13.24
C ARG N 131 15.41 48.34 -12.71
N GLU N 132 15.59 48.41 -11.40
CA GLU N 132 16.66 47.71 -10.69
C GLU N 132 16.23 47.15 -9.34
N ALA N 133 15.11 47.59 -8.79
CA ALA N 133 14.62 47.11 -7.50
C ALA N 133 13.60 46.00 -7.62
N LEU N 134 13.10 45.75 -8.83
CA LEU N 134 12.16 44.66 -9.07
C LEU N 134 12.73 43.71 -10.11
N ARG N 135 13.67 44.19 -10.90
CA ARG N 135 14.38 43.39 -11.89
C ARG N 135 15.85 43.28 -11.49
N ALA N 136 16.66 42.67 -12.36
CA ALA N 136 18.12 42.58 -12.19
C ALA N 136 18.47 41.87 -10.88
N GLY N 137 18.12 40.58 -10.84
CA GLY N 137 18.38 39.77 -9.66
C GLY N 137 17.32 38.74 -9.40
N ILE N 138 16.22 38.81 -10.16
CA ILE N 138 15.13 37.86 -10.05
C ILE N 138 14.74 37.44 -11.47
N ILE N 139 14.09 36.27 -11.56
CA ILE N 139 13.59 35.80 -12.85
C ILE N 139 12.44 36.70 -13.28
N ASP N 140 12.51 37.19 -14.52
CA ASP N 140 11.55 38.17 -15.00
C ASP N 140 10.45 37.57 -15.87
N SER N 141 10.81 36.89 -16.95
CA SER N 141 9.84 36.41 -17.92
C SER N 141 10.10 34.95 -18.25
N LYS N 142 9.19 34.36 -19.02
CA LYS N 142 9.32 32.97 -19.46
C LYS N 142 10.50 32.76 -20.39
N GLU N 143 11.09 33.84 -20.93
CA GLU N 143 12.29 33.71 -21.74
C GLU N 143 13.44 33.12 -20.94
N ASP N 144 13.45 33.32 -19.62
CA ASP N 144 14.48 32.77 -18.76
C ASP N 144 14.03 31.54 -17.98
N VAL N 145 12.73 31.40 -17.73
CA VAL N 145 12.24 30.21 -17.03
C VAL N 145 12.52 28.95 -17.85
N ASP N 146 12.25 29.00 -19.15
CA ASP N 146 12.51 27.85 -20.01
C ASP N 146 13.99 27.51 -20.12
N VAL N 147 14.88 28.47 -19.86
CA VAL N 147 16.31 28.16 -19.79
C VAL N 147 16.59 27.24 -18.62
N LEU N 148 15.99 27.51 -17.47
CA LEU N 148 16.12 26.63 -16.31
C LEU N 148 15.45 25.27 -16.53
N LEU N 149 14.55 25.16 -17.50
CA LEU N 149 13.90 23.91 -17.83
C LEU N 149 14.69 23.09 -18.85
N LEU N 150 15.26 23.75 -19.86
CA LEU N 150 16.11 23.05 -20.82
C LEU N 150 17.42 22.59 -20.21
N SER N 151 17.80 23.14 -19.05
CA SER N 151 18.97 22.66 -18.32
C SER N 151 18.61 21.59 -17.29
N TYR N 152 17.40 21.65 -16.72
CA TYR N 152 16.97 20.64 -15.77
C TYR N 152 16.86 19.27 -16.44
N GLU N 153 16.14 19.20 -17.56
CA GLU N 153 15.86 17.94 -18.23
C GLU N 153 16.98 17.52 -19.17
N LEU N 154 18.14 18.18 -19.11
CA LEU N 154 19.27 17.82 -19.95
C LEU N 154 20.57 17.66 -19.17
N ASP N 155 20.67 18.22 -17.97
CA ASP N 155 21.87 18.09 -17.12
C ASP N 155 23.11 18.64 -17.82
N ALA N 156 23.07 19.94 -18.08
CA ALA N 156 24.16 20.63 -18.76
C ALA N 156 24.59 21.84 -17.95
N ILE N 157 25.67 22.48 -18.39
CA ILE N 157 26.25 23.62 -17.70
C ILE N 157 25.67 24.90 -18.31
N LEU N 158 25.08 25.73 -17.46
CA LEU N 158 24.52 27.00 -17.92
C LEU N 158 25.63 27.98 -18.27
N VAL N 159 25.39 28.78 -19.30
CA VAL N 159 26.31 29.83 -19.73
C VAL N 159 25.47 31.08 -19.97
N SER N 160 25.49 32.02 -19.03
CA SER N 160 24.72 33.24 -19.15
C SER N 160 25.39 34.34 -18.34
N GLY N 161 25.27 35.57 -18.85
CA GLY N 161 25.80 36.73 -18.15
C GLY N 161 24.89 37.30 -17.08
N ASP N 162 23.68 36.76 -16.95
CA ASP N 162 22.74 37.23 -15.96
C ASP N 162 23.22 36.87 -14.55
N GLU N 163 22.66 37.54 -13.56
CA GLU N 163 22.98 37.30 -12.15
C GLU N 163 21.88 36.60 -11.38
N GLY N 164 20.64 37.04 -11.53
CA GLY N 164 19.53 36.33 -10.91
C GLY N 164 19.30 34.96 -11.50
N LEU N 165 19.52 34.81 -12.81
CA LEU N 165 19.40 33.51 -13.46
C LEU N 165 20.39 32.51 -12.88
N ARG N 166 21.64 32.95 -12.66
CA ARG N 166 22.64 32.07 -12.07
C ARG N 166 22.29 31.70 -10.64
N LYS N 167 21.76 32.65 -9.86
CA LYS N 167 21.35 32.33 -8.49
C LYS N 167 20.22 31.32 -8.47
N TRP N 168 19.23 31.49 -9.36
CA TRP N 168 18.13 30.53 -9.40
C TRP N 168 18.59 29.17 -9.88
N ALA N 169 19.52 29.13 -10.85
CA ALA N 169 20.08 27.86 -11.29
C ALA N 169 20.84 27.17 -10.17
N ASP N 170 21.58 27.94 -9.37
CA ASP N 170 22.22 27.37 -8.19
C ASP N 170 21.21 26.81 -7.20
N ARG N 171 20.12 27.55 -6.98
CA ARG N 171 19.09 27.07 -6.05
C ARG N 171 18.47 25.77 -6.54
N VAL N 172 18.13 25.68 -7.82
CA VAL N 172 17.52 24.46 -8.33
C VAL N 172 18.56 23.35 -8.47
N GLY N 173 19.81 23.70 -8.74
CA GLY N 173 20.87 22.70 -8.80
C GLY N 173 21.42 22.45 -10.20
N ILE N 174 21.51 23.48 -11.02
CA ILE N 174 22.04 23.36 -12.37
C ILE N 174 23.53 23.71 -12.36
N LYS N 175 24.32 22.94 -13.10
CA LYS N 175 25.74 23.19 -13.20
C LYS N 175 25.99 24.57 -13.82
N LEU N 176 26.93 25.32 -13.26
CA LEU N 176 27.19 26.69 -13.66
C LEU N 176 28.67 26.88 -13.99
N ILE N 177 28.92 27.79 -14.93
CA ILE N 177 30.28 28.20 -15.30
C ILE N 177 30.31 29.70 -15.43
N ASP N 178 31.51 30.26 -15.36
CA ASP N 178 31.68 31.70 -15.55
C ASP N 178 31.54 32.06 -17.02
N PRO N 179 30.63 32.98 -17.37
CA PRO N 179 30.39 33.27 -18.80
C PRO N 179 31.57 33.95 -19.50
N LYS N 180 32.60 34.36 -18.76
CA LYS N 180 33.74 35.07 -19.35
C LYS N 180 34.84 34.14 -19.80
N ASN N 181 34.64 32.83 -19.71
CA ASN N 181 35.68 31.86 -20.05
C ASN N 181 35.32 30.99 -21.25
N LEU N 182 34.26 31.34 -22.00
CA LEU N 182 33.79 30.48 -23.07
C LEU N 182 34.86 30.24 -24.13
N ARG N 183 35.61 31.28 -24.48
CA ARG N 183 36.63 31.14 -25.53
C ARG N 183 37.67 30.11 -25.16
N TYR N 184 38.16 30.16 -23.92
CA TYR N 184 39.18 29.20 -23.50
C TYR N 184 38.61 27.81 -23.31
N ILE N 185 37.36 27.72 -22.81
CA ILE N 185 36.74 26.42 -22.62
C ILE N 185 36.57 25.71 -23.96
N MET N 186 36.11 26.43 -24.98
CA MET N 186 35.95 25.84 -26.30
C MET N 186 37.24 25.79 -27.09
N GLU N 187 38.30 26.46 -26.62
CA GLU N 187 39.61 26.37 -27.28
C GLU N 187 40.35 25.09 -26.95
N ASN N 188 39.96 24.39 -25.89
CA ASN N 188 40.63 23.15 -25.49
C ASN N 188 39.85 21.90 -25.88
N LEU N 189 38.53 22.01 -26.05
CA LEU N 189 37.71 20.87 -26.44
C LEU N 189 37.27 20.98 -27.89
N ASP O 2 -16.83 17.08 6.10
CA ASP O 2 -15.53 17.02 5.45
C ASP O 2 -14.53 17.93 6.14
N THR O 3 -13.38 18.15 5.50
CA THR O 3 -12.32 18.98 6.04
C THR O 3 -12.22 20.28 5.24
N PHE O 4 -12.17 21.41 5.95
CA PHE O 4 -12.13 22.73 5.34
C PHE O 4 -10.83 23.42 5.72
N VAL O 5 -10.32 24.24 4.80
CA VAL O 5 -9.14 25.06 5.04
C VAL O 5 -9.60 26.51 4.97
N LEU O 6 -9.82 27.13 6.13
CA LEU O 6 -10.30 28.49 6.19
C LEU O 6 -9.19 29.49 5.91
N ASP O 7 -9.56 30.61 5.31
CA ASP O 7 -8.65 31.71 5.04
C ASP O 7 -9.04 32.90 5.90
N THR O 8 -8.04 33.67 6.36
CA THR O 8 -8.31 34.81 7.21
C THR O 8 -9.10 35.90 6.49
N SER O 9 -9.16 35.87 5.16
CA SER O 9 -9.94 36.85 4.42
C SER O 9 -11.41 36.43 4.35
N VAL O 10 -11.98 36.12 5.51
CA VAL O 10 -13.40 35.78 5.61
C VAL O 10 -14.02 36.70 6.66
N PHE O 11 -13.42 36.72 7.85
CA PHE O 11 -13.86 37.61 8.91
C PHE O 11 -13.47 39.06 8.67
N THR O 12 -12.62 39.33 7.67
CA THR O 12 -12.22 40.70 7.35
C THR O 12 -13.09 41.33 6.26
N ASN O 13 -13.67 40.52 5.37
CA ASN O 13 -14.53 41.05 4.32
C ASN O 13 -15.97 41.12 4.81
N PRO O 14 -16.59 42.30 4.84
CA PRO O 14 -17.99 42.39 5.26
C PRO O 14 -18.93 41.48 4.49
N ASP O 15 -18.62 41.13 3.24
CA ASP O 15 -19.55 40.38 2.41
C ASP O 15 -19.80 38.99 2.97
N VAL O 16 -18.79 38.36 3.57
CA VAL O 16 -18.88 36.95 3.94
C VAL O 16 -19.49 36.78 5.33
N TYR O 17 -19.03 37.53 6.33
CA TYR O 17 -19.39 37.22 7.70
C TYR O 17 -20.75 37.75 8.12
N HIS O 18 -21.54 38.35 7.23
CA HIS O 18 -22.86 38.81 7.62
C HIS O 18 -23.86 37.68 7.83
N GLN O 19 -23.53 36.45 7.45
CA GLN O 19 -24.42 35.32 7.71
C GLN O 19 -24.60 35.11 9.20
N PHE O 20 -23.52 35.20 9.96
CA PHE O 20 -23.56 34.96 11.40
C PHE O 20 -23.90 36.23 12.16
N ASP O 23 -20.84 42.58 11.90
CA ASP O 23 -20.02 42.63 13.11
C ASP O 23 -18.84 41.65 13.00
N GLN O 24 -17.70 42.06 13.53
CA GLN O 24 -16.48 41.25 13.50
C GLN O 24 -16.23 40.53 14.81
N LEU O 25 -17.19 40.54 15.73
CA LEU O 25 -17.06 39.85 17.00
C LEU O 25 -18.16 38.83 17.24
N GLY O 26 -19.38 39.09 16.76
CA GLY O 26 -20.45 38.13 16.88
C GLY O 26 -20.43 37.12 15.75
N ALA O 27 -19.77 37.47 14.65
CA ALA O 27 -19.64 36.55 13.52
C ALA O 27 -18.73 35.38 13.89
N ILE O 28 -17.57 35.66 14.47
CA ILE O 28 -16.65 34.59 14.85
C ILE O 28 -17.24 33.75 15.98
N GLU O 29 -17.90 34.39 16.95
CA GLU O 29 -18.50 33.66 18.05
C GLU O 29 -19.59 32.71 17.54
N ASN O 30 -20.46 33.20 16.66
CA ASN O 30 -21.50 32.34 16.10
C ASN O 30 -20.91 31.25 15.22
N PHE O 31 -19.83 31.55 14.48
CA PHE O 31 -19.17 30.52 13.68
C PHE O 31 -18.64 29.40 14.57
N ILE O 32 -18.00 29.76 15.68
CA ILE O 32 -17.47 28.75 16.60
C ILE O 32 -18.61 27.96 17.22
N SER O 33 -19.68 28.64 17.62
CA SER O 33 -20.82 27.95 18.22
C SER O 33 -21.44 26.96 17.25
N LEU O 34 -21.57 27.35 15.97
CA LEU O 34 -22.15 26.45 14.98
C LEU O 34 -21.21 25.29 14.68
N ALA O 35 -19.90 25.55 14.61
CA ALA O 35 -18.95 24.49 14.31
C ALA O 35 -18.75 23.55 15.49
N SER O 36 -19.15 23.95 16.70
CA SER O 36 -19.07 23.05 17.85
C SER O 36 -19.97 21.84 17.67
N HIS O 37 -21.18 22.04 17.14
CA HIS O 37 -22.13 20.96 16.90
C HIS O 37 -22.13 20.51 15.44
N THR O 38 -20.99 20.61 14.76
CA THR O 38 -20.86 20.25 13.36
C THR O 38 -19.76 19.22 13.18
N ASN O 39 -20.05 18.17 12.40
CA ASN O 39 -19.08 17.12 12.11
C ASN O 39 -18.29 17.58 10.88
N ALA O 40 -17.22 18.33 11.14
CA ALA O 40 -16.37 18.84 10.07
C ALA O 40 -15.01 19.17 10.66
N ASN O 41 -14.06 19.43 9.77
CA ASN O 41 -12.68 19.75 10.14
C ASN O 41 -12.30 21.09 9.51
N PHE O 42 -11.70 21.96 10.32
CA PHE O 42 -11.24 23.28 9.87
C PHE O 42 -9.77 23.41 10.23
N PHE O 43 -8.91 23.37 9.20
CA PHE O 43 -7.46 23.46 9.38
C PHE O 43 -7.00 24.83 8.88
N MET O 44 -6.60 25.68 9.81
CA MET O 44 -6.09 27.00 9.46
C MET O 44 -4.56 26.96 9.33
N PRO O 45 -4.01 27.60 8.30
CA PRO O 45 -2.54 27.64 8.17
C PRO O 45 -1.90 28.39 9.32
N THR O 46 -0.60 28.12 9.51
CA THR O 46 0.09 28.71 10.66
C THR O 46 0.40 30.19 10.44
N SER O 47 0.69 30.60 9.20
CA SER O 47 0.91 32.01 8.92
C SER O 47 -0.41 32.77 8.85
N VAL O 48 -1.47 32.12 8.39
CA VAL O 48 -2.77 32.76 8.28
C VAL O 48 -3.33 33.07 9.66
N TYR O 49 -3.15 32.17 10.62
CA TYR O 49 -3.65 32.39 11.97
C TYR O 49 -2.95 33.59 12.62
N TYR O 50 -1.65 33.76 12.35
CA TYR O 50 -0.94 34.92 12.89
C TYR O 50 -1.50 36.22 12.29
N GLU O 51 -1.84 36.21 11.01
CA GLU O 51 -2.51 37.37 10.43
C GLU O 51 -4.01 37.29 10.72
N PHE O 52 -4.36 36.97 11.97
CA PHE O 52 -5.72 37.07 12.45
C PHE O 52 -5.79 37.59 13.88
N THR O 53 -4.65 37.81 14.53
CA THR O 53 -4.59 38.29 15.90
C THR O 53 -3.92 39.65 16.03
N LYS O 54 -2.93 39.95 15.19
CA LYS O 54 -2.27 41.25 15.20
C LYS O 54 -3.07 42.32 14.48
N MET O 55 -4.19 41.95 13.85
CA MET O 55 -5.06 42.92 13.21
C MET O 55 -6.53 42.72 13.59
N VAL O 56 -6.88 41.66 14.32
CA VAL O 56 -8.21 41.48 14.87
C VAL O 56 -8.05 41.05 16.33
N SER O 57 -8.77 41.73 17.22
CA SER O 57 -8.69 41.48 18.66
C SER O 57 -9.86 40.59 19.06
N LEU O 58 -9.58 39.32 19.30
CA LEU O 58 -10.59 38.36 19.75
C LEU O 58 -10.76 38.52 21.26
N GLY O 59 -11.78 39.26 21.68
CA GLY O 59 -12.02 39.50 23.08
C GLY O 59 -12.53 38.28 23.82
N ASP O 60 -11.71 37.73 24.71
CA ASP O 60 -12.00 36.59 25.56
C ASP O 60 -12.14 35.28 24.79
N LEU O 61 -12.09 35.32 23.46
CA LEU O 61 -12.21 34.09 22.66
C LEU O 61 -10.85 33.44 22.41
N ALA O 62 -10.09 33.24 23.48
CA ALA O 62 -8.83 32.52 23.34
C ALA O 62 -9.09 31.01 23.27
N PRO O 63 -9.74 30.36 24.29
CA PRO O 63 -10.02 28.93 24.22
C PRO O 63 -11.36 28.61 23.58
N LYS O 64 -11.67 29.28 22.46
CA LYS O 64 -12.85 28.97 21.66
C LYS O 64 -12.47 28.63 20.23
N PHE O 65 -11.60 29.43 19.61
CA PHE O 65 -11.13 29.18 18.26
C PHE O 65 -10.03 28.13 18.21
N GLU O 66 -9.56 27.66 19.36
CA GLU O 66 -8.47 26.69 19.41
C GLU O 66 -8.94 25.24 19.41
N LEU O 67 -10.06 24.94 20.06
CA LEU O 67 -10.58 23.58 20.13
C LEU O 67 -11.55 23.27 18.99
N VAL O 68 -11.76 24.21 18.07
CA VAL O 68 -12.68 24.01 16.96
C VAL O 68 -11.87 24.04 15.65
N VAL O 69 -10.80 24.81 15.64
CA VAL O 69 -9.96 24.98 14.46
C VAL O 69 -8.54 24.56 14.80
N ARG O 70 -7.94 23.74 13.95
CA ARG O 70 -6.58 23.27 14.11
C ARG O 70 -5.63 24.08 13.25
N ILE O 71 -4.43 24.34 13.77
CA ILE O 71 -3.45 25.20 13.10
C ILE O 71 -2.23 24.36 12.79
N ARG O 72 -1.81 24.39 11.51
CA ARG O 72 -0.64 23.65 11.08
C ARG O 72 -0.11 24.29 9.80
N SER O 73 1.13 23.95 9.45
CA SER O 73 1.78 24.51 8.28
C SER O 73 1.82 23.50 7.13
N PRO O 74 1.74 23.96 5.89
CA PRO O 74 1.79 23.03 4.74
C PRO O 74 3.20 22.49 4.55
N ARG O 75 3.31 21.17 4.50
CA ARG O 75 4.60 20.51 4.25
C ARG O 75 4.91 20.61 2.76
N LYS O 76 5.75 21.59 2.40
CA LYS O 76 5.97 21.94 1.00
C LYS O 76 7.08 21.14 0.33
N TRP O 77 7.86 20.36 1.09
CA TRP O 77 8.96 19.63 0.47
C TRP O 77 8.47 18.45 -0.37
N GLY O 78 7.29 17.93 -0.09
CA GLY O 78 6.77 16.81 -0.86
C GLY O 78 5.85 17.21 -1.99
N LEU O 79 5.35 18.44 -1.96
CA LEU O 79 4.41 18.90 -2.96
C LEU O 79 5.12 19.26 -4.26
N MET O 80 4.38 19.12 -5.37
CA MET O 80 4.86 19.50 -6.69
C MET O 80 3.73 20.18 -7.46
N VAL O 81 4.10 21.13 -8.31
CA VAL O 81 3.12 21.89 -9.08
C VAL O 81 3.51 21.89 -10.55
N PRO O 82 2.55 21.99 -11.48
CA PRO O 82 2.89 21.99 -12.91
C PRO O 82 3.64 23.26 -13.31
N ALA O 83 4.44 23.12 -14.37
CA ALA O 83 5.18 24.26 -14.90
C ALA O 83 4.28 25.31 -15.52
N GLU O 84 3.03 24.95 -15.82
CA GLU O 84 2.08 25.93 -16.36
C GLU O 84 1.86 27.07 -15.38
N PHE O 85 1.84 26.78 -14.08
CA PHE O 85 1.74 27.84 -13.08
C PHE O 85 2.94 28.77 -13.14
N LEU O 86 4.13 28.21 -13.29
CA LEU O 86 5.33 29.05 -13.40
C LEU O 86 5.24 29.96 -14.63
N TYR O 87 4.85 29.39 -15.77
CA TYR O 87 4.77 30.19 -16.98
C TYR O 87 3.68 31.24 -16.91
N GLU O 88 2.56 30.96 -16.23
CA GLU O 88 1.49 31.92 -16.11
C GLU O 88 1.86 33.06 -15.15
N PHE O 89 2.46 32.71 -14.01
CA PHE O 89 2.87 33.74 -13.05
C PHE O 89 3.98 34.62 -13.61
N ILE O 90 4.93 34.02 -14.33
CA ILE O 90 6.06 34.78 -14.85
C ILE O 90 5.62 35.81 -15.87
N GLU O 91 4.42 35.69 -16.42
CA GLU O 91 3.85 36.68 -17.32
C GLU O 91 2.89 37.62 -16.62
N GLU O 92 2.03 37.11 -15.74
CA GLU O 92 1.05 37.95 -15.06
C GLU O 92 1.66 38.75 -13.91
N VAL O 93 2.95 38.55 -13.61
CA VAL O 93 3.67 39.43 -12.71
C VAL O 93 4.46 40.47 -13.49
N ARG O 94 5.08 40.07 -14.61
CA ARG O 94 5.81 41.02 -15.44
C ARG O 94 4.88 42.08 -16.03
N TYR O 95 3.70 41.65 -16.51
CA TYR O 95 2.76 42.61 -17.09
C TYR O 95 2.29 43.62 -16.05
N ARG O 96 2.00 43.15 -14.83
CA ARG O 96 1.57 44.06 -13.78
C ARG O 96 2.71 44.96 -13.30
N ILE O 97 3.95 44.47 -13.33
CA ILE O 97 5.08 45.32 -12.99
C ILE O 97 5.23 46.44 -14.01
N ASN O 98 5.07 46.11 -15.30
CA ASN O 98 5.11 47.14 -16.33
C ASN O 98 3.96 48.13 -16.17
N LYS O 99 2.77 47.64 -15.85
CA LYS O 99 1.63 48.53 -15.61
C LYS O 99 1.90 49.46 -14.43
N GLY O 100 2.47 48.93 -13.36
CA GLY O 100 2.80 49.76 -12.21
C GLY O 100 3.84 50.82 -12.56
N LEU O 101 4.85 50.44 -13.34
CA LEU O 101 5.84 51.42 -13.78
C LEU O 101 5.20 52.54 -14.60
N ARG O 102 4.32 52.17 -15.53
CA ARG O 102 3.65 53.18 -16.33
C ARG O 102 2.77 54.08 -15.48
N ILE O 103 2.05 53.50 -14.53
CA ILE O 103 1.16 54.28 -13.66
C ILE O 103 1.98 55.26 -12.81
N ALA O 104 3.10 54.78 -12.27
CA ALA O 104 3.97 55.65 -11.48
C ALA O 104 4.53 56.77 -12.34
N GLU O 105 4.94 56.47 -13.57
CA GLU O 105 5.45 57.52 -14.46
C GLU O 105 4.38 58.55 -14.75
N GLU O 106 3.16 58.11 -15.03
CA GLU O 106 2.07 59.03 -15.29
C GLU O 106 1.78 59.91 -14.08
N HIS O 107 1.78 59.32 -12.88
CA HIS O 107 1.53 60.10 -11.68
C HIS O 107 2.63 61.12 -11.45
N THR O 108 3.89 60.74 -11.69
CA THR O 108 5.00 61.67 -11.51
C THR O 108 4.90 62.82 -12.51
N LYS O 109 4.55 62.52 -13.76
CA LYS O 109 4.40 63.58 -14.75
C LYS O 109 3.23 64.50 -14.41
N GLU O 110 2.12 63.94 -13.94
CA GLU O 110 0.93 64.74 -13.63
C GLU O 110 1.14 65.59 -12.39
N ALA O 111 1.89 65.11 -11.40
CA ALA O 111 2.13 65.85 -10.16
C ALA O 111 3.51 66.49 -10.14
N GLY O 112 4.01 66.88 -11.31
CA GLY O 112 5.31 67.53 -11.40
C GLY O 112 5.28 68.82 -12.18
N LYS O 113 4.16 69.06 -12.87
CA LYS O 113 3.99 70.29 -13.64
C LYS O 113 2.65 70.96 -13.47
N LEU O 114 1.65 70.29 -12.88
CA LEU O 114 0.33 70.86 -12.71
C LEU O 114 0.23 71.79 -11.50
N ALA O 115 0.93 71.50 -10.42
CA ALA O 115 0.83 72.32 -9.22
C ALA O 115 2.12 72.23 -8.42
N GLU O 116 2.30 73.19 -7.52
CA GLU O 116 3.45 73.24 -6.63
C GLU O 116 3.18 72.59 -5.28
N GLU O 117 1.92 72.58 -4.84
CA GLU O 117 1.54 72.02 -3.55
C GLU O 117 0.42 71.01 -3.72
N GLU O 118 -0.19 70.58 -2.62
CA GLU O 118 -1.31 69.63 -2.64
C GLU O 118 -0.86 68.29 -3.24
N VAL O 119 0.09 67.65 -2.55
CA VAL O 119 0.63 66.37 -2.96
C VAL O 119 0.16 65.23 -2.08
N GLY O 120 -0.59 65.50 -1.01
CA GLY O 120 -1.12 64.43 -0.20
C GLY O 120 -2.16 63.61 -0.94
N ARG O 121 -3.07 64.28 -1.65
CA ARG O 121 -4.01 63.57 -2.51
C ARG O 121 -3.28 62.85 -3.64
N VAL O 122 -2.14 63.41 -4.08
CA VAL O 122 -1.30 62.72 -5.05
C VAL O 122 -0.77 61.41 -4.46
N VAL O 123 -0.36 61.45 -3.18
CA VAL O 123 0.11 60.24 -2.51
C VAL O 123 -1.03 59.23 -2.41
N ASN O 124 -2.23 59.69 -2.06
CA ASN O 124 -3.37 58.78 -1.99
C ASN O 124 -3.67 58.13 -3.33
N ARG O 125 -3.64 58.93 -4.41
CA ARG O 125 -3.88 58.37 -5.74
C ARG O 125 -2.77 57.39 -6.12
N LEU O 126 -1.52 57.68 -5.75
CA LEU O 126 -0.44 56.74 -6.01
C LEU O 126 -0.70 55.41 -5.30
N ARG O 127 -1.13 55.48 -4.03
CA ARG O 127 -1.48 54.26 -3.31
C ARG O 127 -2.56 53.48 -4.04
N GLU O 128 -3.66 54.15 -4.39
CA GLU O 128 -4.82 53.47 -4.96
C GLU O 128 -4.60 52.98 -6.38
N LYS O 129 -3.66 53.55 -7.14
CA LYS O 129 -3.34 53.04 -8.46
C LYS O 129 -2.03 52.25 -8.52
N TYR O 130 -1.37 52.04 -7.38
CA TYR O 130 -0.23 51.13 -7.34
C TYR O 130 -0.55 49.82 -6.62
N ARG O 131 -1.07 49.90 -5.39
CA ARG O 131 -1.42 48.70 -4.66
C ARG O 131 -2.52 47.92 -5.36
N GLU O 132 -3.56 48.63 -5.81
CA GLU O 132 -4.66 47.98 -6.52
C GLU O 132 -4.28 47.55 -7.93
N ALA O 133 -3.20 48.09 -8.49
CA ALA O 133 -2.74 47.65 -9.80
C ALA O 133 -1.87 46.41 -9.71
N LEU O 134 -1.03 46.30 -8.69
CA LEU O 134 -0.16 45.15 -8.52
C LEU O 134 -0.72 44.10 -7.56
N ARG O 135 -1.93 44.30 -7.05
CA ARG O 135 -2.57 43.34 -6.13
C ARG O 135 -4.00 43.06 -6.54
N ALA O 136 -4.23 42.82 -7.84
CA ALA O 136 -5.55 42.51 -8.38
C ALA O 136 -5.42 41.33 -9.33
N GLY O 137 -5.65 40.13 -8.81
CA GLY O 137 -5.62 38.91 -9.62
C GLY O 137 -4.37 38.08 -9.48
N ILE O 138 -3.46 38.42 -8.57
CA ILE O 138 -2.24 37.65 -8.34
C ILE O 138 -2.08 37.45 -6.85
N ILE O 139 -1.72 36.23 -6.45
CA ILE O 139 -1.44 35.95 -5.04
C ILE O 139 -0.25 36.79 -4.61
N ASP O 140 -0.44 37.60 -3.57
CA ASP O 140 0.57 38.57 -3.14
C ASP O 140 1.35 38.10 -1.91
N SER O 141 0.66 37.82 -0.81
CA SER O 141 1.33 37.46 0.44
C SER O 141 1.57 35.96 0.50
N LYS O 142 2.37 35.56 1.49
CA LYS O 142 2.65 34.15 1.69
C LYS O 142 1.57 33.42 2.46
N GLU O 143 0.64 34.14 3.11
CA GLU O 143 -0.50 33.48 3.73
C GLU O 143 -1.43 32.86 2.69
N ASP O 144 -1.63 33.54 1.56
CA ASP O 144 -2.41 32.96 0.47
C ASP O 144 -1.73 31.72 -0.10
N VAL O 145 -0.40 31.76 -0.24
CA VAL O 145 0.33 30.58 -0.68
C VAL O 145 0.22 29.45 0.33
N ASP O 146 0.23 29.76 1.63
CA ASP O 146 0.05 28.77 2.67
C ASP O 146 -1.33 28.15 2.67
N VAL O 147 -2.37 28.92 2.34
CA VAL O 147 -3.71 28.38 2.14
C VAL O 147 -3.77 27.47 0.91
N LEU O 148 -3.22 27.96 -0.21
CA LEU O 148 -3.27 27.19 -1.45
C LEU O 148 -2.54 25.87 -1.32
N LEU O 149 -1.32 25.89 -0.76
CA LEU O 149 -0.55 24.66 -0.62
C LEU O 149 -1.17 23.72 0.39
N LEU O 150 -1.71 24.25 1.49
CA LEU O 150 -2.38 23.39 2.47
C LEU O 150 -3.59 22.70 1.86
N SER O 151 -4.39 23.44 1.08
CA SER O 151 -5.52 22.82 0.40
C SER O 151 -5.09 21.82 -0.66
N TYR O 152 -4.00 22.12 -1.39
CA TYR O 152 -3.51 21.21 -2.42
C TYR O 152 -2.95 19.93 -1.84
N GLU O 153 -2.33 19.99 -0.65
CA GLU O 153 -1.78 18.81 0.01
C GLU O 153 -2.82 18.00 0.77
N LEU O 154 -3.67 18.66 1.54
CA LEU O 154 -4.70 17.97 2.30
C LEU O 154 -5.89 17.54 1.45
N ASP O 155 -5.98 18.04 0.22
CA ASP O 155 -7.10 17.76 -0.68
C ASP O 155 -8.43 18.09 0.01
N ALA O 156 -8.58 19.36 0.36
CA ALA O 156 -9.72 19.86 1.11
C ALA O 156 -10.44 20.92 0.30
N ILE O 157 -11.43 21.57 0.94
CA ILE O 157 -12.22 22.62 0.31
C ILE O 157 -11.61 23.96 0.69
N LEU O 158 -11.28 24.77 -0.31
CA LEU O 158 -10.60 26.05 -0.12
C LEU O 158 -11.65 27.12 0.13
N VAL O 159 -11.90 27.43 1.40
CA VAL O 159 -12.87 28.46 1.79
C VAL O 159 -12.10 29.77 1.88
N SER O 160 -11.99 30.46 0.75
CA SER O 160 -11.26 31.72 0.66
C SER O 160 -12.18 32.82 0.15
N GLY O 161 -12.18 33.96 0.83
CA GLY O 161 -12.96 35.11 0.43
C GLY O 161 -12.32 36.02 -0.58
N ASP O 162 -11.09 35.71 -1.02
CA ASP O 162 -10.40 36.52 -2.00
C ASP O 162 -10.89 36.17 -3.41
N GLU O 163 -10.31 36.84 -4.41
CA GLU O 163 -10.66 36.60 -5.80
C GLU O 163 -9.52 36.01 -6.61
N GLY O 164 -8.31 36.58 -6.51
CA GLY O 164 -7.16 35.97 -7.16
C GLY O 164 -6.80 34.63 -6.54
N LEU O 165 -7.01 34.50 -5.22
CA LEU O 165 -6.75 33.23 -4.56
C LEU O 165 -7.61 32.11 -5.13
N ARG O 166 -8.91 32.36 -5.29
CA ARG O 166 -9.78 31.37 -5.91
C ARG O 166 -9.41 31.14 -7.37
N LYS O 167 -9.05 32.20 -8.09
CA LYS O 167 -8.72 32.07 -9.50
C LYS O 167 -7.52 31.17 -9.70
N TRP O 168 -6.50 31.29 -8.85
CA TRP O 168 -5.33 30.43 -8.95
C TRP O 168 -5.48 29.12 -8.22
N ALA O 169 -6.48 28.98 -7.34
CA ALA O 169 -6.77 27.68 -6.76
C ALA O 169 -7.47 26.77 -7.76
N ASP O 170 -8.41 27.32 -8.52
CA ASP O 170 -9.17 26.52 -9.49
C ASP O 170 -8.47 26.40 -10.84
N ARG O 171 -7.15 26.55 -10.88
CA ARG O 171 -6.42 26.45 -12.14
C ARG O 171 -5.68 25.12 -12.29
N VAL O 172 -5.37 24.43 -11.20
CA VAL O 172 -4.71 23.13 -11.28
C VAL O 172 -5.51 22.10 -10.49
N GLY O 173 -6.68 22.49 -9.99
CA GLY O 173 -7.53 21.55 -9.29
C GLY O 173 -7.70 21.86 -7.82
N ILE O 174 -8.94 22.18 -7.41
CA ILE O 174 -9.25 22.49 -6.03
C ILE O 174 -10.75 22.38 -5.86
N LYS O 175 -11.19 22.24 -4.61
CA LYS O 175 -12.62 22.20 -4.28
C LYS O 175 -12.99 23.52 -3.61
N LEU O 176 -14.04 24.16 -4.09
CA LEU O 176 -14.50 25.44 -3.58
C LEU O 176 -15.86 25.32 -2.93
N ILE O 177 -16.16 26.29 -2.06
CA ILE O 177 -17.48 26.45 -1.48
C ILE O 177 -17.88 27.91 -1.63
N ASP O 178 -19.18 28.15 -1.57
CA ASP O 178 -19.68 29.52 -1.65
C ASP O 178 -19.49 30.21 -0.31
N PRO O 179 -18.71 31.29 -0.23
CA PRO O 179 -18.52 31.96 1.07
C PRO O 179 -19.80 32.49 1.67
N LYS O 180 -20.80 32.83 0.85
CA LYS O 180 -22.09 33.28 1.36
C LYS O 180 -23.00 32.11 1.72
N ASN O 181 -22.68 30.90 1.28
CA ASN O 181 -23.46 29.71 1.59
C ASN O 181 -22.75 28.79 2.57
N LEU O 182 -21.67 29.25 3.21
CA LEU O 182 -20.94 28.41 4.14
C LEU O 182 -21.81 28.01 5.32
N ARG O 183 -22.65 28.92 5.81
CA ARG O 183 -23.52 28.59 6.93
C ARG O 183 -24.47 27.46 6.59
N TYR O 184 -25.02 27.46 5.38
CA TYR O 184 -25.93 26.39 4.96
C TYR O 184 -25.22 25.03 4.95
N ILE O 185 -24.02 24.98 4.37
CA ILE O 185 -23.28 23.73 4.29
C ILE O 185 -22.89 23.24 5.68
N MET O 186 -22.44 24.14 6.54
CA MET O 186 -22.02 23.77 7.88
C MET O 186 -23.20 23.39 8.78
N GLU O 187 -24.39 23.93 8.51
CA GLU O 187 -25.58 23.59 9.27
C GLU O 187 -26.28 22.34 8.77
N ASN O 188 -26.06 21.95 7.51
CA ASN O 188 -26.60 20.71 6.98
C ASN O 188 -25.84 19.48 7.47
N LEU O 189 -24.88 19.65 8.37
CA LEU O 189 -24.11 18.53 8.90
C LEU O 189 -24.36 18.33 10.39
N ASP P 2 1.04 11.30 -21.11
CA ASP P 2 -0.17 10.84 -20.46
C ASP P 2 -0.99 9.93 -21.37
N THR P 3 -2.19 9.59 -20.93
CA THR P 3 -3.09 8.70 -21.67
C THR P 3 -4.33 9.48 -22.08
N PHE P 4 -4.71 9.32 -23.36
CA PHE P 4 -5.87 10.00 -23.92
C PHE P 4 -6.99 9.00 -24.20
N VAL P 5 -8.21 9.40 -23.89
CA VAL P 5 -9.40 8.60 -24.17
C VAL P 5 -10.11 9.27 -25.34
N LEU P 6 -10.19 8.57 -26.46
CA LEU P 6 -10.79 9.12 -27.68
C LEU P 6 -12.31 8.89 -27.68
N ASP P 7 -12.98 9.50 -28.65
CA ASP P 7 -14.42 9.40 -28.79
C ASP P 7 -14.77 9.24 -30.26
N THR P 8 -16.03 8.86 -30.51
CA THR P 8 -16.51 8.72 -31.88
C THR P 8 -16.51 10.07 -32.60
N SER P 9 -16.87 11.14 -31.89
CA SER P 9 -16.95 12.46 -32.52
C SER P 9 -15.56 13.12 -32.57
N VAL P 10 -14.57 12.38 -33.05
CA VAL P 10 -13.27 12.95 -33.37
C VAL P 10 -12.82 12.67 -34.79
N PHE P 11 -13.23 11.55 -35.39
CA PHE P 11 -12.98 11.27 -36.79
C PHE P 11 -14.21 11.46 -37.66
N THR P 12 -15.35 11.83 -37.08
CA THR P 12 -16.58 12.06 -37.82
C THR P 12 -17.02 13.51 -37.84
N ASN P 13 -16.75 14.27 -36.78
CA ASN P 13 -17.11 15.68 -36.74
C ASN P 13 -16.20 16.45 -37.71
N PRO P 14 -16.75 17.12 -38.72
CA PRO P 14 -15.88 17.78 -39.71
C PRO P 14 -15.00 18.87 -39.15
N ASP P 15 -15.31 19.41 -37.98
CA ASP P 15 -14.54 20.49 -37.39
C ASP P 15 -13.43 20.00 -36.46
N VAL P 16 -13.22 18.69 -36.37
CA VAL P 16 -12.24 18.15 -35.43
C VAL P 16 -11.15 17.37 -36.16
N TYR P 17 -11.48 16.77 -37.30
CA TYR P 17 -10.52 15.94 -38.03
C TYR P 17 -9.92 16.66 -39.24
N HIS P 18 -10.26 17.93 -39.46
CA HIS P 18 -9.64 18.70 -40.53
C HIS P 18 -8.22 19.13 -40.19
N GLN P 19 -7.77 18.95 -38.95
CA GLN P 19 -6.40 19.29 -38.60
C GLN P 19 -5.41 18.43 -39.37
N PHE P 20 -5.71 17.15 -39.53
CA PHE P 20 -4.80 16.23 -40.22
C PHE P 20 -4.95 16.34 -41.73
N GLU P 21 -6.17 16.16 -42.23
CA GLU P 21 -6.43 16.24 -43.66
C GLU P 21 -7.93 16.37 -43.87
N GLU P 22 -8.31 16.92 -45.02
CA GLU P 22 -9.70 17.28 -45.27
C GLU P 22 -10.59 16.05 -45.34
N ASP P 23 -10.22 15.06 -46.15
CA ASP P 23 -11.03 13.86 -46.28
C ASP P 23 -10.87 12.96 -45.05
N GLN P 24 -11.91 12.17 -44.78
CA GLN P 24 -11.90 11.33 -43.59
C GLN P 24 -10.79 10.30 -43.64
N LEU P 25 -10.67 9.57 -44.74
CA LEU P 25 -9.63 8.55 -44.85
C LEU P 25 -8.36 9.08 -45.47
N GLY P 26 -7.94 10.28 -45.07
CA GLY P 26 -6.55 10.68 -45.12
C GLY P 26 -6.20 11.27 -43.77
N ALA P 27 -7.25 11.77 -43.10
CA ALA P 27 -7.08 12.27 -41.74
C ALA P 27 -6.90 11.12 -40.77
N ILE P 28 -7.62 10.03 -40.97
CA ILE P 28 -7.40 8.84 -40.15
C ILE P 28 -5.99 8.29 -40.37
N GLU P 29 -5.52 8.32 -41.61
CA GLU P 29 -4.16 7.86 -41.91
C GLU P 29 -3.13 8.74 -41.24
N ASN P 30 -3.31 10.07 -41.29
CA ASN P 30 -2.38 10.95 -40.58
C ASN P 30 -2.42 10.70 -39.08
N PHE P 31 -3.62 10.58 -38.53
CA PHE P 31 -3.74 10.42 -37.06
C PHE P 31 -3.00 9.15 -36.60
N ILE P 32 -3.45 8.00 -37.09
CA ILE P 32 -2.84 6.70 -36.66
C ILE P 32 -1.32 6.77 -36.83
N SER P 33 -0.86 7.16 -38.02
CA SER P 33 0.60 7.18 -38.30
C SER P 33 1.32 8.05 -37.26
N LEU P 34 0.95 9.33 -37.16
CA LEU P 34 1.68 10.20 -36.26
C LEU P 34 1.65 9.69 -34.82
N ALA P 35 0.57 9.01 -34.43
CA ALA P 35 0.48 8.41 -33.11
C ALA P 35 1.47 7.27 -32.90
N SER P 36 2.09 6.76 -33.96
CA SER P 36 3.10 5.73 -33.84
C SER P 36 4.41 6.25 -33.26
N HIS P 37 4.56 7.57 -33.12
CA HIS P 37 5.77 8.17 -32.58
C HIS P 37 5.59 8.84 -31.23
N THR P 38 4.42 9.44 -30.98
CA THR P 38 4.20 10.15 -29.72
C THR P 38 4.15 9.17 -28.55
N ASN P 39 4.63 9.64 -27.40
CA ASN P 39 4.65 8.82 -26.18
C ASN P 39 3.36 9.08 -25.41
N ALA P 40 2.30 8.39 -25.84
CA ALA P 40 0.99 8.53 -25.21
C ALA P 40 0.22 7.23 -25.37
N ASN P 41 -0.83 7.08 -24.57
CA ASN P 41 -1.69 5.90 -24.59
C ASN P 41 -3.08 6.30 -25.05
N PHE P 42 -3.60 5.59 -26.04
CA PHE P 42 -4.91 5.86 -26.61
C PHE P 42 -5.87 4.74 -26.26
N PHE P 43 -6.97 5.08 -25.59
CA PHE P 43 -7.95 4.13 -25.12
C PHE P 43 -9.31 4.45 -25.75
N MET P 44 -10.02 3.41 -26.17
CA MET P 44 -11.35 3.58 -26.78
C MET P 44 -12.29 2.54 -26.20
N PRO P 45 -13.50 2.93 -25.79
CA PRO P 45 -14.46 1.95 -25.30
C PRO P 45 -14.92 1.00 -26.39
N THR P 46 -15.32 -0.21 -25.97
CA THR P 46 -15.77 -1.22 -26.91
C THR P 46 -17.02 -0.76 -27.66
N SER P 47 -17.98 -0.19 -26.93
CA SER P 47 -19.22 0.28 -27.56
C SER P 47 -18.93 1.41 -28.52
N VAL P 48 -18.04 2.33 -28.15
CA VAL P 48 -17.71 3.45 -29.02
C VAL P 48 -17.03 2.96 -30.29
N TYR P 49 -16.11 2.00 -30.16
CA TYR P 49 -15.46 1.43 -31.35
C TYR P 49 -16.44 0.62 -32.19
N TYR P 50 -17.50 0.09 -31.59
CA TYR P 50 -18.51 -0.62 -32.37
C TYR P 50 -19.25 0.33 -33.30
N GLU P 51 -19.57 1.53 -32.83
CA GLU P 51 -20.26 2.53 -33.63
C GLU P 51 -19.33 3.27 -34.57
N PHE P 52 -18.01 3.05 -34.45
CA PHE P 52 -17.03 3.68 -35.33
C PHE P 52 -16.70 2.84 -36.56
N THR P 53 -16.76 1.52 -36.45
CA THR P 53 -16.54 0.66 -37.60
C THR P 53 -17.78 0.51 -38.47
N LYS P 54 -18.97 0.76 -37.92
CA LYS P 54 -20.20 0.67 -38.68
C LYS P 54 -20.53 1.98 -39.38
N MET P 55 -20.34 3.11 -38.70
CA MET P 55 -20.57 4.41 -39.31
C MET P 55 -19.60 4.66 -40.46
N VAL P 56 -18.30 4.57 -40.17
CA VAL P 56 -17.27 4.76 -41.18
C VAL P 56 -16.82 3.39 -41.69
N SER P 57 -16.84 3.22 -43.00
CA SER P 57 -16.42 1.97 -43.63
C SER P 57 -14.90 1.99 -43.78
N LEU P 58 -14.22 1.14 -43.03
CA LEU P 58 -12.77 1.06 -43.02
C LEU P 58 -12.29 -0.11 -43.88
N GLY P 59 -11.00 -0.38 -43.80
CA GLY P 59 -10.34 -1.40 -44.60
C GLY P 59 -8.94 -0.96 -44.94
N ASP P 60 -7.98 -1.84 -44.71
CA ASP P 60 -6.53 -1.61 -44.79
C ASP P 60 -6.10 -0.68 -43.66
N LEU P 61 -7.03 -0.02 -43.00
CA LEU P 61 -6.73 0.94 -41.94
C LEU P 61 -7.10 0.44 -40.56
N ALA P 62 -8.10 -0.43 -40.44
CA ALA P 62 -8.49 -0.95 -39.13
C ALA P 62 -7.37 -1.68 -38.40
N PRO P 63 -6.56 -2.54 -39.03
CA PRO P 63 -5.42 -3.10 -38.29
C PRO P 63 -4.47 -2.03 -37.77
N LYS P 64 -4.26 -0.97 -38.55
CA LYS P 64 -3.42 0.12 -38.09
C LYS P 64 -4.05 0.86 -36.92
N PHE P 65 -5.38 0.99 -36.93
CA PHE P 65 -6.07 1.60 -35.79
C PHE P 65 -5.92 0.75 -34.54
N GLU P 66 -6.02 -0.57 -34.68
CA GLU P 66 -5.86 -1.45 -33.53
C GLU P 66 -4.41 -1.56 -33.08
N LEU P 67 -3.46 -1.20 -33.95
CA LEU P 67 -2.05 -1.27 -33.58
C LEU P 67 -1.72 -0.34 -32.42
N VAL P 68 -2.24 0.89 -32.44
CA VAL P 68 -1.83 1.91 -31.47
C VAL P 68 -2.95 2.32 -30.51
N VAL P 69 -4.18 1.89 -30.74
CA VAL P 69 -5.30 2.23 -29.88
C VAL P 69 -5.82 0.96 -29.22
N ARG P 70 -5.94 1.00 -27.89
CA ARG P 70 -6.41 -0.15 -27.12
C ARG P 70 -7.90 -0.03 -26.86
N ILE P 71 -8.64 -1.08 -27.17
CA ILE P 71 -10.08 -1.13 -26.97
C ILE P 71 -10.36 -1.79 -25.64
N ARG P 72 -11.18 -1.14 -24.80
CA ARG P 72 -11.46 -1.66 -23.47
C ARG P 72 -12.74 -1.01 -22.95
N SER P 73 -13.59 -1.84 -22.32
CA SER P 73 -14.81 -1.34 -21.69
C SER P 73 -14.51 -0.81 -20.29
N PRO P 74 -15.29 0.16 -19.82
CA PRO P 74 -15.10 0.64 -18.44
C PRO P 74 -15.33 -0.47 -17.43
N ARG P 75 -14.53 -0.46 -16.38
CA ARG P 75 -14.63 -1.45 -15.29
C ARG P 75 -15.45 -0.84 -14.15
N LYS P 76 -16.77 -0.81 -14.39
CA LYS P 76 -17.68 -0.05 -13.53
C LYS P 76 -18.33 -0.97 -12.49
N TRP P 77 -17.54 -1.34 -11.49
CA TRP P 77 -18.15 -1.87 -10.28
C TRP P 77 -17.69 -1.12 -9.03
N GLY P 78 -16.44 -0.66 -9.00
CA GLY P 78 -15.97 0.15 -7.90
C GLY P 78 -16.13 1.64 -8.06
N LEU P 79 -16.50 2.10 -9.25
CA LEU P 79 -16.60 3.54 -9.51
C LEU P 79 -17.78 4.14 -8.75
N MET P 80 -17.56 5.34 -8.22
CA MET P 80 -18.60 6.07 -7.51
C MET P 80 -18.69 7.49 -8.07
N VAL P 81 -19.92 7.92 -8.35
CA VAL P 81 -20.17 9.23 -8.96
C VAL P 81 -20.77 10.14 -7.90
N PRO P 82 -20.41 11.42 -7.88
CA PRO P 82 -21.02 12.34 -6.91
C PRO P 82 -22.53 12.38 -7.05
N ALA P 83 -23.22 12.43 -5.90
CA ALA P 83 -24.68 12.44 -5.92
C ALA P 83 -25.21 13.67 -6.64
N GLU P 84 -24.50 14.80 -6.53
CA GLU P 84 -24.95 16.02 -7.17
C GLU P 84 -24.92 15.93 -8.69
N PHE P 85 -24.14 15.01 -9.26
CA PHE P 85 -24.16 14.82 -10.71
C PHE P 85 -25.50 14.27 -11.18
N LEU P 86 -25.98 13.19 -10.55
CA LEU P 86 -27.31 12.68 -10.84
C LEU P 86 -28.40 13.52 -10.21
N TYR P 87 -28.06 14.34 -9.21
CA TYR P 87 -29.06 15.22 -8.62
C TYR P 87 -29.54 16.25 -9.63
N GLU P 88 -28.64 16.79 -10.45
CA GLU P 88 -29.02 17.73 -11.49
C GLU P 88 -29.38 17.04 -12.80
N PHE P 89 -28.87 15.83 -13.04
CA PHE P 89 -29.13 15.15 -14.30
C PHE P 89 -30.59 14.74 -14.42
N ILE P 90 -31.20 14.30 -13.32
CA ILE P 90 -32.61 13.92 -13.34
C ILE P 90 -33.48 15.12 -13.68
N GLU P 91 -33.19 16.26 -13.07
CA GLU P 91 -33.95 17.47 -13.38
C GLU P 91 -33.70 17.93 -14.81
N GLU P 92 -32.46 17.75 -15.30
CA GLU P 92 -32.15 18.14 -16.67
C GLU P 92 -32.93 17.31 -17.67
N VAL P 93 -33.01 15.99 -17.45
CA VAL P 93 -33.76 15.15 -18.40
C VAL P 93 -35.26 15.38 -18.24
N ARG P 94 -35.74 15.66 -17.04
CA ARG P 94 -37.15 16.00 -16.87
C ARG P 94 -37.49 17.30 -17.60
N TYR P 95 -36.56 18.25 -17.64
CA TYR P 95 -36.83 19.54 -18.27
C TYR P 95 -37.09 19.38 -19.76
N ARG P 96 -36.29 18.57 -20.43
CA ARG P 96 -36.43 18.40 -21.87
C ARG P 96 -37.59 17.49 -22.27
N ILE P 97 -38.06 16.62 -21.37
CA ILE P 97 -39.16 15.73 -21.71
C ILE P 97 -40.49 16.48 -21.72
N ASN P 98 -40.69 17.38 -20.76
CA ASN P 98 -41.84 18.27 -20.82
C ASN P 98 -41.75 19.27 -21.97
N LYS P 99 -40.54 19.61 -22.40
CA LYS P 99 -40.32 20.50 -23.53
C LYS P 99 -40.60 19.80 -24.86
N GLY P 100 -40.27 18.51 -24.97
CA GLY P 100 -40.63 17.75 -26.15
C GLY P 100 -42.13 17.54 -26.27
N LEU P 101 -42.83 17.49 -25.14
CA LEU P 101 -44.28 17.38 -25.17
C LEU P 101 -44.90 18.63 -25.80
N ARG P 102 -44.35 19.80 -25.48
CA ARG P 102 -44.84 21.04 -26.08
C ARG P 102 -44.65 21.03 -27.59
N ILE P 103 -43.49 20.57 -28.05
CA ILE P 103 -43.23 20.49 -29.49
C ILE P 103 -44.18 19.49 -30.15
N ALA P 104 -44.45 18.37 -29.47
CA ALA P 104 -45.33 17.35 -30.04
C ALA P 104 -46.77 17.85 -30.14
N GLU P 105 -47.26 18.53 -29.10
CA GLU P 105 -48.66 18.95 -29.10
C GLU P 105 -48.91 20.16 -29.99
N GLU P 106 -47.94 21.07 -30.11
CA GLU P 106 -48.12 22.22 -30.99
C GLU P 106 -48.09 21.83 -32.45
N HIS P 107 -47.27 20.84 -32.81
CA HIS P 107 -47.25 20.38 -34.20
C HIS P 107 -48.56 19.70 -34.59
N THR P 108 -49.25 19.10 -33.63
CA THR P 108 -50.55 18.51 -33.94
C THR P 108 -51.61 19.58 -34.19
N LYS P 109 -51.61 20.63 -33.37
CA LYS P 109 -52.53 21.75 -33.58
C LYS P 109 -52.19 22.55 -34.83
N GLU P 110 -50.95 22.47 -35.32
CA GLU P 110 -50.56 23.17 -36.54
C GLU P 110 -50.80 22.34 -37.79
N ALA P 111 -50.78 21.01 -37.67
CA ALA P 111 -51.01 20.14 -38.81
C ALA P 111 -52.44 20.16 -39.30
N GLY P 112 -53.36 20.77 -38.56
CA GLY P 112 -54.75 20.82 -38.97
C GLY P 112 -55.06 21.80 -40.08
N LYS P 113 -54.09 22.64 -40.45
CA LYS P 113 -54.26 23.60 -41.54
C LYS P 113 -53.24 23.37 -42.64
N LEU P 114 -52.81 22.12 -42.81
CA LEU P 114 -51.81 21.76 -43.81
C LEU P 114 -52.33 20.82 -44.88
N ALA P 115 -53.60 20.42 -44.81
CA ALA P 115 -54.24 19.56 -45.81
C ALA P 115 -53.53 18.22 -45.96
N GLU P 116 -52.99 17.95 -47.15
CA GLU P 116 -52.37 16.67 -47.44
C GLU P 116 -50.91 16.79 -47.84
N GLU P 117 -50.58 17.73 -48.73
CA GLU P 117 -49.20 17.83 -49.21
C GLU P 117 -48.27 18.41 -48.16
N GLU P 118 -48.76 19.33 -47.33
CA GLU P 118 -47.92 19.96 -46.32
C GLU P 118 -47.78 19.13 -45.05
N VAL P 119 -48.58 18.08 -44.88
CA VAL P 119 -48.46 17.26 -43.68
C VAL P 119 -47.25 16.33 -43.77
N GLY P 120 -46.65 16.20 -44.95
CA GLY P 120 -45.47 15.37 -45.08
C GLY P 120 -44.23 15.98 -44.44
N ARG P 121 -44.14 17.31 -44.44
CA ARG P 121 -42.95 17.99 -43.95
C ARG P 121 -43.07 18.45 -42.51
N VAL P 122 -44.29 18.57 -41.98
CA VAL P 122 -44.43 18.93 -40.57
C VAL P 122 -43.89 17.82 -39.69
N VAL P 123 -44.05 16.55 -40.10
CA VAL P 123 -43.48 15.46 -39.33
C VAL P 123 -41.96 15.48 -39.38
N ASN P 124 -41.37 15.91 -40.50
CA ASN P 124 -39.93 16.07 -40.58
C ASN P 124 -39.47 17.17 -39.63
N ARG P 125 -40.20 18.29 -39.60
CA ARG P 125 -39.90 19.36 -38.65
C ARG P 125 -39.99 18.86 -37.22
N LEU P 126 -41.02 18.08 -36.91
CA LEU P 126 -41.18 17.52 -35.57
C LEU P 126 -40.03 16.60 -35.21
N ARG P 127 -39.61 15.75 -36.17
CA ARG P 127 -38.45 14.90 -35.94
C ARG P 127 -37.22 15.72 -35.60
N GLU P 128 -36.91 16.73 -36.41
CA GLU P 128 -35.71 17.52 -36.18
C GLU P 128 -35.78 18.25 -34.84
N LYS P 129 -36.94 18.83 -34.52
CA LYS P 129 -37.08 19.54 -33.25
C LYS P 129 -36.96 18.60 -32.07
N TYR P 130 -37.52 17.38 -32.19
CA TYR P 130 -37.46 16.43 -31.08
C TYR P 130 -36.03 15.94 -30.87
N ARG P 131 -35.30 15.66 -31.95
CA ARG P 131 -33.90 15.26 -31.79
C ARG P 131 -33.06 16.39 -31.20
N GLU P 132 -33.29 17.63 -31.64
CA GLU P 132 -32.51 18.74 -31.11
C GLU P 132 -32.90 19.11 -29.69
N ALA P 133 -34.12 18.75 -29.25
CA ALA P 133 -34.62 19.15 -27.95
C ALA P 133 -34.33 18.14 -26.84
N LEU P 134 -33.99 16.90 -27.19
CA LEU P 134 -33.76 15.86 -26.19
C LEU P 134 -32.42 15.17 -26.31
N ARG P 135 -31.61 15.51 -27.30
CA ARG P 135 -30.31 14.89 -27.49
C ARG P 135 -29.16 15.89 -27.45
N ALA P 136 -29.33 17.07 -28.04
CA ALA P 136 -28.26 18.05 -28.11
C ALA P 136 -27.96 18.62 -26.71
N GLY P 137 -26.67 18.80 -26.44
CA GLY P 137 -26.25 19.38 -25.18
C GLY P 137 -26.56 18.55 -23.97
N ILE P 138 -26.55 17.22 -24.10
CA ILE P 138 -26.82 16.32 -22.99
C ILE P 138 -26.32 14.94 -23.36
N ILE P 139 -26.09 14.11 -22.35
CA ILE P 139 -25.72 12.71 -22.58
C ILE P 139 -26.98 11.96 -23.02
N ASP P 140 -26.90 11.31 -24.18
CA ASP P 140 -28.06 10.65 -24.77
C ASP P 140 -27.90 9.14 -24.88
N SER P 141 -26.79 8.66 -25.43
CA SER P 141 -26.59 7.24 -25.63
C SER P 141 -25.85 6.62 -24.46
N LYS P 142 -25.87 5.29 -24.40
CA LYS P 142 -25.10 4.57 -23.39
C LYS P 142 -23.61 4.55 -23.70
N GLU P 143 -23.22 4.78 -24.95
CA GLU P 143 -21.81 4.87 -25.31
C GLU P 143 -21.19 6.18 -24.89
N ASP P 144 -21.99 7.23 -24.69
CA ASP P 144 -21.47 8.48 -24.17
C ASP P 144 -21.11 8.35 -22.70
N VAL P 145 -21.73 7.41 -22.00
CA VAL P 145 -21.33 7.11 -20.62
C VAL P 145 -20.09 6.23 -20.59
N ASP P 146 -19.83 5.47 -21.67
CA ASP P 146 -18.66 4.60 -21.70
C ASP P 146 -17.37 5.42 -21.72
N VAL P 147 -17.31 6.46 -22.55
CA VAL P 147 -16.14 7.31 -22.58
C VAL P 147 -15.99 8.06 -21.25
N LEU P 148 -17.08 8.58 -20.71
CA LEU P 148 -17.02 9.32 -19.46
C LEU P 148 -16.56 8.43 -18.31
N LEU P 149 -17.15 7.23 -18.20
CA LEU P 149 -16.77 6.33 -17.12
C LEU P 149 -15.34 5.82 -17.29
N LEU P 150 -14.93 5.54 -18.52
CA LEU P 150 -13.56 5.09 -18.77
C LEU P 150 -12.56 6.17 -18.39
N SER P 151 -12.86 7.43 -18.75
CA SER P 151 -11.97 8.53 -18.40
C SER P 151 -11.94 8.75 -16.89
N TYR P 152 -13.09 8.62 -16.23
CA TYR P 152 -13.14 8.81 -14.79
C TYR P 152 -12.34 7.72 -14.07
N GLU P 153 -12.46 6.47 -14.52
CA GLU P 153 -11.76 5.38 -13.86
C GLU P 153 -10.26 5.43 -14.14
N LEU P 154 -9.88 5.66 -15.40
CA LEU P 154 -8.47 5.67 -15.78
C LEU P 154 -7.78 6.98 -15.45
N ASP P 155 -8.53 8.03 -15.13
CA ASP P 155 -7.99 9.36 -14.86
C ASP P 155 -7.15 9.84 -16.05
N ALA P 156 -7.80 9.91 -17.21
CA ALA P 156 -7.16 10.22 -18.47
C ALA P 156 -7.63 11.58 -18.98
N ILE P 157 -7.19 11.92 -20.18
CA ILE P 157 -7.56 13.17 -20.85
C ILE P 157 -8.60 12.82 -21.90
N LEU P 158 -9.85 13.20 -21.66
CA LEU P 158 -10.94 12.87 -22.55
C LEU P 158 -10.91 13.80 -23.76
N VAL P 159 -10.88 13.22 -24.96
CA VAL P 159 -10.93 13.99 -26.19
C VAL P 159 -12.30 13.82 -26.83
N SER P 160 -13.22 14.73 -26.51
CA SER P 160 -14.59 14.67 -27.02
C SER P 160 -14.86 15.91 -27.88
N GLY P 161 -15.43 15.67 -29.05
CA GLY P 161 -15.73 16.75 -29.97
C GLY P 161 -17.19 17.19 -29.96
N ASP P 162 -17.87 16.94 -28.85
CA ASP P 162 -19.28 17.30 -28.71
C ASP P 162 -19.48 18.08 -27.43
N GLU P 163 -20.46 18.98 -27.46
CA GLU P 163 -20.75 19.84 -26.32
C GLU P 163 -21.60 19.16 -25.26
N GLY P 164 -22.36 18.13 -25.63
CA GLY P 164 -23.24 17.46 -24.68
C GLY P 164 -22.51 16.59 -23.66
N LEU P 165 -21.25 16.27 -23.90
CA LEU P 165 -20.48 15.40 -23.01
C LEU P 165 -19.47 16.17 -22.17
N ARG P 166 -18.87 17.23 -22.71
CA ARG P 166 -17.81 17.94 -22.01
C ARG P 166 -18.32 18.65 -20.77
N LYS P 167 -19.56 19.14 -20.78
CA LYS P 167 -20.12 19.78 -19.60
C LYS P 167 -20.19 18.81 -18.43
N TRP P 168 -20.70 17.60 -18.65
CA TRP P 168 -20.76 16.63 -17.57
C TRP P 168 -19.38 16.10 -17.23
N ALA P 169 -18.48 16.04 -18.22
CA ALA P 169 -17.11 15.60 -17.95
C ALA P 169 -16.39 16.56 -17.03
N ASP P 170 -16.59 17.86 -17.19
CA ASP P 170 -16.04 18.82 -16.24
C ASP P 170 -16.86 18.91 -14.96
N ARG P 171 -18.11 18.45 -15.00
CA ARG P 171 -18.90 18.36 -13.76
C ARG P 171 -18.33 17.29 -12.83
N VAL P 172 -18.01 16.11 -13.37
CA VAL P 172 -17.34 15.11 -12.53
C VAL P 172 -15.91 15.54 -12.21
N GLY P 173 -15.21 16.10 -13.19
CA GLY P 173 -13.86 16.59 -12.96
C GLY P 173 -12.81 15.92 -13.81
N ILE P 174 -13.20 15.39 -14.95
CA ILE P 174 -12.24 14.77 -15.87
C ILE P 174 -11.45 15.85 -16.58
N LYS P 175 -10.14 15.63 -16.69
CA LYS P 175 -9.26 16.55 -17.42
C LYS P 175 -9.61 16.51 -18.90
N LEU P 176 -10.11 17.62 -19.43
CA LEU P 176 -10.53 17.70 -20.81
C LEU P 176 -9.45 18.37 -21.66
N ILE P 177 -9.76 18.51 -22.95
CA ILE P 177 -8.85 19.13 -23.91
C ILE P 177 -9.68 19.60 -25.09
N ASP P 178 -9.26 20.71 -25.69
CA ASP P 178 -9.93 21.18 -26.90
C ASP P 178 -9.56 20.28 -28.07
N PRO P 179 -10.55 19.72 -28.79
CA PRO P 179 -10.25 18.71 -29.80
C PRO P 179 -9.53 19.24 -31.03
N LYS P 180 -9.39 20.56 -31.19
CA LYS P 180 -8.79 21.12 -32.39
C LYS P 180 -7.27 21.25 -32.30
N ASN P 181 -6.67 20.98 -31.14
CA ASN P 181 -5.23 21.03 -30.99
C ASN P 181 -4.61 19.70 -30.58
N LEU P 182 -5.35 18.59 -30.72
CA LEU P 182 -4.76 17.28 -30.46
C LEU P 182 -3.61 17.00 -31.41
N ARG P 183 -3.71 17.48 -32.65
CA ARG P 183 -2.62 17.35 -33.60
C ARG P 183 -1.36 18.07 -33.13
N TYR P 184 -1.52 19.16 -32.39
CA TYR P 184 -0.40 19.96 -31.94
C TYR P 184 0.22 19.45 -30.65
N ILE P 185 -0.62 19.04 -29.68
CA ILE P 185 -0.09 18.58 -28.40
C ILE P 185 0.64 17.25 -28.55
N MET P 186 0.15 16.38 -29.43
CA MET P 186 0.83 15.11 -29.69
C MET P 186 2.00 15.25 -30.65
N GLU P 187 2.10 16.38 -31.36
CA GLU P 187 3.21 16.58 -32.27
C GLU P 187 4.54 16.69 -31.52
N ASN P 188 4.55 17.41 -30.41
CA ASN P 188 5.76 17.58 -29.59
C ASN P 188 5.77 16.58 -28.43
N LEU P 189 5.86 15.30 -28.79
CA LEU P 189 5.91 14.23 -27.80
C LEU P 189 6.59 12.99 -28.37
N MET Q 1 -41.76 -1.25 15.03
CA MET Q 1 -40.40 -1.06 15.54
C MET Q 1 -39.43 -0.74 14.41
N ASP Q 2 -39.98 -0.42 13.24
CA ASP Q 2 -39.19 -0.10 12.06
C ASP Q 2 -39.49 1.34 11.61
N THR Q 3 -38.93 1.72 10.47
CA THR Q 3 -39.10 3.05 9.91
C THR Q 3 -39.67 2.94 8.51
N PHE Q 4 -40.60 3.83 8.17
CA PHE Q 4 -41.31 3.82 6.90
C PHE Q 4 -41.06 5.15 6.19
N VAL Q 5 -40.62 5.10 4.94
CA VAL Q 5 -40.46 6.28 4.11
C VAL Q 5 -41.67 6.36 3.17
N LEU Q 6 -42.38 7.48 3.22
CA LEU Q 6 -43.62 7.65 2.48
C LEU Q 6 -43.35 8.30 1.12
N ASP Q 7 -44.43 8.54 0.39
CA ASP Q 7 -44.35 9.13 -0.95
C ASP Q 7 -45.69 9.78 -1.27
N THR Q 8 -45.67 10.65 -2.27
CA THR Q 8 -46.91 11.31 -2.69
C THR Q 8 -47.92 10.30 -3.22
N SER Q 9 -47.44 9.28 -3.95
CA SER Q 9 -48.34 8.30 -4.54
C SER Q 9 -48.74 7.24 -3.53
N VAL Q 10 -49.18 7.68 -2.36
CA VAL Q 10 -49.76 6.79 -1.35
C VAL Q 10 -51.13 7.33 -0.98
N PHE Q 11 -51.16 8.61 -0.58
CA PHE Q 11 -52.42 9.27 -0.28
C PHE Q 11 -53.16 9.67 -1.55
N THR Q 12 -52.43 10.09 -2.58
CA THR Q 12 -53.02 10.51 -3.85
C THR Q 12 -53.11 9.36 -4.84
N ASN Q 13 -53.71 8.25 -4.40
CA ASN Q 13 -53.88 7.07 -5.24
C ASN Q 13 -55.08 6.27 -4.75
N PRO Q 14 -56.15 6.17 -5.56
CA PRO Q 14 -57.34 5.45 -5.09
C PRO Q 14 -57.08 4.00 -4.74
N ASP Q 15 -56.14 3.33 -5.42
CA ASP Q 15 -55.84 1.94 -5.11
C ASP Q 15 -55.17 1.78 -3.76
N VAL Q 16 -54.65 2.85 -3.18
CA VAL Q 16 -53.90 2.80 -1.92
C VAL Q 16 -54.68 3.43 -0.77
N TYR Q 17 -55.17 4.67 -0.96
CA TYR Q 17 -55.79 5.39 0.14
C TYR Q 17 -57.22 4.93 0.44
N HIS Q 18 -57.81 4.13 -0.44
CA HIS Q 18 -59.16 3.64 -0.17
C HIS Q 18 -59.19 2.64 0.98
N GLN Q 19 -58.06 2.07 1.35
CA GLN Q 19 -58.02 1.13 2.47
C GLN Q 19 -58.32 1.81 3.79
N PHE Q 20 -58.19 3.14 3.87
CA PHE Q 20 -58.52 3.88 5.08
C PHE Q 20 -59.97 4.35 5.06
N GLU Q 21 -60.32 5.19 4.09
CA GLU Q 21 -61.67 5.70 3.94
C GLU Q 21 -61.93 5.98 2.46
N GLU Q 22 -63.21 6.15 2.12
CA GLU Q 22 -63.60 6.50 0.77
C GLU Q 22 -63.67 8.03 0.60
N ASP Q 23 -62.62 8.70 1.05
CA ASP Q 23 -62.50 10.14 1.00
C ASP Q 23 -61.04 10.50 1.22
N GLN Q 24 -60.55 11.53 0.52
CA GLN Q 24 -59.15 11.89 0.61
C GLN Q 24 -58.80 12.39 2.02
N LEU Q 25 -59.43 13.49 2.44
CA LEU Q 25 -59.09 14.08 3.73
C LEU Q 25 -59.40 13.13 4.89
N GLY Q 26 -60.48 12.35 4.78
CA GLY Q 26 -60.75 11.34 5.78
C GLY Q 26 -59.64 10.31 5.87
N ALA Q 27 -59.12 9.89 4.71
CA ALA Q 27 -57.99 8.97 4.71
C ALA Q 27 -56.76 9.61 5.35
N ILE Q 28 -56.53 10.90 5.08
CA ILE Q 28 -55.37 11.57 5.66
C ILE Q 28 -55.48 11.59 7.18
N GLU Q 29 -56.64 12.04 7.70
CA GLU Q 29 -56.79 12.14 9.15
C GLU Q 29 -56.75 10.77 9.81
N ASN Q 30 -57.33 9.75 9.17
CA ASN Q 30 -57.24 8.39 9.70
C ASN Q 30 -55.79 7.93 9.74
N PHE Q 31 -55.02 8.23 8.69
CA PHE Q 31 -53.61 7.86 8.66
C PHE Q 31 -52.85 8.52 9.80
N ILE Q 32 -53.08 9.82 10.02
CA ILE Q 32 -52.37 10.51 11.10
C ILE Q 32 -52.74 9.91 12.45
N SER Q 33 -54.02 9.66 12.69
CA SER Q 33 -54.44 9.11 13.98
C SER Q 33 -53.84 7.73 14.21
N LEU Q 34 -53.96 6.83 13.22
CA LEU Q 34 -53.52 5.46 13.43
C LEU Q 34 -52.00 5.36 13.41
N ALA Q 35 -51.32 6.33 12.78
CA ALA Q 35 -49.87 6.40 12.88
C ALA Q 35 -49.42 6.91 14.24
N SER Q 36 -50.17 7.84 14.83
CA SER Q 36 -49.88 8.25 16.20
C SER Q 36 -50.08 7.10 17.17
N HIS Q 37 -51.13 6.29 16.94
CA HIS Q 37 -51.36 5.13 17.80
C HIS Q 37 -50.24 4.09 17.68
N THR Q 38 -49.80 3.80 16.45
CA THR Q 38 -48.86 2.72 16.24
C THR Q 38 -47.46 3.10 16.71
N ASN Q 39 -46.65 2.07 16.96
CA ASN Q 39 -45.27 2.24 17.42
C ASN Q 39 -44.30 2.18 16.24
N ALA Q 40 -44.34 3.23 15.43
CA ALA Q 40 -43.48 3.31 14.25
C ALA Q 40 -42.73 4.64 14.19
N ASN Q 41 -42.03 4.89 13.10
CA ASN Q 41 -41.29 6.13 12.92
C ASN Q 41 -41.28 6.45 11.42
N PHE Q 42 -42.15 7.37 11.01
CA PHE Q 42 -42.31 7.68 9.59
C PHE Q 42 -41.41 8.83 9.19
N PHE Q 43 -41.02 8.85 7.92
CA PHE Q 43 -40.13 9.85 7.37
C PHE Q 43 -40.63 10.30 6.01
N MET Q 44 -40.50 11.60 5.75
CA MET Q 44 -40.95 12.19 4.49
C MET Q 44 -39.94 13.27 4.11
N PRO Q 45 -39.34 13.19 2.92
CA PRO Q 45 -38.35 14.19 2.52
C PRO Q 45 -38.95 15.58 2.31
N THR Q 46 -38.11 16.54 1.94
CA THR Q 46 -38.55 17.93 1.85
C THR Q 46 -39.44 18.15 0.63
N SER Q 47 -38.90 17.92 -0.57
CA SER Q 47 -39.66 18.15 -1.79
C SER Q 47 -40.91 17.28 -1.87
N VAL Q 48 -40.84 16.07 -1.30
CA VAL Q 48 -42.01 15.19 -1.27
C VAL Q 48 -43.13 15.86 -0.49
N TYR Q 49 -42.81 16.42 0.68
CA TYR Q 49 -43.81 17.15 1.45
C TYR Q 49 -44.26 18.41 0.74
N TYR Q 50 -43.35 19.08 0.01
CA TYR Q 50 -43.73 20.27 -0.74
C TYR Q 50 -44.81 19.95 -1.75
N GLU Q 51 -44.58 18.93 -2.59
CA GLU Q 51 -45.57 18.55 -3.57
C GLU Q 51 -46.82 17.95 -2.94
N PHE Q 52 -46.68 17.29 -1.78
CA PHE Q 52 -47.84 16.79 -1.07
C PHE Q 52 -48.76 17.93 -0.62
N THR Q 53 -48.16 19.01 -0.11
CA THR Q 53 -48.97 20.16 0.32
C THR Q 53 -49.48 20.95 -0.87
N LYS Q 54 -48.75 20.95 -1.99
CA LYS Q 54 -49.16 21.76 -3.13
C LYS Q 54 -50.25 21.10 -3.95
N MET Q 55 -50.05 19.84 -4.36
CA MET Q 55 -50.98 19.21 -5.28
C MET Q 55 -52.36 19.00 -4.67
N VAL Q 56 -52.44 18.83 -3.35
CA VAL Q 56 -53.72 18.71 -2.65
C VAL Q 56 -53.69 19.66 -1.46
N SER Q 57 -54.78 20.41 -1.29
CA SER Q 57 -54.85 21.40 -0.23
C SER Q 57 -54.75 20.74 1.14
N LEU Q 58 -53.96 21.37 2.02
CA LEU Q 58 -53.82 20.88 3.39
C LEU Q 58 -55.14 20.95 4.15
N GLY Q 59 -55.89 22.03 3.98
CA GLY Q 59 -57.18 22.18 4.63
C GLY Q 59 -57.13 22.21 6.14
N ASP Q 60 -55.96 22.53 6.70
CA ASP Q 60 -55.54 22.60 8.12
C ASP Q 60 -54.88 21.32 8.61
N LEU Q 61 -54.72 20.32 7.76
CA LEU Q 61 -54.18 19.04 8.20
C LEU Q 61 -52.66 19.01 8.23
N ALA Q 62 -51.99 20.07 7.79
CA ALA Q 62 -50.52 20.11 7.78
C ALA Q 62 -49.87 20.01 9.16
N PRO Q 63 -50.32 20.74 10.20
CA PRO Q 63 -49.58 20.68 11.48
C PRO Q 63 -49.53 19.29 12.10
N LYS Q 64 -50.67 18.63 12.28
CA LYS Q 64 -50.67 17.31 12.93
C LYS Q 64 -49.96 16.28 12.07
N PHE Q 65 -49.97 16.46 10.75
CA PHE Q 65 -49.21 15.57 9.87
C PHE Q 65 -47.72 15.71 10.13
N GLU Q 66 -47.25 16.95 10.32
CA GLU Q 66 -45.84 17.17 10.64
C GLU Q 66 -45.51 16.69 12.04
N LEU Q 67 -46.50 16.71 12.95
CA LEU Q 67 -46.27 16.27 14.32
C LEU Q 67 -45.95 14.78 14.38
N VAL Q 68 -46.66 13.98 13.60
CA VAL Q 68 -46.47 12.53 13.63
C VAL Q 68 -45.46 12.04 12.59
N VAL Q 69 -45.54 12.54 11.36
CA VAL Q 69 -44.62 12.15 10.30
C VAL Q 69 -43.48 13.17 10.30
N ARG Q 70 -42.33 12.77 10.80
CA ARG Q 70 -41.17 13.66 10.83
C ARG Q 70 -40.66 13.92 9.42
N ILE Q 71 -40.50 15.19 9.07
CA ILE Q 71 -39.95 15.58 7.79
C ILE Q 71 -38.44 15.78 7.95
N ARG Q 72 -37.66 15.06 7.15
CA ARG Q 72 -36.21 15.09 7.25
C ARG Q 72 -35.61 15.15 5.86
N SER Q 73 -34.43 15.75 5.77
CA SER Q 73 -33.72 15.91 4.52
C SER Q 73 -32.58 14.89 4.40
N PRO Q 74 -32.23 14.48 3.19
CA PRO Q 74 -31.11 13.55 3.03
C PRO Q 74 -29.76 14.16 3.38
N ARG Q 75 -28.69 13.41 3.18
CA ARG Q 75 -27.35 13.85 3.53
C ARG Q 75 -26.45 13.77 2.28
N LYS Q 76 -26.94 14.32 1.18
CA LYS Q 76 -26.27 14.21 -0.12
C LYS Q 76 -24.96 14.97 -0.19
N TRP Q 77 -24.62 15.77 0.81
CA TRP Q 77 -23.37 16.52 0.81
C TRP Q 77 -22.20 15.55 0.97
N GLY Q 78 -21.41 15.40 -0.08
CA GLY Q 78 -20.28 14.49 -0.06
C GLY Q 78 -20.66 13.05 0.15
N LEU Q 79 -21.71 12.60 -0.55
CA LEU Q 79 -22.20 11.24 -0.43
C LEU Q 79 -21.97 10.52 -1.75
N MET Q 80 -21.20 9.43 -1.70
CA MET Q 80 -20.86 8.68 -2.89
C MET Q 80 -21.96 7.68 -3.23
N VAL Q 81 -22.30 7.58 -4.52
CA VAL Q 81 -23.29 6.64 -5.01
C VAL Q 81 -22.66 5.81 -6.12
N PRO Q 82 -23.10 4.57 -6.33
CA PRO Q 82 -22.49 3.74 -7.38
C PRO Q 82 -22.65 4.35 -8.76
N ALA Q 83 -21.63 4.17 -9.59
CA ALA Q 83 -21.63 4.67 -10.95
C ALA Q 83 -22.41 3.78 -11.91
N GLU Q 84 -22.74 2.56 -11.51
CA GLU Q 84 -23.52 1.67 -12.36
C GLU Q 84 -24.99 2.07 -12.43
N PHE Q 85 -25.51 2.74 -11.40
CA PHE Q 85 -26.90 3.17 -11.42
C PHE Q 85 -27.16 4.17 -12.55
N LEU Q 86 -26.14 4.92 -12.94
CA LEU Q 86 -26.29 5.83 -14.08
C LEU Q 86 -26.46 5.06 -15.38
N TYR Q 87 -25.82 3.89 -15.49
CA TYR Q 87 -25.88 3.13 -16.74
C TYR Q 87 -27.30 2.63 -17.02
N GLU Q 88 -28.01 2.17 -16.00
CA GLU Q 88 -29.38 1.71 -16.15
C GLU Q 88 -30.39 2.85 -16.24
N PHE Q 89 -29.94 4.08 -16.45
CA PHE Q 89 -30.83 5.21 -16.71
C PHE Q 89 -30.71 5.73 -18.14
N ILE Q 90 -29.48 5.92 -18.63
CA ILE Q 90 -29.28 6.43 -19.98
C ILE Q 90 -29.81 5.43 -21.01
N GLU Q 91 -29.53 4.14 -20.82
CA GLU Q 91 -30.01 3.14 -21.76
C GLU Q 91 -31.53 2.99 -21.72
N GLU Q 92 -32.14 3.12 -20.53
CA GLU Q 92 -33.58 2.98 -20.41
C GLU Q 92 -34.32 4.21 -20.94
N VAL Q 93 -33.73 5.40 -20.74
CA VAL Q 93 -34.43 6.62 -21.15
C VAL Q 93 -34.33 6.81 -22.67
N ARG Q 94 -33.26 6.31 -23.30
CA ARG Q 94 -33.15 6.42 -24.75
C ARG Q 94 -34.23 5.59 -25.45
N TYR Q 95 -34.46 4.36 -24.97
CA TYR Q 95 -35.52 3.54 -25.55
C TYR Q 95 -36.88 4.18 -25.30
N ARG Q 96 -37.07 4.78 -24.12
CA ARG Q 96 -38.33 5.44 -23.81
C ARG Q 96 -38.49 6.77 -24.53
N ILE Q 97 -37.40 7.45 -24.86
CA ILE Q 97 -37.50 8.69 -25.64
C ILE Q 97 -38.02 8.38 -27.04
N ASN Q 98 -37.53 7.30 -27.66
CA ASN Q 98 -38.00 6.90 -28.98
C ASN Q 98 -39.46 6.45 -28.98
N LYS Q 99 -40.03 6.17 -27.82
CA LYS Q 99 -41.45 5.84 -27.74
C LYS Q 99 -42.34 7.07 -27.78
N GLY Q 100 -41.76 8.27 -27.62
CA GLY Q 100 -42.53 9.50 -27.72
C GLY Q 100 -42.45 10.12 -29.10
N LEU Q 101 -41.31 9.93 -29.77
CA LEU Q 101 -41.18 10.41 -31.15
C LEU Q 101 -42.14 9.67 -32.08
N ARG Q 102 -42.26 8.35 -31.91
CA ARG Q 102 -43.19 7.58 -32.72
C ARG Q 102 -44.63 7.70 -32.26
N ILE Q 103 -44.86 8.12 -31.01
CA ILE Q 103 -46.23 8.38 -30.57
C ILE Q 103 -46.74 9.74 -31.04
N ALA Q 104 -45.85 10.60 -31.52
CA ALA Q 104 -46.23 11.89 -32.08
C ALA Q 104 -46.17 11.94 -33.60
N GLU Q 105 -45.27 11.18 -34.22
CA GLU Q 105 -45.22 11.13 -35.68
C GLU Q 105 -46.50 10.55 -36.26
N GLU Q 106 -46.89 9.37 -35.79
CA GLU Q 106 -48.16 8.79 -36.21
C GLU Q 106 -49.33 9.65 -35.76
N HIS Q 107 -49.16 10.39 -34.66
CA HIS Q 107 -50.21 11.28 -34.18
C HIS Q 107 -50.48 12.38 -35.19
N THR Q 108 -49.42 13.05 -35.65
CA THR Q 108 -49.58 14.09 -36.67
C THR Q 108 -50.02 13.50 -38.01
N LYS Q 109 -49.55 12.30 -38.34
CA LYS Q 109 -50.00 11.67 -39.59
C LYS Q 109 -51.50 11.39 -39.56
N GLU Q 110 -52.00 10.92 -38.41
CA GLU Q 110 -53.44 10.69 -38.27
C GLU Q 110 -54.22 12.00 -38.23
N ALA Q 111 -53.64 13.05 -37.65
CA ALA Q 111 -54.32 14.34 -37.59
C ALA Q 111 -54.37 15.02 -38.96
N GLY Q 112 -53.40 14.76 -39.82
CA GLY Q 112 -53.36 15.37 -41.14
C GLY Q 112 -54.22 14.67 -42.18
N LYS Q 113 -53.95 13.39 -42.42
CA LYS Q 113 -54.68 12.65 -43.44
C LYS Q 113 -56.15 12.50 -43.07
N LEU Q 114 -56.44 12.21 -41.79
CA LEU Q 114 -57.79 12.06 -41.30
C LEU Q 114 -58.10 13.16 -40.31
N ALA Q 115 -59.41 13.40 -40.10
CA ALA Q 115 -59.89 14.42 -39.18
C ALA Q 115 -59.26 15.78 -39.49
N GLU Q 116 -59.59 16.27 -40.70
CA GLU Q 116 -58.97 17.49 -41.20
C GLU Q 116 -59.26 18.68 -40.29
N GLU Q 117 -60.50 18.78 -39.80
CA GLU Q 117 -60.88 19.85 -38.90
C GLU Q 117 -60.96 19.42 -37.45
N GLU Q 118 -60.80 18.14 -37.14
CA GLU Q 118 -60.97 17.62 -35.79
C GLU Q 118 -59.61 17.30 -35.16
N VAL Q 119 -58.62 18.18 -35.32
CA VAL Q 119 -57.33 17.99 -34.69
C VAL Q 119 -57.23 18.60 -33.31
N GLY Q 120 -58.30 19.24 -32.83
CA GLY Q 120 -58.28 19.90 -31.55
C GLY Q 120 -58.10 18.96 -30.36
N ARG Q 121 -58.86 17.86 -30.34
CA ARG Q 121 -58.80 16.92 -29.24
C ARG Q 121 -57.81 15.78 -29.47
N VAL Q 122 -57.15 15.75 -30.63
CA VAL Q 122 -56.13 14.73 -30.87
C VAL Q 122 -54.93 14.97 -29.95
N VAL Q 123 -54.66 16.22 -29.60
CA VAL Q 123 -53.57 16.54 -28.69
C VAL Q 123 -53.83 15.96 -27.30
N ASN Q 124 -55.09 15.78 -26.93
CA ASN Q 124 -55.40 15.11 -25.66
C ASN Q 124 -54.91 13.66 -25.68
N ARG Q 125 -55.15 12.96 -26.78
CA ARG Q 125 -54.64 11.60 -26.90
C ARG Q 125 -53.12 11.59 -26.95
N LEU Q 126 -52.51 12.61 -27.58
CA LEU Q 126 -51.05 12.72 -27.56
C LEU Q 126 -50.54 12.85 -26.13
N ARG Q 127 -51.18 13.72 -25.34
CA ARG Q 127 -50.77 13.92 -23.96
C ARG Q 127 -50.91 12.63 -23.15
N GLU Q 128 -52.03 11.93 -23.33
CA GLU Q 128 -52.28 10.71 -22.57
C GLU Q 128 -51.39 9.56 -22.98
N LYS Q 129 -51.00 9.47 -24.25
CA LYS Q 129 -50.12 8.42 -24.73
C LYS Q 129 -48.64 8.81 -24.67
N TYR Q 130 -48.34 10.04 -24.26
CA TYR Q 130 -46.97 10.47 -24.00
C TYR Q 130 -46.62 10.42 -22.52
N ARG Q 131 -47.51 10.90 -21.64
CA ARG Q 131 -47.24 10.85 -20.22
C ARG Q 131 -47.11 9.42 -19.73
N GLU Q 132 -48.03 8.55 -20.14
CA GLU Q 132 -47.95 7.15 -19.73
C GLU Q 132 -46.74 6.47 -20.36
N ALA Q 133 -46.41 6.82 -21.61
CA ALA Q 133 -45.28 6.16 -22.25
C ALA Q 133 -43.93 6.58 -21.67
N LEU Q 134 -43.81 7.79 -21.14
CA LEU Q 134 -42.50 8.29 -20.71
C LEU Q 134 -42.38 8.50 -19.21
N ARG Q 135 -43.47 8.29 -18.44
CA ARG Q 135 -43.46 8.42 -16.98
C ARG Q 135 -44.14 7.25 -16.30
N ALA Q 136 -43.96 6.05 -16.82
CA ALA Q 136 -44.50 4.83 -16.22
C ALA Q 136 -43.42 3.76 -16.22
N GLY Q 137 -42.94 3.37 -15.04
CA GLY Q 137 -41.92 2.35 -14.91
C GLY Q 137 -40.52 2.87 -14.66
N ILE Q 138 -40.30 4.18 -14.71
CA ILE Q 138 -38.99 4.76 -14.45
C ILE Q 138 -39.14 5.93 -13.49
N ILE Q 139 -38.03 6.29 -12.84
CA ILE Q 139 -38.02 7.45 -11.94
C ILE Q 139 -37.80 8.70 -12.76
N ASP Q 140 -38.77 9.60 -12.74
CA ASP Q 140 -38.76 10.80 -13.57
C ASP Q 140 -38.62 12.08 -12.74
N SER Q 141 -39.46 12.25 -11.72
CA SER Q 141 -39.39 13.43 -10.88
C SER Q 141 -38.18 13.35 -9.97
N LYS Q 142 -38.05 14.36 -9.10
CA LYS Q 142 -36.92 14.40 -8.18
C LYS Q 142 -37.27 13.79 -6.83
N GLU Q 143 -38.54 13.86 -6.43
CA GLU Q 143 -38.96 13.27 -5.17
C GLU Q 143 -38.67 11.78 -5.12
N ASP Q 144 -38.67 11.11 -6.28
CA ASP Q 144 -38.31 9.70 -6.33
C ASP Q 144 -36.86 9.49 -5.92
N VAL Q 145 -35.95 10.29 -6.47
CA VAL Q 145 -34.54 10.19 -6.08
C VAL Q 145 -34.39 10.53 -4.61
N ASP Q 146 -35.14 11.52 -4.14
CA ASP Q 146 -35.05 11.91 -2.73
C ASP Q 146 -35.46 10.77 -1.80
N VAL Q 147 -36.59 10.12 -2.08
CA VAL Q 147 -37.04 9.05 -1.22
C VAL Q 147 -36.13 7.84 -1.33
N LEU Q 148 -35.58 7.58 -2.53
CA LEU Q 148 -34.62 6.49 -2.67
C LEU Q 148 -33.39 6.74 -1.82
N LEU Q 149 -32.86 7.96 -1.86
CA LEU Q 149 -31.68 8.28 -1.06
C LEU Q 149 -31.97 8.19 0.43
N LEU Q 150 -33.15 8.68 0.85
CA LEU Q 150 -33.52 8.60 2.27
C LEU Q 150 -33.62 7.15 2.73
N SER Q 151 -34.28 6.31 1.93
CA SER Q 151 -34.44 4.90 2.27
C SER Q 151 -33.09 4.20 2.32
N TYR Q 152 -32.15 4.60 1.46
CA TYR Q 152 -30.80 4.10 1.59
C TYR Q 152 -30.16 4.55 2.90
N GLU Q 153 -30.37 5.82 3.26
CA GLU Q 153 -29.64 6.39 4.39
C GLU Q 153 -30.07 5.78 5.72
N LEU Q 154 -31.37 5.68 5.96
CA LEU Q 154 -31.82 5.10 7.23
C LEU Q 154 -32.25 3.65 7.13
N ASP Q 155 -32.11 3.02 5.96
CA ASP Q 155 -32.44 1.61 5.76
C ASP Q 155 -33.86 1.31 6.25
N ALA Q 156 -34.82 1.94 5.60
CA ALA Q 156 -36.22 1.89 6.00
C ALA Q 156 -37.04 1.10 4.99
N ILE Q 157 -38.29 0.83 5.36
CA ILE Q 157 -39.24 0.13 4.52
C ILE Q 157 -39.94 1.16 3.65
N LEU Q 158 -39.59 1.19 2.36
CA LEU Q 158 -40.16 2.17 1.45
C LEU Q 158 -41.59 1.80 1.11
N VAL Q 159 -42.50 2.77 1.26
CA VAL Q 159 -43.90 2.60 0.92
C VAL Q 159 -44.22 3.58 -0.20
N SER Q 160 -44.66 3.05 -1.34
CA SER Q 160 -44.99 3.89 -2.50
C SER Q 160 -45.83 3.09 -3.47
N GLY Q 161 -46.95 3.68 -3.90
CA GLY Q 161 -47.81 3.04 -4.88
C GLY Q 161 -47.36 3.19 -6.31
N ASP Q 162 -46.27 3.92 -6.55
CA ASP Q 162 -45.76 4.09 -7.90
C ASP Q 162 -45.01 2.85 -8.36
N GLU Q 163 -45.18 2.51 -9.63
CA GLU Q 163 -44.52 1.33 -10.18
C GLU Q 163 -43.04 1.59 -10.41
N GLY Q 164 -42.68 2.76 -10.96
CA GLY Q 164 -41.29 3.08 -11.19
C GLY Q 164 -40.47 3.15 -9.91
N LEU Q 165 -41.07 3.69 -8.83
CA LEU Q 165 -40.33 3.81 -7.58
C LEU Q 165 -40.08 2.44 -6.95
N ARG Q 166 -41.09 1.56 -6.97
CA ARG Q 166 -40.95 0.24 -6.38
C ARG Q 166 -40.07 -0.68 -7.23
N LYS Q 167 -39.75 -0.30 -8.46
CA LYS Q 167 -38.88 -1.11 -9.31
C LYS Q 167 -37.42 -0.70 -9.14
N TRP Q 168 -37.15 0.61 -9.05
CA TRP Q 168 -35.78 1.06 -8.88
C TRP Q 168 -35.26 0.79 -7.48
N ALA Q 169 -36.14 0.84 -6.47
CA ALA Q 169 -35.73 0.49 -5.12
C ALA Q 169 -35.35 -0.98 -5.01
N ASP Q 170 -36.07 -1.85 -5.72
CA ASP Q 170 -35.74 -3.27 -5.71
C ASP Q 170 -34.35 -3.52 -6.29
N ARG Q 171 -34.01 -2.82 -7.37
CA ARG Q 171 -32.68 -2.94 -7.94
C ARG Q 171 -31.61 -2.44 -6.98
N VAL Q 172 -31.88 -1.33 -6.29
CA VAL Q 172 -30.90 -0.78 -5.36
C VAL Q 172 -30.71 -1.72 -4.16
N GLY Q 173 -31.81 -2.21 -3.60
CA GLY Q 173 -31.73 -3.08 -2.44
C GLY Q 173 -32.45 -2.52 -1.22
N ILE Q 174 -33.49 -1.73 -1.45
CA ILE Q 174 -34.26 -1.11 -0.38
C ILE Q 174 -35.43 -2.02 -0.03
N LYS Q 175 -35.67 -2.19 1.27
CA LYS Q 175 -36.79 -3.01 1.73
C LYS Q 175 -38.10 -2.42 1.26
N LEU Q 176 -38.94 -3.25 0.65
CA LEU Q 176 -40.20 -2.81 0.07
C LEU Q 176 -41.37 -3.56 0.72
N ILE Q 177 -42.54 -2.93 0.66
CA ILE Q 177 -43.78 -3.50 1.18
C ILE Q 177 -44.91 -3.20 0.20
N ASP Q 178 -45.99 -3.96 0.34
CA ASP Q 178 -47.17 -3.75 -0.49
C ASP Q 178 -47.93 -2.52 0.00
N PRO Q 179 -48.13 -1.49 -0.84
CA PRO Q 179 -48.84 -0.30 -0.35
C PRO Q 179 -50.24 -0.59 0.16
N LYS Q 180 -50.99 -1.47 -0.52
CA LYS Q 180 -52.33 -1.82 -0.07
C LYS Q 180 -52.30 -2.54 1.28
N ASN Q 181 -51.16 -3.09 1.66
CA ASN Q 181 -51.00 -3.73 2.96
C ASN Q 181 -50.40 -2.79 4.00
N LEU Q 182 -50.29 -1.49 3.69
CA LEU Q 182 -49.67 -0.56 4.62
C LEU Q 182 -50.44 -0.46 5.92
N ARG Q 183 -51.77 -0.36 5.84
CA ARG Q 183 -52.58 -0.15 7.04
C ARG Q 183 -52.44 -1.30 8.03
N TYR Q 184 -52.60 -2.53 7.54
CA TYR Q 184 -52.69 -3.69 8.44
C TYR Q 184 -51.44 -3.81 9.30
N ILE Q 185 -50.26 -3.59 8.72
CA ILE Q 185 -49.02 -3.69 9.48
C ILE Q 185 -49.04 -2.73 10.67
N MET Q 186 -49.55 -1.51 10.45
CA MET Q 186 -49.55 -0.53 11.53
C MET Q 186 -50.56 -0.88 12.63
N GLU Q 187 -51.48 -1.80 12.35
CA GLU Q 187 -52.44 -2.21 13.38
C GLU Q 187 -51.87 -3.31 14.28
N ASN Q 188 -50.94 -4.11 13.77
CA ASN Q 188 -50.30 -5.18 14.54
C ASN Q 188 -48.82 -4.89 14.77
N LEU Q 189 -48.49 -3.62 15.03
CA LEU Q 189 -47.11 -3.24 15.34
C LEU Q 189 -47.05 -2.48 16.65
#